data_1OWX
#
_entry.id   1OWX
#
_entity_poly.entity_id   1
_entity_poly.type   'polypeptide(L)'
_entity_poly.pdbx_seq_one_letter_code
;MRGSHHHHHHGSLEEKIGCLLKFSGDLDDQTCREDLHILFSNHGEIKWIDFVRGAKEGIILFKEKAKEALGKAKDANNGN
LQLRNKEVTWEVLEGEVEKEALKKIIEDQQESLNKWKSKGR
;
_entity_poly.pdbx_strand_id   A
#
# COMPACT_ATOMS: atom_id res chain seq x y z
N HIS A 9 -12.52 26.32 20.72
CA HIS A 9 -11.57 26.05 19.60
C HIS A 9 -12.21 25.09 18.58
N HIS A 10 -12.34 23.84 18.93
CA HIS A 10 -12.96 22.87 17.99
C HIS A 10 -12.22 22.89 16.65
N GLY A 11 -11.01 22.40 16.61
CA GLY A 11 -10.24 22.39 15.34
C GLY A 11 -9.05 21.45 15.46
N SER A 12 -8.84 20.61 14.49
CA SER A 12 -7.69 19.65 14.55
C SER A 12 -6.61 20.07 13.55
N LEU A 13 -5.41 20.30 14.02
CA LEU A 13 -4.31 20.70 13.09
C LEU A 13 -3.04 19.95 13.44
N GLU A 14 -3.19 18.93 14.20
CA GLU A 14 -2.03 18.10 14.62
C GLU A 14 -1.24 17.64 13.38
N GLU A 15 -1.88 17.56 12.25
CA GLU A 15 -1.17 17.11 11.02
C GLU A 15 -0.73 15.65 11.17
N LYS A 16 -1.55 14.73 10.73
CA LYS A 16 -1.17 13.29 10.84
C LYS A 16 -1.62 12.54 9.59
N ILE A 17 -0.85 12.61 8.53
CA ILE A 17 -1.23 11.90 7.29
C ILE A 17 -0.66 10.50 7.26
N GLY A 18 -1.32 9.62 6.57
CA GLY A 18 -0.85 8.21 6.47
C GLY A 18 -1.69 7.47 5.43
N CYS A 19 -1.36 7.62 4.18
CA CYS A 19 -2.15 6.92 3.12
C CYS A 19 -1.39 5.70 2.59
N LEU A 20 -0.72 4.99 3.46
CA LEU A 20 0.03 3.78 3.00
C LEU A 20 -0.01 2.69 4.08
N LEU A 21 -0.41 1.50 3.72
CA LEU A 21 -0.47 0.40 4.73
C LEU A 21 0.37 -0.80 4.27
N LYS A 22 0.79 -1.64 5.18
CA LYS A 22 1.62 -2.81 4.76
C LYS A 22 1.05 -4.11 5.29
N PHE A 23 1.31 -5.18 4.60
CA PHE A 23 0.80 -6.50 5.05
C PHE A 23 1.95 -7.52 5.06
N SER A 24 1.85 -8.53 5.89
CA SER A 24 2.95 -9.54 5.97
C SER A 24 2.39 -10.92 6.32
N GLY A 25 3.00 -11.95 5.82
CA GLY A 25 2.51 -13.33 6.11
C GLY A 25 2.58 -14.17 4.84
N ASP A 26 1.57 -14.94 4.57
CA ASP A 26 1.58 -15.76 3.33
C ASP A 26 1.54 -14.86 2.10
N LEU A 27 2.62 -14.77 1.38
CA LEU A 27 2.63 -13.90 0.16
C LEU A 27 2.63 -14.74 -1.11
N ASP A 28 1.92 -14.31 -2.12
CA ASP A 28 1.87 -15.09 -3.39
C ASP A 28 2.98 -14.62 -4.34
N ASP A 29 3.33 -15.42 -5.30
CA ASP A 29 4.40 -15.01 -6.26
C ASP A 29 3.82 -14.84 -7.67
N GLN A 30 2.67 -15.39 -7.92
CA GLN A 30 2.06 -15.25 -9.28
C GLN A 30 0.93 -14.22 -9.26
N THR A 31 0.18 -14.17 -8.20
CA THR A 31 -0.95 -13.19 -8.11
C THR A 31 -0.52 -11.84 -8.70
N CYS A 32 -1.46 -11.05 -9.14
CA CYS A 32 -1.10 -9.72 -9.72
C CYS A 32 -1.75 -8.59 -8.91
N ARG A 33 -1.23 -7.40 -9.00
CA ARG A 33 -1.81 -6.26 -8.24
C ARG A 33 -3.20 -5.90 -8.79
N GLU A 34 -3.39 -6.08 -10.07
CA GLU A 34 -4.71 -5.73 -10.68
C GLU A 34 -5.84 -6.53 -10.03
N ASP A 35 -5.62 -7.77 -9.71
CA ASP A 35 -6.70 -8.59 -9.09
C ASP A 35 -6.98 -8.15 -7.66
N LEU A 36 -5.96 -7.98 -6.87
CA LEU A 36 -6.18 -7.55 -5.45
C LEU A 36 -6.58 -6.07 -5.40
N HIS A 37 -6.02 -5.25 -6.23
CA HIS A 37 -6.38 -3.80 -6.22
C HIS A 37 -7.88 -3.63 -6.49
N ILE A 38 -8.43 -4.45 -7.34
CA ILE A 38 -9.88 -4.35 -7.64
C ILE A 38 -10.71 -4.78 -6.44
N LEU A 39 -10.22 -5.72 -5.68
CA LEU A 39 -10.99 -6.22 -4.49
C LEU A 39 -11.17 -5.10 -3.45
N PHE A 40 -10.20 -4.23 -3.32
CA PHE A 40 -10.33 -3.14 -2.31
C PHE A 40 -11.25 -2.04 -2.82
N SER A 41 -11.76 -2.19 -4.02
CA SER A 41 -12.68 -1.15 -4.58
C SER A 41 -13.93 -1.02 -3.70
N ASN A 42 -14.83 -0.15 -4.05
CA ASN A 42 -16.07 0.02 -3.25
C ASN A 42 -15.71 0.19 -1.77
N HIS A 43 -14.56 0.72 -1.49
CA HIS A 43 -14.15 0.92 -0.06
C HIS A 43 -12.68 1.31 0.01
N GLY A 44 -12.24 2.02 -0.96
CA GLY A 44 -10.82 2.46 -1.02
C GLY A 44 -10.11 1.65 -2.09
N GLU A 45 -9.80 2.27 -3.20
CA GLU A 45 -9.10 1.51 -4.27
C GLU A 45 -7.59 1.65 -4.10
N ILE A 46 -6.85 0.66 -4.54
CA ILE A 46 -5.38 0.73 -4.39
C ILE A 46 -4.79 1.70 -5.41
N LYS A 47 -3.82 2.48 -5.01
CA LYS A 47 -3.19 3.44 -5.95
C LYS A 47 -1.86 2.87 -6.43
N TRP A 48 -1.18 2.15 -5.58
CA TRP A 48 0.13 1.57 -5.99
C TRP A 48 0.60 0.51 -5.00
N ILE A 49 1.32 -0.47 -5.48
CA ILE A 49 1.82 -1.55 -4.57
C ILE A 49 3.34 -1.72 -4.73
N ASP A 50 4.06 -1.68 -3.64
CA ASP A 50 5.54 -1.85 -3.74
C ASP A 50 5.99 -3.13 -3.03
N PHE A 51 6.45 -4.09 -3.78
CA PHE A 51 6.92 -5.36 -3.15
C PHE A 51 8.40 -5.59 -3.43
N VAL A 52 9.15 -5.99 -2.44
CA VAL A 52 10.61 -6.22 -2.66
C VAL A 52 10.86 -7.71 -2.93
N ARG A 53 11.53 -8.02 -4.00
CA ARG A 53 11.82 -9.44 -4.33
C ARG A 53 12.55 -10.12 -3.17
N GLY A 54 12.03 -11.22 -2.70
CA GLY A 54 12.69 -11.94 -1.57
C GLY A 54 12.24 -11.33 -0.24
N ALA A 55 11.23 -10.50 -0.27
CA ALA A 55 10.75 -9.88 1.00
C ALA A 55 9.74 -10.80 1.69
N LYS A 56 9.29 -10.44 2.86
CA LYS A 56 8.31 -11.30 3.58
C LYS A 56 6.97 -10.55 3.71
N GLU A 57 6.86 -9.41 3.07
CA GLU A 57 5.60 -8.63 3.14
C GLU A 57 5.56 -7.62 2.00
N GLY A 58 4.69 -6.65 2.06
CA GLY A 58 4.63 -5.64 0.97
C GLY A 58 3.75 -4.47 1.42
N ILE A 59 3.94 -3.32 0.84
CA ILE A 59 3.12 -2.15 1.23
C ILE A 59 2.29 -1.67 0.04
N ILE A 60 1.17 -1.05 0.29
CA ILE A 60 0.33 -0.56 -0.83
C ILE A 60 -0.36 0.75 -0.48
N LEU A 61 -0.06 1.81 -1.17
CA LEU A 61 -0.73 3.10 -0.86
C LEU A 61 -1.98 3.23 -1.71
N PHE A 62 -3.04 3.67 -1.13
CA PHE A 62 -4.32 3.79 -1.89
C PHE A 62 -4.49 5.16 -2.52
N LYS A 63 -5.47 5.27 -3.37
CA LYS A 63 -5.75 6.57 -4.03
C LYS A 63 -6.54 7.46 -3.08
N GLU A 64 -7.25 6.87 -2.14
CA GLU A 64 -8.05 7.69 -1.20
C GLU A 64 -7.49 7.58 0.22
N LYS A 65 -6.74 6.55 0.50
CA LYS A 65 -6.14 6.37 1.85
C LYS A 65 -6.00 4.88 2.17
N ALA A 66 -4.79 4.43 2.31
CA ALA A 66 -4.57 2.99 2.63
C ALA A 66 -5.14 2.67 4.01
N LYS A 67 -4.86 3.50 4.97
CA LYS A 67 -5.38 3.27 6.34
C LYS A 67 -6.91 3.23 6.33
N GLU A 68 -7.51 3.96 5.43
CA GLU A 68 -8.99 3.97 5.35
C GLU A 68 -9.50 2.69 4.72
N ALA A 69 -9.02 2.39 3.55
CA ALA A 69 -9.44 1.15 2.86
C ALA A 69 -8.86 -0.08 3.54
N LEU A 70 -7.69 0.04 4.11
CA LEU A 70 -7.06 -1.15 4.77
C LEU A 70 -7.69 -1.37 6.14
N GLY A 71 -7.82 -0.35 6.91
CA GLY A 71 -8.42 -0.50 8.26
C GLY A 71 -9.92 -0.73 8.10
N LYS A 72 -10.49 -0.18 7.07
CA LYS A 72 -11.96 -0.38 6.85
C LYS A 72 -12.20 -1.79 6.32
N ALA A 73 -11.41 -2.19 5.37
CA ALA A 73 -11.53 -3.55 4.79
C ALA A 73 -10.90 -4.55 5.74
N LYS A 74 -9.89 -4.11 6.43
CA LYS A 74 -9.22 -5.01 7.41
C LYS A 74 -10.18 -5.26 8.55
N ASP A 75 -10.96 -4.26 8.86
CA ASP A 75 -11.96 -4.39 9.97
C ASP A 75 -13.16 -5.20 9.51
N ALA A 76 -13.47 -5.14 8.25
CA ALA A 76 -14.64 -5.86 7.70
C ALA A 76 -14.78 -7.23 8.34
N ASN A 77 -13.71 -7.77 8.88
CA ASN A 77 -13.83 -9.12 9.49
C ASN A 77 -13.20 -9.17 10.88
N ASN A 78 -11.93 -9.42 10.95
CA ASN A 78 -11.25 -9.54 12.28
C ASN A 78 -10.54 -8.26 12.72
N GLY A 79 -9.97 -7.53 11.81
CA GLY A 79 -9.22 -6.30 12.19
C GLY A 79 -7.87 -6.33 11.50
N ASN A 80 -7.59 -7.44 10.86
CA ASN A 80 -6.32 -7.60 10.11
C ASN A 80 -6.69 -7.94 8.65
N LEU A 81 -6.29 -7.14 7.70
CA LEU A 81 -6.69 -7.46 6.30
C LEU A 81 -5.70 -8.41 5.66
N GLN A 82 -6.17 -9.39 4.94
CA GLN A 82 -5.23 -10.32 4.27
C GLN A 82 -5.03 -9.83 2.83
N LEU A 83 -3.92 -10.12 2.25
CA LEU A 83 -3.67 -9.66 0.86
C LEU A 83 -4.14 -10.73 -0.11
N ARG A 84 -4.87 -10.33 -1.12
CA ARG A 84 -5.40 -11.29 -2.10
C ARG A 84 -6.52 -12.11 -1.45
N ASN A 85 -7.05 -11.58 -0.40
CA ASN A 85 -8.14 -12.28 0.33
C ASN A 85 -7.68 -13.68 0.73
N LYS A 86 -6.59 -13.76 1.47
CA LYS A 86 -6.04 -15.08 1.92
C LYS A 86 -4.53 -15.13 1.64
N GLU A 87 -3.79 -14.22 2.19
CA GLU A 87 -2.32 -14.23 1.93
C GLU A 87 -1.56 -13.39 2.97
N VAL A 88 -1.64 -12.08 2.88
CA VAL A 88 -0.88 -11.24 3.87
C VAL A 88 -1.79 -10.28 4.64
N THR A 89 -1.58 -10.17 5.91
CA THR A 89 -2.42 -9.24 6.72
C THR A 89 -1.80 -7.83 6.70
N TRP A 90 -2.58 -6.81 6.46
CA TRP A 90 -1.99 -5.44 6.43
C TRP A 90 -2.45 -4.62 7.63
N GLU A 91 -1.57 -3.76 8.09
CA GLU A 91 -1.89 -2.86 9.24
C GLU A 91 -1.16 -1.53 9.04
N VAL A 92 -1.81 -0.43 9.30
CA VAL A 92 -1.13 0.89 9.08
C VAL A 92 -0.01 1.09 10.12
N LEU A 93 1.14 1.51 9.68
CA LEU A 93 2.27 1.74 10.62
C LEU A 93 2.04 3.02 11.44
N GLU A 94 3.08 3.55 12.02
CA GLU A 94 2.93 4.79 12.83
C GLU A 94 3.39 6.00 12.01
N GLY A 95 3.23 7.18 12.53
CA GLY A 95 3.67 8.39 11.78
C GLY A 95 5.12 8.24 11.34
N GLU A 96 5.97 7.77 12.21
CA GLU A 96 7.41 7.61 11.84
C GLU A 96 7.61 6.44 10.88
N VAL A 97 7.05 5.29 11.20
CA VAL A 97 7.22 4.10 10.31
C VAL A 97 6.35 4.22 9.06
N GLU A 98 5.17 4.76 9.20
CA GLU A 98 4.26 4.90 8.02
C GLU A 98 4.88 5.85 6.99
N LYS A 99 5.52 6.89 7.44
CA LYS A 99 6.14 7.86 6.49
C LYS A 99 7.38 7.24 5.84
N GLU A 100 8.21 6.62 6.62
CA GLU A 100 9.44 6.00 6.05
C GLU A 100 9.09 5.16 4.82
N ALA A 101 8.02 4.42 4.88
CA ALA A 101 7.61 3.57 3.73
C ALA A 101 6.96 4.44 2.65
N LEU A 102 6.22 5.43 3.05
CA LEU A 102 5.54 6.32 2.07
C LEU A 102 6.57 6.94 1.13
N LYS A 103 7.67 7.40 1.66
CA LYS A 103 8.72 8.02 0.78
C LYS A 103 9.34 6.96 -0.12
N LYS A 104 9.68 5.83 0.44
CA LYS A 104 10.30 4.74 -0.39
C LYS A 104 9.34 4.34 -1.52
N ILE A 105 8.07 4.30 -1.24
CA ILE A 105 7.09 3.91 -2.30
C ILE A 105 7.15 4.89 -3.47
N ILE A 106 7.39 6.15 -3.20
CA ILE A 106 7.44 7.15 -4.31
C ILE A 106 8.72 6.95 -5.13
N GLU A 107 9.83 6.83 -4.48
CA GLU A 107 11.11 6.63 -5.22
C GLU A 107 11.06 5.33 -6.04
N ASP A 108 10.34 4.36 -5.57
CA ASP A 108 10.25 3.07 -6.31
C ASP A 108 9.42 3.23 -7.59
N GLN A 109 8.32 3.92 -7.49
CA GLN A 109 7.45 4.12 -8.69
C GLN A 109 8.08 5.13 -9.65
N GLN A 110 8.76 6.11 -9.12
CA GLN A 110 9.40 7.14 -9.99
C GLN A 110 10.42 6.47 -10.93
N GLU A 111 11.05 5.43 -10.48
CA GLU A 111 12.05 4.72 -11.34
C GLU A 111 11.35 3.69 -12.22
N SER A 112 10.21 3.21 -11.81
CA SER A 112 9.49 2.20 -12.62
C SER A 112 8.78 2.87 -13.80
N LEU A 113 8.41 4.12 -13.65
CA LEU A 113 7.72 4.83 -14.76
C LEU A 113 8.74 5.41 -15.73
N ASN A 114 9.87 5.85 -15.23
CA ASN A 114 10.91 6.43 -16.13
C ASN A 114 10.32 7.60 -16.92
N LYS A 115 11.16 8.49 -17.39
CA LYS A 115 10.65 9.66 -18.17
C LYS A 115 11.51 9.86 -19.43
N TRP A 116 10.88 10.11 -20.54
CA TRP A 116 11.66 10.32 -21.80
C TRP A 116 11.40 11.71 -22.37
N LYS A 117 12.38 12.58 -22.32
CA LYS A 117 12.18 13.96 -22.86
C LYS A 117 13.52 14.67 -22.98
N SER A 118 14.13 15.01 -21.88
CA SER A 118 15.45 15.71 -21.93
C SER A 118 15.30 17.05 -22.63
N LYS A 119 14.08 17.51 -22.81
CA LYS A 119 13.88 18.83 -23.48
C LYS A 119 14.08 19.98 -22.49
N GLY A 120 13.67 19.80 -21.27
CA GLY A 120 13.85 20.88 -20.26
C GLY A 120 12.65 20.90 -19.31
N ARG A 121 11.91 21.97 -19.29
CA ARG A 121 10.73 22.04 -18.37
C ARG A 121 11.15 21.76 -16.93
N HIS A 9 3.62 23.46 15.67
CA HIS A 9 2.49 23.28 14.72
C HIS A 9 1.54 24.47 14.80
N HIS A 10 0.36 24.36 14.25
CA HIS A 10 -0.60 25.49 14.29
C HIS A 10 -1.88 25.07 15.02
N GLY A 11 -2.82 24.52 14.31
CA GLY A 11 -4.09 24.09 14.96
C GLY A 11 -4.30 22.59 14.72
N SER A 12 -4.86 21.90 15.69
CA SER A 12 -5.09 20.44 15.51
C SER A 12 -6.58 20.17 15.25
N LEU A 13 -6.87 19.35 14.28
CA LEU A 13 -8.29 19.04 13.98
C LEU A 13 -8.50 17.54 13.89
N GLU A 14 -8.99 17.10 12.79
CA GLU A 14 -9.26 15.65 12.58
C GLU A 14 -8.00 14.82 12.87
N GLU A 15 -6.88 15.23 12.34
CA GLU A 15 -5.62 14.48 12.58
C GLU A 15 -5.83 12.99 12.27
N LYS A 16 -5.76 12.63 11.02
CA LYS A 16 -5.96 11.19 10.65
C LYS A 16 -5.11 10.84 9.42
N ILE A 17 -3.82 10.73 9.59
CA ILE A 17 -2.95 10.39 8.43
C ILE A 17 -2.76 8.88 8.33
N GLY A 18 -2.53 8.41 7.14
CA GLY A 18 -2.33 6.95 6.92
C GLY A 18 -2.65 6.60 5.47
N CYS A 19 -1.92 7.15 4.54
CA CYS A 19 -2.18 6.86 3.10
C CYS A 19 -1.35 5.65 2.66
N LEU A 20 -0.67 5.01 3.56
CA LEU A 20 0.16 3.83 3.18
C LEU A 20 -0.05 2.69 4.19
N LEU A 21 -0.43 1.54 3.72
CA LEU A 21 -0.65 0.39 4.66
C LEU A 21 0.23 -0.80 4.25
N LYS A 22 0.63 -1.62 5.20
CA LYS A 22 1.50 -2.78 4.84
C LYS A 22 0.93 -4.07 5.40
N PHE A 23 1.23 -5.16 4.76
CA PHE A 23 0.72 -6.47 5.24
C PHE A 23 1.86 -7.49 5.29
N SER A 24 1.76 -8.47 6.16
CA SER A 24 2.85 -9.48 6.27
C SER A 24 2.27 -10.87 6.55
N GLY A 25 2.94 -11.90 6.11
CA GLY A 25 2.44 -13.28 6.33
C GLY A 25 2.69 -14.11 5.08
N ASP A 26 1.74 -14.91 4.67
CA ASP A 26 1.92 -15.75 3.45
C ASP A 26 1.89 -14.87 2.21
N LEU A 27 3.04 -14.57 1.64
CA LEU A 27 3.06 -13.70 0.43
C LEU A 27 3.03 -14.56 -0.84
N ASP A 28 2.16 -14.23 -1.77
CA ASP A 28 2.08 -15.02 -3.03
C ASP A 28 3.01 -14.43 -4.08
N ASP A 29 3.36 -15.20 -5.08
CA ASP A 29 4.28 -14.67 -6.14
C ASP A 29 3.59 -14.70 -7.51
N GLN A 30 2.53 -15.46 -7.63
CA GLN A 30 1.82 -15.53 -8.94
C GLN A 30 0.64 -14.53 -8.97
N THR A 31 -0.07 -14.42 -7.88
CA THR A 31 -1.23 -13.47 -7.85
C THR A 31 -0.86 -12.16 -8.56
N CYS A 32 -1.84 -11.42 -9.01
CA CYS A 32 -1.54 -10.13 -9.70
C CYS A 32 -2.19 -8.97 -8.95
N ARG A 33 -1.70 -7.77 -9.17
CA ARG A 33 -2.28 -6.58 -8.47
C ARG A 33 -3.69 -6.30 -8.99
N GLU A 34 -3.93 -6.58 -10.24
CA GLU A 34 -5.29 -6.31 -10.82
C GLU A 34 -6.37 -7.06 -10.04
N ASP A 35 -6.16 -8.31 -9.72
CA ASP A 35 -7.20 -9.07 -8.98
C ASP A 35 -7.31 -8.58 -7.54
N LEU A 36 -6.21 -8.45 -6.87
CA LEU A 36 -6.26 -7.99 -5.45
C LEU A 36 -6.61 -6.49 -5.38
N HIS A 37 -6.13 -5.71 -6.30
CA HIS A 37 -6.43 -4.25 -6.28
C HIS A 37 -7.95 -4.03 -6.37
N ILE A 38 -8.63 -4.83 -7.13
CA ILE A 38 -10.11 -4.67 -7.26
C ILE A 38 -10.80 -5.07 -5.96
N LEU A 39 -10.27 -6.02 -5.25
CA LEU A 39 -10.91 -6.46 -3.98
C LEU A 39 -10.91 -5.34 -2.93
N PHE A 40 -9.91 -4.51 -2.93
CA PHE A 40 -9.87 -3.41 -1.91
C PHE A 40 -10.87 -2.31 -2.27
N SER A 41 -11.62 -2.49 -3.34
CA SER A 41 -12.61 -1.46 -3.74
C SER A 41 -13.79 -1.44 -2.76
N ASN A 42 -13.53 -1.18 -1.50
CA ASN A 42 -14.63 -1.16 -0.50
C ASN A 42 -14.78 0.25 0.09
N HIS A 43 -13.72 1.01 0.12
CA HIS A 43 -13.81 2.38 0.67
C HIS A 43 -12.76 3.27 0.02
N GLY A 44 -12.45 2.98 -1.19
CA GLY A 44 -11.45 3.77 -1.95
C GLY A 44 -10.91 2.89 -3.08
N GLU A 45 -9.67 2.50 -2.99
CA GLU A 45 -9.06 1.63 -4.04
C GLU A 45 -7.54 1.67 -3.92
N ILE A 46 -6.88 0.66 -4.38
CA ILE A 46 -5.39 0.64 -4.30
C ILE A 46 -4.81 1.61 -5.31
N LYS A 47 -3.89 2.44 -4.88
CA LYS A 47 -3.26 3.41 -5.82
C LYS A 47 -1.95 2.83 -6.34
N TRP A 48 -1.26 2.08 -5.52
CA TRP A 48 0.03 1.49 -5.98
C TRP A 48 0.53 0.44 -4.98
N ILE A 49 1.27 -0.53 -5.47
CA ILE A 49 1.78 -1.60 -4.55
C ILE A 49 3.30 -1.78 -4.71
N ASP A 50 4.03 -1.69 -3.64
CA ASP A 50 5.51 -1.87 -3.74
C ASP A 50 5.95 -3.11 -2.96
N PHE A 51 6.50 -4.07 -3.64
CA PHE A 51 6.95 -5.30 -2.95
C PHE A 51 8.47 -5.48 -3.11
N VAL A 52 9.15 -5.83 -2.06
CA VAL A 52 10.62 -6.02 -2.16
C VAL A 52 10.93 -7.51 -2.37
N ARG A 53 11.73 -7.82 -3.37
CA ARG A 53 12.06 -9.25 -3.63
C ARG A 53 12.63 -9.92 -2.37
N GLY A 54 12.08 -11.03 -1.99
CA GLY A 54 12.59 -11.74 -0.78
C GLY A 54 12.15 -10.99 0.48
N ALA A 55 11.22 -10.08 0.35
CA ALA A 55 10.76 -9.32 1.55
C ALA A 55 9.83 -10.21 2.40
N LYS A 56 9.64 -9.85 3.64
CA LYS A 56 8.74 -10.65 4.52
C LYS A 56 7.32 -10.07 4.49
N GLU A 57 7.13 -9.02 3.75
CA GLU A 57 5.77 -8.40 3.69
C GLU A 57 5.65 -7.55 2.42
N GLY A 58 4.65 -6.70 2.36
CA GLY A 58 4.47 -5.85 1.15
C GLY A 58 3.71 -4.58 1.55
N ILE A 59 3.85 -3.53 0.81
CA ILE A 59 3.13 -2.27 1.16
C ILE A 59 2.28 -1.79 -0.01
N ILE A 60 1.17 -1.17 0.27
CA ILE A 60 0.31 -0.67 -0.84
C ILE A 60 -0.39 0.64 -0.44
N LEU A 61 -0.09 1.72 -1.12
CA LEU A 61 -0.76 3.01 -0.78
C LEU A 61 -2.00 3.15 -1.63
N PHE A 62 -3.08 3.59 -1.04
CA PHE A 62 -4.35 3.71 -1.81
C PHE A 62 -4.47 5.07 -2.48
N LYS A 63 -5.43 5.21 -3.35
CA LYS A 63 -5.65 6.50 -4.04
C LYS A 63 -6.42 7.42 -3.12
N GLU A 64 -7.16 6.87 -2.19
CA GLU A 64 -7.94 7.74 -1.26
C GLU A 64 -7.39 7.66 0.16
N LYS A 65 -6.65 6.63 0.44
CA LYS A 65 -6.05 6.45 1.80
C LYS A 65 -5.90 4.97 2.10
N ALA A 66 -4.71 4.51 2.27
CA ALA A 66 -4.49 3.08 2.58
C ALA A 66 -5.09 2.76 3.95
N LYS A 67 -4.83 3.59 4.91
CA LYS A 67 -5.38 3.35 6.28
C LYS A 67 -6.91 3.33 6.25
N GLU A 68 -7.49 4.08 5.36
CA GLU A 68 -8.98 4.11 5.26
C GLU A 68 -9.49 2.83 4.62
N ALA A 69 -8.99 2.53 3.46
CA ALA A 69 -9.42 1.29 2.76
C ALA A 69 -8.85 0.07 3.46
N LEU A 70 -7.68 0.19 4.04
CA LEU A 70 -7.08 -1.00 4.72
C LEU A 70 -7.75 -1.21 6.08
N GLY A 71 -7.88 -0.19 6.85
CA GLY A 71 -8.54 -0.33 8.17
C GLY A 71 -10.02 -0.61 7.96
N LYS A 72 -10.57 -0.10 6.90
CA LYS A 72 -12.01 -0.34 6.61
C LYS A 72 -12.20 -1.77 6.08
N ALA A 73 -11.37 -2.15 5.16
CA ALA A 73 -11.44 -3.51 4.57
C ALA A 73 -10.82 -4.50 5.54
N LYS A 74 -9.83 -4.04 6.26
CA LYS A 74 -9.17 -4.92 7.25
C LYS A 74 -10.17 -5.17 8.37
N ASP A 75 -10.94 -4.16 8.68
CA ASP A 75 -11.97 -4.27 9.75
C ASP A 75 -13.20 -5.00 9.23
N ALA A 76 -13.49 -4.84 7.97
CA ALA A 76 -14.70 -5.48 7.36
C ALA A 76 -14.89 -6.89 7.90
N ASN A 77 -13.87 -7.51 8.41
CA ASN A 77 -14.04 -8.89 8.92
C ASN A 77 -13.55 -9.02 10.36
N ASN A 78 -12.29 -9.29 10.52
CA ASN A 78 -11.73 -9.48 11.90
C ASN A 78 -11.06 -8.22 12.46
N GLY A 79 -10.46 -7.43 11.61
CA GLY A 79 -9.76 -6.22 12.12
C GLY A 79 -8.40 -6.16 11.42
N ASN A 80 -8.06 -7.24 10.78
CA ASN A 80 -6.77 -7.31 10.02
C ASN A 80 -7.11 -7.64 8.56
N LEU A 81 -6.36 -7.14 7.61
CA LEU A 81 -6.73 -7.45 6.20
C LEU A 81 -5.70 -8.39 5.58
N GLN A 82 -6.13 -9.37 4.85
CA GLN A 82 -5.14 -10.27 4.20
C GLN A 82 -4.96 -9.80 2.77
N LEU A 83 -3.83 -10.08 2.20
CA LEU A 83 -3.58 -9.63 0.80
C LEU A 83 -4.00 -10.72 -0.16
N ARG A 84 -4.66 -10.33 -1.21
CA ARG A 84 -5.15 -11.32 -2.20
C ARG A 84 -6.18 -12.21 -1.55
N ASN A 85 -6.74 -11.76 -0.48
CA ASN A 85 -7.76 -12.56 0.23
C ASN A 85 -7.20 -13.94 0.56
N LYS A 86 -6.08 -13.99 1.24
CA LYS A 86 -5.43 -15.29 1.60
C LYS A 86 -3.92 -15.18 1.38
N GLU A 87 -3.30 -14.12 1.84
CA GLU A 87 -1.84 -13.97 1.62
C GLU A 87 -1.19 -13.15 2.74
N VAL A 88 -1.45 -11.87 2.80
CA VAL A 88 -0.78 -11.05 3.87
C VAL A 88 -1.75 -10.13 4.61
N THR A 89 -1.64 -10.06 5.91
CA THR A 89 -2.53 -9.16 6.69
C THR A 89 -1.93 -7.74 6.71
N TRP A 90 -2.71 -6.71 6.45
CA TRP A 90 -2.13 -5.33 6.46
C TRP A 90 -2.63 -4.51 7.65
N GLU A 91 -1.77 -3.65 8.13
CA GLU A 91 -2.11 -2.76 9.26
C GLU A 91 -1.36 -1.43 9.06
N VAL A 92 -1.98 -0.32 9.33
CA VAL A 92 -1.26 0.98 9.11
C VAL A 92 -0.10 1.12 10.10
N LEU A 93 1.05 1.51 9.62
CA LEU A 93 2.22 1.67 10.52
C LEU A 93 2.07 2.93 11.38
N GLU A 94 3.13 3.36 12.01
CA GLU A 94 3.05 4.58 12.87
C GLU A 94 3.61 5.78 12.11
N GLY A 95 3.55 6.95 12.69
CA GLY A 95 4.08 8.16 11.99
C GLY A 95 5.54 7.91 11.58
N GLU A 96 6.32 7.31 12.44
CA GLU A 96 7.75 7.07 12.09
C GLU A 96 7.87 5.95 11.05
N VAL A 97 7.22 4.84 11.28
CA VAL A 97 7.31 3.70 10.30
C VAL A 97 6.47 4.00 9.06
N GLU A 98 5.34 4.63 9.23
CA GLU A 98 4.47 4.94 8.07
C GLU A 98 5.20 5.87 7.09
N LYS A 99 5.98 6.77 7.60
CA LYS A 99 6.70 7.72 6.70
C LYS A 99 7.79 6.97 5.92
N GLU A 100 8.55 6.17 6.60
CA GLU A 100 9.63 5.40 5.91
C GLU A 100 9.07 4.75 4.64
N ALA A 101 7.84 4.30 4.69
CA ALA A 101 7.23 3.67 3.49
C ALA A 101 6.81 4.74 2.49
N LEU A 102 6.35 5.86 2.97
CA LEU A 102 5.91 6.95 2.06
C LEU A 102 7.06 7.37 1.15
N LYS A 103 8.25 7.46 1.67
CA LYS A 103 9.41 7.88 0.82
C LYS A 103 9.78 6.74 -0.13
N LYS A 104 9.86 5.54 0.38
CA LYS A 104 10.22 4.38 -0.48
C LYS A 104 9.20 4.20 -1.61
N ILE A 105 7.95 4.41 -1.32
CA ILE A 105 6.90 4.24 -2.38
C ILE A 105 7.03 5.33 -3.45
N ILE A 106 7.49 6.49 -3.06
CA ILE A 106 7.64 7.59 -4.07
C ILE A 106 8.80 7.30 -5.02
N GLU A 107 9.94 6.99 -4.48
CA GLU A 107 11.13 6.69 -5.35
C GLU A 107 10.80 5.58 -6.34
N ASP A 108 9.92 4.69 -5.96
CA ASP A 108 9.55 3.57 -6.89
C ASP A 108 8.75 4.11 -8.08
N GLN A 109 7.88 5.05 -7.83
CA GLN A 109 7.06 5.61 -8.93
C GLN A 109 7.95 6.42 -9.89
N GLN A 110 8.73 7.31 -9.36
CA GLN A 110 9.62 8.13 -10.23
C GLN A 110 10.60 7.22 -10.98
N GLU A 111 10.92 6.09 -10.42
CA GLU A 111 11.87 5.16 -11.10
C GLU A 111 11.28 4.65 -12.41
N SER A 112 9.98 4.71 -12.54
CA SER A 112 9.33 4.23 -13.80
C SER A 112 9.81 5.07 -14.99
N LEU A 113 10.42 6.19 -14.72
CA LEU A 113 10.90 7.06 -15.84
C LEU A 113 12.06 6.37 -16.57
N ASN A 114 12.76 5.48 -15.92
CA ASN A 114 13.88 4.78 -16.58
C ASN A 114 13.40 3.50 -17.26
N LYS A 115 13.96 3.15 -18.39
CA LYS A 115 13.52 1.92 -19.09
C LYS A 115 14.72 1.26 -19.79
N TRP A 116 15.83 1.15 -19.12
CA TRP A 116 17.03 0.52 -19.75
C TRP A 116 18.02 0.08 -18.68
N LYS A 117 17.74 -1.00 -18.01
CA LYS A 117 18.67 -1.48 -16.94
C LYS A 117 18.50 -2.99 -16.74
N SER A 118 17.32 -3.42 -16.41
CA SER A 118 17.09 -4.88 -16.19
C SER A 118 17.96 -5.39 -15.04
N LYS A 119 17.73 -6.59 -14.59
CA LYS A 119 18.55 -7.15 -13.48
C LYS A 119 19.07 -8.54 -13.84
N GLY A 120 18.26 -9.33 -14.49
CA GLY A 120 18.72 -10.70 -14.88
C GLY A 120 17.79 -11.26 -15.95
N ARG A 121 18.15 -11.08 -17.20
CA ARG A 121 17.28 -11.61 -18.31
C ARG A 121 18.03 -11.56 -19.64
N HIS A 9 9.21 20.32 7.30
CA HIS A 9 9.43 20.13 8.77
C HIS A 9 9.10 21.42 9.52
N HIS A 10 8.63 22.42 8.82
CA HIS A 10 8.29 23.70 9.51
C HIS A 10 7.20 24.43 8.73
N GLY A 11 6.32 25.12 9.42
CA GLY A 11 5.23 25.87 8.71
C GLY A 11 3.93 25.08 8.83
N SER A 12 3.10 25.12 7.82
CA SER A 12 1.80 24.39 7.88
C SER A 12 2.06 22.88 7.78
N LEU A 13 1.15 22.08 8.29
CA LEU A 13 1.32 20.60 8.23
C LEU A 13 0.33 19.94 9.18
N GLU A 14 -0.58 19.21 8.63
CA GLU A 14 -1.59 18.51 9.48
C GLU A 14 -0.90 17.57 10.46
N GLU A 15 0.35 17.27 10.24
CA GLU A 15 1.08 16.35 11.17
C GLU A 15 0.25 15.09 11.42
N LYS A 16 -0.20 14.45 10.38
CA LYS A 16 -1.01 13.21 10.56
C LYS A 16 -1.15 12.47 9.23
N ILE A 17 -0.08 11.91 8.74
CA ILE A 17 -0.15 11.17 7.44
C ILE A 17 -0.36 9.69 7.68
N GLY A 18 -0.97 9.03 6.74
CA GLY A 18 -1.23 7.57 6.88
C GLY A 18 -1.94 7.07 5.62
N CYS A 19 -1.33 7.23 4.48
CA CYS A 19 -1.97 6.75 3.22
C CYS A 19 -1.26 5.49 2.72
N LEU A 20 -0.56 4.80 3.57
CA LEU A 20 0.15 3.57 3.14
C LEU A 20 -0.05 2.44 4.17
N LEU A 21 -0.42 1.28 3.73
CA LEU A 21 -0.62 0.15 4.69
C LEU A 21 0.25 -1.05 4.31
N LYS A 22 0.72 -1.79 5.27
CA LYS A 22 1.57 -2.97 4.94
C LYS A 22 0.95 -4.25 5.49
N PHE A 23 1.24 -5.34 4.86
CA PHE A 23 0.66 -6.64 5.32
C PHE A 23 1.75 -7.71 5.43
N SER A 24 1.56 -8.69 6.27
CA SER A 24 2.59 -9.75 6.44
C SER A 24 1.93 -11.08 6.84
N GLY A 25 2.51 -12.18 6.42
CA GLY A 25 1.91 -13.50 6.77
C GLY A 25 2.04 -14.45 5.57
N ASP A 26 1.02 -15.21 5.28
CA ASP A 26 1.09 -16.15 4.13
C ASP A 26 1.07 -15.37 2.81
N LEU A 27 2.22 -15.12 2.24
CA LEU A 27 2.26 -14.37 0.96
C LEU A 27 1.99 -15.30 -0.22
N ASP A 28 1.16 -14.87 -1.15
CA ASP A 28 0.85 -15.73 -2.32
C ASP A 28 1.84 -15.44 -3.46
N ASP A 29 1.97 -16.35 -4.39
CA ASP A 29 2.92 -16.13 -5.53
C ASP A 29 2.16 -16.06 -6.85
N GLN A 30 1.00 -16.68 -6.93
CA GLN A 30 0.24 -16.64 -8.20
C GLN A 30 -0.67 -15.41 -8.23
N THR A 31 -1.12 -14.95 -7.10
CA THR A 31 -2.01 -13.75 -7.07
C THR A 31 -1.55 -12.73 -8.11
N CYS A 32 -2.47 -11.97 -8.66
CA CYS A 32 -2.07 -10.95 -9.68
C CYS A 32 -2.20 -9.54 -9.11
N ARG A 33 -1.51 -8.60 -9.69
CA ARG A 33 -1.58 -7.20 -9.17
C ARG A 33 -2.96 -6.59 -9.45
N GLU A 34 -3.50 -6.83 -10.61
CA GLU A 34 -4.84 -6.26 -10.96
C GLU A 34 -5.97 -6.93 -10.18
N ASP A 35 -5.90 -8.22 -9.97
CA ASP A 35 -7.00 -8.92 -9.24
C ASP A 35 -7.17 -8.37 -7.83
N LEU A 36 -6.11 -8.22 -7.11
CA LEU A 36 -6.22 -7.68 -5.73
C LEU A 36 -6.54 -6.18 -5.76
N HIS A 37 -5.97 -5.47 -6.70
CA HIS A 37 -6.24 -4.01 -6.80
C HIS A 37 -7.74 -3.74 -6.96
N ILE A 38 -8.42 -4.56 -7.71
CA ILE A 38 -9.87 -4.35 -7.91
C ILE A 38 -10.64 -4.66 -6.62
N LEU A 39 -10.17 -5.60 -5.84
CA LEU A 39 -10.89 -5.96 -4.59
C LEU A 39 -10.88 -4.80 -3.59
N PHE A 40 -9.82 -4.03 -3.54
CA PHE A 40 -9.77 -2.90 -2.57
C PHE A 40 -10.57 -1.71 -3.13
N SER A 41 -11.04 -1.81 -4.33
CA SER A 41 -11.83 -0.69 -4.92
C SER A 41 -13.16 -0.53 -4.17
N ASN A 42 -13.09 -0.28 -2.89
CA ASN A 42 -14.36 -0.12 -2.10
C ASN A 42 -14.41 1.28 -1.47
N HIS A 43 -13.26 1.86 -1.22
CA HIS A 43 -13.24 3.22 -0.60
C HIS A 43 -12.11 4.05 -1.19
N GLY A 44 -11.73 3.73 -2.37
CA GLY A 44 -10.63 4.47 -3.04
C GLY A 44 -9.83 3.50 -3.92
N GLU A 45 -9.70 2.28 -3.47
CA GLU A 45 -8.94 1.26 -4.26
C GLU A 45 -7.43 1.43 -4.02
N ILE A 46 -6.65 0.48 -4.43
CA ILE A 46 -5.18 0.59 -4.23
C ILE A 46 -4.56 1.61 -5.19
N LYS A 47 -3.56 2.30 -4.75
CA LYS A 47 -2.89 3.29 -5.65
C LYS A 47 -1.56 2.70 -6.13
N TRP A 48 -0.92 1.94 -5.29
CA TRP A 48 0.38 1.32 -5.71
C TRP A 48 0.83 0.25 -4.71
N ILE A 49 1.48 -0.78 -5.21
CA ILE A 49 1.94 -1.87 -4.30
C ILE A 49 3.46 -2.06 -4.43
N ASP A 50 4.18 -1.91 -3.35
CA ASP A 50 5.66 -2.08 -3.43
C ASP A 50 6.11 -3.29 -2.60
N PHE A 51 6.65 -4.29 -3.26
CA PHE A 51 7.11 -5.50 -2.52
C PHE A 51 8.62 -5.68 -2.71
N VAL A 52 9.33 -5.98 -1.66
CA VAL A 52 10.81 -6.18 -1.78
C VAL A 52 11.13 -7.66 -1.94
N ARG A 53 11.86 -8.01 -2.97
CA ARG A 53 12.22 -9.45 -3.18
C ARG A 53 13.09 -9.96 -2.03
N GLY A 54 12.68 -11.02 -1.39
CA GLY A 54 13.49 -11.56 -0.27
C GLY A 54 12.85 -11.17 1.06
N ALA A 55 11.74 -10.49 1.01
CA ALA A 55 11.07 -10.07 2.28
C ALA A 55 9.95 -11.06 2.64
N LYS A 56 9.15 -10.75 3.61
CA LYS A 56 8.05 -11.66 4.01
C LYS A 56 6.73 -10.89 4.07
N GLU A 57 6.71 -9.71 3.52
CA GLU A 57 5.47 -8.89 3.54
C GLU A 57 5.47 -7.92 2.37
N GLY A 58 4.68 -6.89 2.43
CA GLY A 58 4.65 -5.90 1.32
C GLY A 58 3.83 -4.68 1.74
N ILE A 59 4.03 -3.57 1.08
CA ILE A 59 3.25 -2.35 1.45
C ILE A 59 2.38 -1.92 0.28
N ILE A 60 1.29 -1.26 0.55
CA ILE A 60 0.41 -0.81 -0.57
C ILE A 60 -0.24 0.54 -0.25
N LEU A 61 0.06 1.55 -1.00
CA LEU A 61 -0.56 2.88 -0.76
C LEU A 61 -1.81 3.00 -1.61
N PHE A 62 -2.87 3.50 -1.06
CA PHE A 62 -4.13 3.61 -1.84
C PHE A 62 -4.25 4.96 -2.54
N LYS A 63 -5.20 5.09 -3.42
CA LYS A 63 -5.40 6.36 -4.13
C LYS A 63 -6.06 7.39 -3.22
N GLU A 64 -6.82 6.93 -2.26
CA GLU A 64 -7.50 7.90 -1.34
C GLU A 64 -6.97 7.77 0.08
N LYS A 65 -6.37 6.65 0.37
CA LYS A 65 -5.79 6.41 1.74
C LYS A 65 -5.81 4.92 2.06
N ALA A 66 -4.66 4.35 2.19
CA ALA A 66 -4.58 2.90 2.49
C ALA A 66 -5.17 2.59 3.86
N LYS A 67 -4.86 3.41 4.83
CA LYS A 67 -5.39 3.18 6.21
C LYS A 67 -6.93 3.16 6.24
N GLU A 68 -7.56 3.93 5.38
CA GLU A 68 -9.04 3.96 5.35
C GLU A 68 -9.57 2.70 4.68
N ALA A 69 -9.07 2.42 3.53
CA ALA A 69 -9.50 1.20 2.79
C ALA A 69 -8.96 -0.05 3.48
N LEU A 70 -7.81 0.06 4.09
CA LEU A 70 -7.22 -1.14 4.77
C LEU A 70 -7.93 -1.41 6.09
N GLY A 71 -8.08 -0.39 6.88
CA GLY A 71 -8.77 -0.56 8.19
C GLY A 71 -10.24 -0.88 7.93
N LYS A 72 -10.77 -0.38 6.84
CA LYS A 72 -12.20 -0.66 6.52
C LYS A 72 -12.34 -2.10 6.01
N ALA A 73 -11.50 -2.47 5.10
CA ALA A 73 -11.53 -3.85 4.53
C ALA A 73 -10.88 -4.80 5.51
N LYS A 74 -9.91 -4.34 6.24
CA LYS A 74 -9.26 -5.22 7.24
C LYS A 74 -10.26 -5.50 8.34
N ASP A 75 -11.09 -4.52 8.60
CA ASP A 75 -12.11 -4.68 9.68
C ASP A 75 -13.25 -5.56 9.20
N ALA A 76 -13.44 -5.64 7.91
CA ALA A 76 -14.53 -6.45 7.34
C ALA A 76 -14.62 -7.81 8.03
N ASN A 77 -13.56 -8.25 8.66
CA ASN A 77 -13.63 -9.59 9.30
C ASN A 77 -13.11 -9.57 10.74
N ASN A 78 -11.82 -9.69 10.91
CA ASN A 78 -11.25 -9.75 12.30
C ASN A 78 -10.72 -8.40 12.79
N GLY A 79 -10.15 -7.62 11.93
CA GLY A 79 -9.58 -6.32 12.39
C GLY A 79 -8.31 -6.05 11.60
N ASN A 80 -7.85 -7.06 10.91
CA ASN A 80 -6.63 -6.93 10.06
C ASN A 80 -7.03 -7.33 8.63
N LEU A 81 -6.41 -6.78 7.62
CA LEU A 81 -6.83 -7.17 6.23
C LEU A 81 -5.87 -8.20 5.67
N GLN A 82 -6.39 -9.20 5.02
CA GLN A 82 -5.49 -10.21 4.41
C GLN A 82 -5.23 -9.79 2.96
N LEU A 83 -4.14 -10.18 2.40
CA LEU A 83 -3.82 -9.79 1.00
C LEU A 83 -4.37 -10.84 0.06
N ARG A 84 -5.00 -10.41 -0.99
CA ARG A 84 -5.61 -11.34 -1.96
C ARG A 84 -6.72 -12.11 -1.28
N ASN A 85 -7.19 -11.58 -0.20
CA ASN A 85 -8.27 -12.24 0.55
C ASN A 85 -7.85 -13.67 0.94
N LYS A 86 -6.73 -13.80 1.64
CA LYS A 86 -6.25 -15.15 2.08
C LYS A 86 -4.72 -15.25 1.88
N GLU A 87 -4.02 -14.19 2.19
CA GLU A 87 -2.53 -14.23 2.03
C GLU A 87 -1.84 -13.42 3.12
N VAL A 88 -1.92 -12.12 3.07
CA VAL A 88 -1.19 -11.31 4.11
C VAL A 88 -2.07 -10.27 4.80
N THR A 89 -1.96 -10.16 6.10
CA THR A 89 -2.80 -9.15 6.84
C THR A 89 -2.09 -7.78 6.80
N TRP A 90 -2.80 -6.70 6.55
CA TRP A 90 -2.11 -5.37 6.52
C TRP A 90 -2.45 -4.57 7.77
N GLU A 91 -1.50 -3.79 8.21
CA GLU A 91 -1.70 -2.91 9.40
C GLU A 91 -1.02 -1.57 9.14
N VAL A 92 -1.73 -0.48 9.28
CA VAL A 92 -1.11 0.85 8.98
C VAL A 92 0.01 1.20 9.97
N LEU A 93 1.18 1.47 9.44
CA LEU A 93 2.34 1.85 10.30
C LEU A 93 2.23 3.34 10.65
N GLU A 94 2.92 3.79 11.66
CA GLU A 94 2.81 5.23 12.03
C GLU A 94 4.15 5.81 12.48
N GLY A 95 4.16 7.07 12.82
CA GLY A 95 5.41 7.73 13.28
C GLY A 95 6.45 7.69 12.16
N GLU A 96 7.62 7.21 12.45
CA GLU A 96 8.69 7.15 11.40
C GLU A 96 8.39 6.07 10.37
N VAL A 97 7.84 4.96 10.78
CA VAL A 97 7.54 3.87 9.81
C VAL A 97 6.55 4.38 8.75
N GLU A 98 5.53 5.06 9.16
CA GLU A 98 4.54 5.59 8.16
C GLU A 98 5.23 6.50 7.15
N LYS A 99 6.11 7.35 7.59
CA LYS A 99 6.81 8.26 6.63
C LYS A 99 7.83 7.47 5.81
N GLU A 100 8.61 6.65 6.46
CA GLU A 100 9.62 5.84 5.73
C GLU A 100 8.99 5.17 4.50
N ALA A 101 7.82 4.61 4.66
CA ALA A 101 7.16 3.94 3.51
C ALA A 101 6.61 4.98 2.53
N LEU A 102 6.13 6.08 3.03
CA LEU A 102 5.59 7.13 2.12
C LEU A 102 6.66 7.61 1.15
N LYS A 103 7.85 7.83 1.63
CA LYS A 103 8.95 8.30 0.72
C LYS A 103 9.39 7.17 -0.21
N LYS A 104 9.60 6.00 0.35
CA LYS A 104 10.05 4.85 -0.49
C LYS A 104 9.04 4.57 -1.61
N ILE A 105 7.77 4.65 -1.31
CA ILE A 105 6.74 4.40 -2.35
C ILE A 105 6.73 5.52 -3.39
N ILE A 106 7.06 6.73 -2.97
CA ILE A 106 7.08 7.87 -3.93
C ILE A 106 8.14 7.64 -5.00
N GLU A 107 9.34 7.35 -4.58
CA GLU A 107 10.44 7.13 -5.57
C GLU A 107 10.09 5.96 -6.50
N ASP A 108 9.33 5.02 -6.01
CA ASP A 108 8.97 3.85 -6.86
C ASP A 108 8.20 4.31 -8.11
N GLN A 109 7.29 5.21 -7.95
CA GLN A 109 6.51 5.72 -9.12
C GLN A 109 7.37 6.65 -9.97
N GLN A 110 8.23 7.40 -9.35
CA GLN A 110 9.10 8.34 -10.12
C GLN A 110 10.12 7.55 -10.95
N GLU A 111 10.47 6.37 -10.52
CA GLU A 111 11.46 5.55 -11.29
C GLU A 111 10.76 4.86 -12.46
N SER A 112 9.46 4.80 -12.43
CA SER A 112 8.72 4.13 -13.55
C SER A 112 8.63 5.07 -14.76
N LEU A 113 8.64 6.35 -14.52
CA LEU A 113 8.55 7.32 -15.67
C LEU A 113 9.95 7.67 -16.17
N ASN A 114 10.89 7.82 -15.28
CA ASN A 114 12.27 8.16 -15.71
C ASN A 114 13.11 8.57 -14.49
N LYS A 115 14.21 9.24 -14.71
CA LYS A 115 15.07 9.67 -13.57
C LYS A 115 14.86 11.15 -13.27
N TRP A 116 14.37 11.47 -12.11
CA TRP A 116 14.14 12.90 -11.76
C TRP A 116 13.09 13.51 -12.71
N LYS A 117 12.14 14.23 -12.17
CA LYS A 117 11.10 14.85 -13.04
C LYS A 117 11.50 16.28 -13.41
N SER A 118 11.93 17.05 -12.45
CA SER A 118 12.33 18.46 -12.74
C SER A 118 11.15 19.24 -13.32
N LYS A 119 10.10 19.37 -12.57
CA LYS A 119 8.91 20.12 -13.07
C LYS A 119 8.74 21.43 -12.30
N GLY A 120 7.94 22.33 -12.80
CA GLY A 120 7.73 23.62 -12.09
C GLY A 120 6.54 23.49 -11.14
N ARG A 121 5.35 23.35 -11.67
CA ARG A 121 4.16 23.21 -10.79
C ARG A 121 3.52 21.82 -10.97
N HIS A 9 7.32 20.15 2.45
CA HIS A 9 6.95 21.57 2.17
C HIS A 9 5.62 21.92 2.86
N HIS A 10 5.32 23.18 2.99
CA HIS A 10 4.06 23.58 3.65
C HIS A 10 3.91 22.87 5.00
N GLY A 11 2.70 22.62 5.43
CA GLY A 11 2.49 21.94 6.73
C GLY A 11 1.20 21.14 6.69
N SER A 12 0.88 20.55 5.56
CA SER A 12 -0.37 19.76 5.44
C SER A 12 -0.18 18.38 6.09
N LEU A 13 -1.21 17.85 6.70
CA LEU A 13 -1.11 16.50 7.35
C LEU A 13 0.21 16.36 8.10
N GLU A 14 0.81 17.46 8.36
CA GLU A 14 2.11 17.48 9.08
C GLU A 14 1.98 16.77 10.43
N GLU A 15 0.79 16.71 10.97
CA GLU A 15 0.60 16.03 12.29
C GLU A 15 -0.38 14.87 12.13
N LYS A 16 -0.19 14.04 11.14
CA LYS A 16 -1.10 12.88 10.95
C LYS A 16 -0.63 12.03 9.77
N ILE A 17 0.37 11.21 9.96
CA ILE A 17 0.87 10.36 8.85
C ILE A 17 0.06 9.07 8.77
N GLY A 18 0.00 8.51 7.59
CA GLY A 18 -0.76 7.25 7.40
C GLY A 18 -1.36 7.23 6.00
N CYS A 19 -0.54 7.31 4.99
CA CYS A 19 -1.06 7.30 3.60
C CYS A 19 -1.08 5.87 3.06
N LEU A 20 -0.04 5.12 3.27
CA LEU A 20 0.02 3.72 2.75
C LEU A 20 -0.01 2.71 3.90
N LEU A 21 -0.46 1.51 3.61
CA LEU A 21 -0.53 0.45 4.67
C LEU A 21 0.30 -0.77 4.25
N LYS A 22 0.70 -1.59 5.19
CA LYS A 22 1.52 -2.78 4.81
C LYS A 22 0.94 -4.05 5.39
N PHE A 23 1.18 -5.14 4.75
CA PHE A 23 0.66 -6.46 5.24
C PHE A 23 1.82 -7.45 5.41
N SER A 24 1.68 -8.41 6.29
CA SER A 24 2.78 -9.39 6.50
C SER A 24 2.23 -10.76 6.89
N GLY A 25 2.90 -11.81 6.50
CA GLY A 25 2.42 -13.17 6.83
C GLY A 25 2.57 -14.06 5.59
N ASP A 26 1.58 -14.86 5.29
CA ASP A 26 1.67 -15.74 4.10
C ASP A 26 1.69 -14.91 2.82
N LEU A 27 2.83 -14.82 2.17
CA LEU A 27 2.91 -14.02 0.92
C LEU A 27 2.76 -14.92 -0.32
N ASP A 28 1.98 -14.50 -1.27
CA ASP A 28 1.79 -15.32 -2.50
C ASP A 28 2.83 -14.95 -3.56
N ASP A 29 3.04 -15.81 -4.52
CA ASP A 29 4.05 -15.51 -5.58
C ASP A 29 3.35 -15.32 -6.93
N GLN A 30 2.16 -15.85 -7.08
CA GLN A 30 1.43 -15.70 -8.37
C GLN A 30 0.46 -14.52 -8.29
N THR A 31 -0.07 -14.25 -7.13
CA THR A 31 -1.03 -13.12 -6.98
C THR A 31 -0.55 -11.91 -7.80
N CYS A 32 -1.46 -11.06 -8.20
CA CYS A 32 -1.05 -9.86 -8.98
C CYS A 32 -1.61 -8.59 -8.34
N ARG A 33 -1.01 -7.46 -8.62
CA ARG A 33 -1.51 -6.18 -8.03
C ARG A 33 -2.88 -5.81 -8.62
N GLU A 34 -3.10 -6.14 -9.86
CA GLU A 34 -4.40 -5.79 -10.51
C GLU A 34 -5.56 -6.57 -9.88
N ASP A 35 -5.36 -7.83 -9.57
CA ASP A 35 -6.47 -8.63 -8.98
C ASP A 35 -6.82 -8.12 -7.58
N LEU A 36 -5.86 -7.92 -6.76
CA LEU A 36 -6.14 -7.42 -5.37
C LEU A 36 -6.57 -5.95 -5.40
N HIS A 37 -5.89 -5.13 -6.15
CA HIS A 37 -6.26 -3.69 -6.21
C HIS A 37 -7.70 -3.54 -6.70
N ILE A 38 -8.12 -4.37 -7.61
CA ILE A 38 -9.50 -4.27 -8.12
C ILE A 38 -10.51 -4.71 -7.05
N LEU A 39 -10.12 -5.64 -6.21
CA LEU A 39 -11.04 -6.12 -5.15
C LEU A 39 -11.44 -4.99 -4.19
N PHE A 40 -10.54 -4.07 -3.93
CA PHE A 40 -10.87 -2.95 -3.00
C PHE A 40 -11.75 -1.90 -3.72
N SER A 41 -12.11 -2.17 -4.94
CA SER A 41 -12.95 -1.19 -5.71
C SER A 41 -14.36 -1.11 -5.12
N ASN A 42 -14.50 -0.60 -3.92
CA ASN A 42 -15.85 -0.48 -3.30
C ASN A 42 -15.73 -0.08 -1.83
N HIS A 43 -14.68 0.64 -1.50
CA HIS A 43 -14.46 1.08 -0.08
C HIS A 43 -13.00 1.40 0.11
N GLY A 44 -12.41 1.99 -0.87
CA GLY A 44 -10.96 2.34 -0.81
C GLY A 44 -10.24 1.55 -1.90
N GLU A 45 -9.78 2.21 -2.93
CA GLU A 45 -9.07 1.47 -4.00
C GLU A 45 -7.56 1.64 -3.86
N ILE A 46 -6.83 0.67 -4.31
CA ILE A 46 -5.34 0.76 -4.20
C ILE A 46 -4.80 1.77 -5.20
N LYS A 47 -3.83 2.53 -4.81
CA LYS A 47 -3.24 3.54 -5.73
C LYS A 47 -1.92 2.99 -6.28
N TRP A 48 -1.22 2.23 -5.49
CA TRP A 48 0.07 1.65 -5.95
C TRP A 48 0.56 0.57 -4.99
N ILE A 49 1.25 -0.41 -5.48
CA ILE A 49 1.76 -1.51 -4.60
C ILE A 49 3.25 -1.75 -4.79
N ASP A 50 4.01 -1.74 -3.73
CA ASP A 50 5.47 -2.00 -3.85
C ASP A 50 5.85 -3.29 -3.13
N PHE A 51 6.26 -4.28 -3.86
CA PHE A 51 6.65 -5.57 -3.21
C PHE A 51 8.13 -5.88 -3.46
N VAL A 52 8.84 -6.31 -2.46
CA VAL A 52 10.28 -6.64 -2.65
C VAL A 52 10.43 -8.14 -2.88
N ARG A 53 11.12 -8.53 -3.91
CA ARG A 53 11.30 -9.98 -4.21
C ARG A 53 11.88 -10.70 -2.99
N GLY A 54 11.22 -11.73 -2.53
CA GLY A 54 11.73 -12.49 -1.36
C GLY A 54 11.47 -11.69 -0.08
N ALA A 55 10.59 -10.72 -0.14
CA ALA A 55 10.30 -9.92 1.08
C ALA A 55 9.38 -10.69 2.02
N LYS A 56 9.32 -10.30 3.26
CA LYS A 56 8.43 -11.01 4.23
C LYS A 56 7.07 -10.30 4.30
N GLU A 57 6.92 -9.25 3.55
CA GLU A 57 5.63 -8.50 3.56
C GLU A 57 5.57 -7.55 2.36
N GLY A 58 4.66 -6.62 2.36
CA GLY A 58 4.58 -5.67 1.22
C GLY A 58 3.79 -4.43 1.66
N ILE A 59 3.87 -3.38 0.90
CA ILE A 59 3.12 -2.15 1.27
C ILE A 59 2.29 -1.67 0.09
N ILE A 60 1.17 -1.04 0.34
CA ILE A 60 0.35 -0.55 -0.79
C ILE A 60 -0.36 0.76 -0.43
N LEU A 61 -0.10 1.82 -1.15
CA LEU A 61 -0.79 3.10 -0.85
C LEU A 61 -2.06 3.18 -1.69
N PHE A 62 -3.13 3.60 -1.10
CA PHE A 62 -4.42 3.67 -1.85
C PHE A 62 -4.60 5.02 -2.53
N LYS A 63 -5.56 5.11 -3.40
CA LYS A 63 -5.84 6.40 -4.10
C LYS A 63 -6.60 7.33 -3.17
N GLU A 64 -7.31 6.78 -2.21
CA GLU A 64 -8.09 7.66 -1.29
C GLU A 64 -7.53 7.56 0.14
N LYS A 65 -6.81 6.51 0.42
CA LYS A 65 -6.22 6.33 1.77
C LYS A 65 -6.08 4.85 2.08
N ALA A 66 -4.87 4.40 2.24
CA ALA A 66 -4.65 2.96 2.54
C ALA A 66 -5.19 2.64 3.92
N LYS A 67 -4.90 3.46 4.89
CA LYS A 67 -5.41 3.21 6.26
C LYS A 67 -6.93 3.17 6.26
N GLU A 68 -7.55 3.89 5.38
CA GLU A 68 -9.03 3.91 5.30
C GLU A 68 -9.53 2.62 4.66
N ALA A 69 -9.03 2.31 3.51
CA ALA A 69 -9.45 1.06 2.82
C ALA A 69 -8.88 -0.15 3.56
N LEU A 70 -7.73 -0.01 4.13
CA LEU A 70 -7.13 -1.19 4.84
C LEU A 70 -7.79 -1.38 6.19
N GLY A 71 -7.93 -0.33 6.94
CA GLY A 71 -8.60 -0.45 8.25
C GLY A 71 -10.06 -0.83 8.03
N LYS A 72 -10.60 -0.38 6.94
CA LYS A 72 -12.03 -0.70 6.62
C LYS A 72 -12.16 -2.14 6.12
N ALA A 73 -11.34 -2.50 5.18
CA ALA A 73 -11.37 -3.87 4.60
C ALA A 73 -10.68 -4.83 5.56
N LYS A 74 -9.69 -4.36 6.25
CA LYS A 74 -8.99 -5.24 7.22
C LYS A 74 -9.97 -5.52 8.34
N ASP A 75 -10.69 -4.50 8.67
CA ASP A 75 -11.69 -4.62 9.78
C ASP A 75 -12.94 -5.39 9.31
N ALA A 76 -13.21 -5.32 8.04
CA ALA A 76 -14.40 -6.02 7.49
C ALA A 76 -14.58 -7.39 8.14
N ASN A 77 -13.54 -7.95 8.67
CA ASN A 77 -13.68 -9.29 9.30
C ASN A 77 -13.25 -9.28 10.77
N ASN A 78 -12.00 -9.46 11.01
CA ASN A 78 -11.50 -9.48 12.42
C ASN A 78 -10.93 -8.13 12.85
N GLY A 79 -10.24 -7.47 11.97
CA GLY A 79 -9.62 -6.16 12.32
C GLY A 79 -8.39 -5.95 11.44
N ASN A 80 -7.89 -7.01 10.87
CA ASN A 80 -6.69 -6.91 9.99
C ASN A 80 -7.09 -7.33 8.57
N LEU A 81 -6.40 -6.88 7.57
CA LEU A 81 -6.78 -7.29 6.18
C LEU A 81 -5.82 -8.33 5.65
N GLN A 82 -6.30 -9.33 5.00
CA GLN A 82 -5.37 -10.34 4.43
C GLN A 82 -5.09 -9.95 2.97
N LEU A 83 -3.96 -10.33 2.46
CA LEU A 83 -3.64 -9.97 1.05
C LEU A 83 -4.13 -11.07 0.15
N ARG A 84 -4.76 -10.69 -0.92
CA ARG A 84 -5.32 -11.70 -1.86
C ARG A 84 -6.49 -12.40 -1.18
N ASN A 85 -6.99 -11.77 -0.16
CA ASN A 85 -8.12 -12.35 0.60
C ASN A 85 -7.75 -13.77 1.04
N LYS A 86 -6.62 -13.92 1.71
CA LYS A 86 -6.16 -15.26 2.20
C LYS A 86 -4.64 -15.35 2.07
N GLU A 87 -3.93 -14.34 2.51
CA GLU A 87 -2.44 -14.40 2.39
C GLU A 87 -1.74 -13.53 3.44
N VAL A 88 -1.75 -12.23 3.28
CA VAL A 88 -1.03 -11.37 4.29
C VAL A 88 -1.94 -10.34 4.95
N THR A 89 -1.78 -10.13 6.23
CA THR A 89 -2.65 -9.12 6.92
C THR A 89 -1.99 -7.74 6.87
N TRP A 90 -2.74 -6.71 6.53
CA TRP A 90 -2.12 -5.35 6.48
C TRP A 90 -2.52 -4.51 7.67
N GLU A 91 -1.61 -3.67 8.11
CA GLU A 91 -1.88 -2.76 9.26
C GLU A 91 -1.10 -1.45 9.04
N VAL A 92 -1.72 -0.33 9.25
CA VAL A 92 -0.98 0.97 9.03
C VAL A 92 0.15 1.12 10.05
N LEU A 93 1.31 1.47 9.60
CA LEU A 93 2.47 1.63 10.54
C LEU A 93 2.30 2.92 11.38
N GLU A 94 3.37 3.41 11.93
CA GLU A 94 3.29 4.64 12.76
C GLU A 94 3.83 5.84 11.97
N GLY A 95 3.71 7.02 12.50
CA GLY A 95 4.22 8.22 11.78
C GLY A 95 5.68 8.02 11.38
N GLU A 96 6.49 7.53 12.26
CA GLU A 96 7.93 7.32 11.93
C GLU A 96 8.12 6.15 10.96
N VAL A 97 7.54 5.02 11.26
CA VAL A 97 7.70 3.84 10.36
C VAL A 97 6.84 3.98 9.09
N GLU A 98 5.66 4.50 9.24
CA GLU A 98 4.77 4.67 8.05
C GLU A 98 5.40 5.62 7.03
N LYS A 99 6.09 6.62 7.50
CA LYS A 99 6.74 7.59 6.55
C LYS A 99 7.88 6.91 5.80
N GLU A 100 8.71 6.19 6.51
CA GLU A 100 9.86 5.51 5.85
C GLU A 100 9.37 4.77 4.60
N ALA A 101 8.24 4.13 4.69
CA ALA A 101 7.70 3.40 3.51
C ALA A 101 7.07 4.39 2.52
N LEU A 102 6.45 5.42 3.02
CA LEU A 102 5.81 6.42 2.13
C LEU A 102 6.85 7.05 1.19
N LYS A 103 7.99 7.41 1.72
CA LYS A 103 9.04 8.02 0.86
C LYS A 103 9.63 6.97 -0.09
N LYS A 104 9.96 5.83 0.44
CA LYS A 104 10.54 4.75 -0.41
C LYS A 104 9.56 4.40 -1.54
N ILE A 105 8.29 4.38 -1.26
CA ILE A 105 7.30 4.05 -2.32
C ILE A 105 7.20 5.20 -3.34
N ILE A 106 7.41 6.41 -2.91
CA ILE A 106 7.34 7.55 -3.85
C ILE A 106 8.42 7.43 -4.92
N GLU A 107 9.63 7.21 -4.51
CA GLU A 107 10.75 7.08 -5.51
C GLU A 107 10.42 5.97 -6.51
N ASP A 108 9.79 4.92 -6.05
CA ASP A 108 9.43 3.81 -6.98
C ASP A 108 8.30 4.23 -7.91
N GLN A 109 7.36 4.99 -7.41
CA GLN A 109 6.22 5.44 -8.26
C GLN A 109 6.72 6.44 -9.30
N GLN A 110 7.56 7.36 -8.91
CA GLN A 110 8.09 8.36 -9.87
C GLN A 110 8.66 7.67 -11.11
N GLU A 111 9.14 6.45 -10.95
CA GLU A 111 9.71 5.73 -12.11
C GLU A 111 8.61 5.38 -13.12
N SER A 112 7.49 4.91 -12.65
CA SER A 112 6.38 4.54 -13.59
C SER A 112 5.54 5.79 -13.90
N LEU A 113 5.47 6.71 -12.98
CA LEU A 113 4.66 7.95 -13.23
C LEU A 113 5.44 8.92 -14.11
N ASN A 114 6.68 8.62 -14.38
CA ASN A 114 7.51 9.52 -15.24
C ASN A 114 7.20 10.99 -14.92
N LYS A 115 7.50 11.88 -15.82
CA LYS A 115 7.22 13.32 -15.57
C LYS A 115 5.73 13.53 -15.23
N TRP A 116 5.44 14.28 -14.22
CA TRP A 116 4.02 14.51 -13.84
C TRP A 116 3.52 15.81 -14.46
N LYS A 117 2.62 15.73 -15.40
CA LYS A 117 2.09 16.96 -16.05
C LYS A 117 0.57 16.88 -16.19
N SER A 118 0.07 15.76 -16.66
CA SER A 118 -1.40 15.62 -16.82
C SER A 118 -1.76 14.14 -17.04
N LYS A 119 -2.73 13.65 -16.31
CA LYS A 119 -3.14 12.22 -16.47
C LYS A 119 -3.60 11.96 -17.90
N GLY A 120 -2.70 11.63 -18.79
CA GLY A 120 -3.10 11.37 -20.20
C GLY A 120 -3.17 9.87 -20.44
N ARG A 121 -2.06 9.22 -20.61
CA ARG A 121 -2.08 7.74 -20.85
C ARG A 121 -1.64 7.01 -19.59
N HIS A 9 4.37 22.05 22.03
CA HIS A 9 5.30 22.37 20.91
C HIS A 9 4.96 21.54 19.68
N HIS A 10 5.80 21.54 18.69
CA HIS A 10 5.52 20.75 17.46
C HIS A 10 6.68 19.81 17.15
N GLY A 11 6.70 18.65 17.76
CA GLY A 11 7.82 17.69 17.50
C GLY A 11 7.92 17.42 16.00
N SER A 12 8.95 16.75 15.58
CA SER A 12 9.10 16.45 14.13
C SER A 12 7.98 15.52 13.66
N LEU A 13 7.35 15.84 12.56
CA LEU A 13 6.25 15.00 12.03
C LEU A 13 5.47 15.77 10.99
N GLU A 14 5.52 15.31 9.78
CA GLU A 14 4.79 15.99 8.68
C GLU A 14 3.28 16.02 8.98
N GLU A 15 2.84 15.24 9.93
CA GLU A 15 1.39 15.23 10.26
C GLU A 15 0.58 14.64 9.09
N LYS A 16 0.91 13.46 8.66
CA LYS A 16 0.16 12.85 7.53
C LYS A 16 0.17 11.33 7.65
N ILE A 17 -0.42 10.80 8.68
CA ILE A 17 -0.44 9.32 8.86
C ILE A 17 -1.65 8.71 8.13
N GLY A 18 -1.51 7.49 7.74
CA GLY A 18 -2.63 6.80 7.02
C GLY A 18 -2.48 7.02 5.52
N CYS A 19 -1.28 7.13 5.04
CA CYS A 19 -1.07 7.35 3.58
C CYS A 19 -0.74 6.03 2.88
N LEU A 20 -0.19 5.09 3.61
CA LEU A 20 0.15 3.78 2.99
C LEU A 20 0.00 2.65 4.02
N LEU A 21 -0.37 1.48 3.57
CA LEU A 21 -0.55 0.35 4.53
C LEU A 21 0.33 -0.84 4.12
N LYS A 22 0.81 -1.61 5.06
CA LYS A 22 1.67 -2.77 4.69
C LYS A 22 1.08 -4.06 5.24
N PHE A 23 1.36 -5.14 4.59
CA PHE A 23 0.84 -6.46 5.06
C PHE A 23 1.95 -7.51 5.07
N SER A 24 1.84 -8.50 5.91
CA SER A 24 2.90 -9.54 6.00
C SER A 24 2.29 -10.90 6.35
N GLY A 25 2.89 -11.97 5.88
CA GLY A 25 2.35 -13.33 6.18
C GLY A 25 2.57 -14.23 4.97
N ASP A 26 1.60 -15.05 4.65
CA ASP A 26 1.76 -15.96 3.46
C ASP A 26 1.72 -15.13 2.18
N LEU A 27 2.86 -14.88 1.58
CA LEU A 27 2.89 -14.07 0.33
C LEU A 27 3.02 -14.97 -0.90
N ASP A 28 2.18 -14.77 -1.88
CA ASP A 28 2.26 -15.60 -3.12
C ASP A 28 3.19 -14.93 -4.14
N ASP A 29 3.68 -15.67 -5.09
CA ASP A 29 4.58 -15.07 -6.11
C ASP A 29 3.85 -14.92 -7.45
N GLN A 30 2.66 -15.44 -7.56
CA GLN A 30 1.91 -15.32 -8.84
C GLN A 30 0.88 -14.19 -8.77
N THR A 31 0.40 -13.90 -7.59
CA THR A 31 -0.61 -12.81 -7.44
C THR A 31 -0.24 -11.61 -8.32
N CYS A 32 -1.20 -10.79 -8.66
CA CYS A 32 -0.89 -9.61 -9.52
C CYS A 32 -1.33 -8.32 -8.82
N ARG A 33 -0.77 -7.20 -9.20
CA ARG A 33 -1.15 -5.91 -8.56
C ARG A 33 -2.63 -5.60 -8.80
N GLU A 34 -3.13 -5.95 -9.95
CA GLU A 34 -4.57 -5.67 -10.26
C GLU A 34 -5.49 -6.59 -9.46
N ASP A 35 -5.09 -7.83 -9.28
CA ASP A 35 -5.96 -8.78 -8.53
C ASP A 35 -6.20 -8.29 -7.10
N LEU A 36 -5.18 -7.82 -6.44
CA LEU A 36 -5.36 -7.33 -5.05
C LEU A 36 -6.13 -6.01 -5.07
N HIS A 37 -5.75 -5.14 -5.97
CA HIS A 37 -6.44 -3.81 -6.06
C HIS A 37 -7.94 -4.01 -6.33
N ILE A 38 -8.28 -5.01 -7.10
CA ILE A 38 -9.72 -5.25 -7.40
C ILE A 38 -10.46 -5.68 -6.12
N LEU A 39 -9.79 -6.37 -5.25
CA LEU A 39 -10.44 -6.82 -3.99
C LEU A 39 -10.81 -5.62 -3.13
N PHE A 40 -9.90 -4.70 -3.00
CA PHE A 40 -10.18 -3.49 -2.17
C PHE A 40 -11.08 -2.52 -2.94
N SER A 41 -11.52 -2.90 -4.11
CA SER A 41 -12.40 -1.99 -4.89
C SER A 41 -13.71 -1.75 -4.15
N ASN A 42 -13.67 -0.96 -3.10
CA ASN A 42 -14.92 -0.67 -2.33
C ASN A 42 -14.86 0.75 -1.79
N HIS A 43 -13.69 1.20 -1.44
CA HIS A 43 -13.53 2.58 -0.93
C HIS A 43 -12.86 3.44 -1.99
N GLY A 44 -11.77 3.99 -1.63
CA GLY A 44 -11.01 4.86 -2.58
C GLY A 44 -10.21 3.97 -3.53
N GLU A 45 -10.27 2.69 -3.33
CA GLU A 45 -9.52 1.75 -4.21
C GLU A 45 -8.02 1.91 -3.99
N ILE A 46 -7.25 0.93 -4.38
CA ILE A 46 -5.77 1.02 -4.20
C ILE A 46 -5.19 2.04 -5.18
N LYS A 47 -4.14 2.70 -4.78
CA LYS A 47 -3.51 3.70 -5.69
C LYS A 47 -2.24 3.11 -6.29
N TRP A 48 -1.54 2.29 -5.53
CA TRP A 48 -0.29 1.69 -6.07
C TRP A 48 0.21 0.56 -5.16
N ILE A 49 0.80 -0.46 -5.75
CA ILE A 49 1.30 -1.61 -4.94
C ILE A 49 2.80 -1.83 -5.17
N ASP A 50 3.60 -1.77 -4.12
CA ASP A 50 5.06 -1.99 -4.29
C ASP A 50 5.50 -3.25 -3.54
N PHE A 51 5.93 -4.24 -4.24
CA PHE A 51 6.40 -5.50 -3.58
C PHE A 51 7.87 -5.76 -3.90
N VAL A 52 8.64 -6.14 -2.93
CA VAL A 52 10.08 -6.43 -3.20
C VAL A 52 10.26 -7.94 -3.40
N ARG A 53 10.86 -8.33 -4.50
CA ARG A 53 11.04 -9.79 -4.75
C ARG A 53 11.91 -10.41 -3.66
N GLY A 54 11.55 -11.59 -3.22
CA GLY A 54 12.35 -12.26 -2.17
C GLY A 54 11.98 -11.70 -0.80
N ALA A 55 10.97 -10.87 -0.73
CA ALA A 55 10.57 -10.30 0.59
C ALA A 55 9.52 -11.19 1.25
N LYS A 56 9.02 -10.78 2.39
CA LYS A 56 7.99 -11.59 3.09
C LYS A 56 6.74 -10.72 3.32
N GLU A 57 6.75 -9.53 2.80
CA GLU A 57 5.59 -8.62 2.99
C GLU A 57 5.54 -7.60 1.83
N GLY A 58 4.73 -6.59 1.95
CA GLY A 58 4.65 -5.57 0.87
C GLY A 58 3.84 -4.38 1.37
N ILE A 59 3.73 -3.35 0.59
CA ILE A 59 2.95 -2.17 1.03
C ILE A 59 2.02 -1.70 -0.08
N ILE A 60 0.94 -1.07 0.26
CA ILE A 60 0.01 -0.59 -0.79
C ILE A 60 -0.62 0.76 -0.43
N LEU A 61 -0.33 1.78 -1.18
CA LEU A 61 -0.94 3.10 -0.88
C LEU A 61 -2.23 3.23 -1.68
N PHE A 62 -3.26 3.72 -1.06
CA PHE A 62 -4.56 3.82 -1.77
C PHE A 62 -4.76 5.18 -2.41
N LYS A 63 -5.77 5.28 -3.24
CA LYS A 63 -6.06 6.57 -3.91
C LYS A 63 -6.73 7.52 -2.92
N GLU A 64 -7.40 6.98 -1.93
CA GLU A 64 -8.09 7.87 -0.94
C GLU A 64 -7.40 7.78 0.42
N LYS A 65 -6.65 6.73 0.64
CA LYS A 65 -5.93 6.53 1.93
C LYS A 65 -5.87 5.05 2.25
N ALA A 66 -4.69 4.51 2.31
CA ALA A 66 -4.55 3.06 2.63
C ALA A 66 -5.20 2.78 3.99
N LYS A 67 -4.97 3.64 4.93
CA LYS A 67 -5.58 3.45 6.28
C LYS A 67 -7.11 3.42 6.18
N GLU A 68 -7.65 4.13 5.23
CA GLU A 68 -9.12 4.16 5.05
C GLU A 68 -9.62 2.87 4.42
N ALA A 69 -9.12 2.57 3.26
CA ALA A 69 -9.53 1.31 2.57
C ALA A 69 -8.95 0.09 3.27
N LEU A 70 -7.78 0.21 3.83
CA LEU A 70 -7.18 -0.97 4.51
C LEU A 70 -7.81 -1.19 5.87
N GLY A 71 -7.95 -0.14 6.63
CA GLY A 71 -8.56 -0.26 7.97
C GLY A 71 -10.05 -0.52 7.81
N LYS A 72 -10.63 0.02 6.77
CA LYS A 72 -12.09 -0.20 6.55
C LYS A 72 -12.32 -1.62 6.03
N ALA A 73 -11.52 -2.02 5.09
CA ALA A 73 -11.62 -3.37 4.51
C ALA A 73 -10.99 -4.36 5.47
N LYS A 74 -9.98 -3.93 6.17
CA LYS A 74 -9.31 -4.82 7.14
C LYS A 74 -10.27 -5.04 8.30
N ASP A 75 -11.04 -4.04 8.59
CA ASP A 75 -12.02 -4.15 9.71
C ASP A 75 -13.22 -4.99 9.28
N ALA A 76 -13.51 -4.99 8.01
CA ALA A 76 -14.67 -5.75 7.49
C ALA A 76 -14.79 -7.10 8.20
N ASN A 77 -13.74 -7.59 8.77
CA ASN A 77 -13.84 -8.91 9.44
C ASN A 77 -13.21 -8.89 10.84
N ASN A 78 -11.94 -9.13 10.93
CA ASN A 78 -11.26 -9.17 12.25
C ASN A 78 -10.55 -7.87 12.62
N GLY A 79 -9.99 -7.20 11.67
CA GLY A 79 -9.23 -5.95 11.98
C GLY A 79 -7.88 -6.03 11.29
N ASN A 80 -7.61 -7.17 10.70
CA ASN A 80 -6.33 -7.38 9.96
C ASN A 80 -6.70 -7.78 8.53
N LEU A 81 -6.29 -7.05 7.54
CA LEU A 81 -6.69 -7.40 6.15
C LEU A 81 -5.66 -8.34 5.52
N GLN A 82 -6.11 -9.35 4.84
CA GLN A 82 -5.14 -10.26 4.18
C GLN A 82 -4.99 -9.82 2.72
N LEU A 83 -3.88 -10.09 2.13
CA LEU A 83 -3.67 -9.67 0.72
C LEU A 83 -4.13 -10.78 -0.20
N ARG A 84 -4.84 -10.43 -1.23
CA ARG A 84 -5.35 -11.44 -2.19
C ARG A 84 -6.38 -12.32 -1.49
N ASN A 85 -6.89 -11.84 -0.40
CA ASN A 85 -7.89 -12.63 0.37
C ASN A 85 -7.33 -14.00 0.73
N LYS A 86 -6.22 -14.02 1.44
CA LYS A 86 -5.57 -15.31 1.86
C LYS A 86 -4.07 -15.24 1.55
N GLU A 87 -3.43 -14.17 1.93
CA GLU A 87 -1.97 -14.05 1.64
C GLU A 87 -1.27 -13.21 2.70
N VAL A 88 -1.52 -11.93 2.75
CA VAL A 88 -0.81 -11.07 3.76
C VAL A 88 -1.75 -10.11 4.50
N THR A 89 -1.62 -10.04 5.79
CA THR A 89 -2.48 -9.10 6.57
C THR A 89 -1.87 -7.69 6.55
N TRP A 90 -2.65 -6.66 6.29
CA TRP A 90 -2.06 -5.29 6.27
C TRP A 90 -2.50 -4.48 7.48
N GLU A 91 -1.61 -3.62 7.94
CA GLU A 91 -1.91 -2.74 9.11
C GLU A 91 -1.20 -1.40 8.90
N VAL A 92 -1.86 -0.32 9.14
CA VAL A 92 -1.21 1.01 8.92
C VAL A 92 -0.11 1.26 9.95
N LEU A 93 1.07 1.59 9.50
CA LEU A 93 2.19 1.85 10.45
C LEU A 93 1.88 3.11 11.27
N GLU A 94 2.85 3.65 11.95
CA GLU A 94 2.58 4.87 12.76
C GLU A 94 3.89 5.59 13.10
N GLY A 95 3.80 6.87 13.34
CA GLY A 95 5.02 7.65 13.70
C GLY A 95 5.96 7.74 12.50
N GLU A 96 7.24 7.55 12.71
CA GLU A 96 8.22 7.65 11.60
C GLU A 96 8.14 6.45 10.65
N VAL A 97 7.90 5.27 11.16
CA VAL A 97 7.83 4.08 10.26
C VAL A 97 6.72 4.27 9.23
N GLU A 98 5.57 4.73 9.63
CA GLU A 98 4.46 4.93 8.66
C GLU A 98 4.90 5.91 7.57
N LYS A 99 5.51 6.99 7.95
CA LYS A 99 5.96 8.00 6.95
C LYS A 99 7.16 7.46 6.17
N GLU A 100 8.11 6.91 6.86
CA GLU A 100 9.33 6.37 6.18
C GLU A 100 8.91 5.46 5.02
N ALA A 101 7.93 4.62 5.24
CA ALA A 101 7.48 3.71 4.14
C ALA A 101 6.91 4.52 2.98
N LEU A 102 6.24 5.59 3.28
CA LEU A 102 5.65 6.43 2.19
C LEU A 102 6.75 6.91 1.23
N LYS A 103 7.92 7.16 1.73
CA LYS A 103 9.03 7.63 0.84
C LYS A 103 9.53 6.47 -0.04
N LYS A 104 9.73 5.33 0.55
CA LYS A 104 10.22 4.16 -0.23
C LYS A 104 9.23 3.83 -1.36
N ILE A 105 7.96 3.97 -1.11
CA ILE A 105 6.96 3.66 -2.18
C ILE A 105 7.05 4.70 -3.31
N ILE A 106 7.30 5.94 -2.97
CA ILE A 106 7.40 6.98 -4.03
C ILE A 106 8.56 6.68 -4.97
N GLU A 107 9.71 6.45 -4.42
CA GLU A 107 10.90 6.15 -5.28
C GLU A 107 10.61 4.95 -6.19
N ASP A 108 9.87 4.01 -5.71
CA ASP A 108 9.53 2.81 -6.54
C ASP A 108 8.73 3.24 -7.77
N GLN A 109 7.84 4.19 -7.60
CA GLN A 109 7.02 4.65 -8.75
C GLN A 109 7.89 5.43 -9.74
N GLN A 110 8.75 6.29 -9.24
CA GLN A 110 9.62 7.08 -10.14
C GLN A 110 10.38 6.15 -11.09
N GLU A 111 10.61 4.94 -10.69
CA GLU A 111 11.34 3.98 -11.58
C GLU A 111 10.66 3.91 -12.94
N SER A 112 9.36 3.87 -12.96
CA SER A 112 8.64 3.79 -14.27
C SER A 112 8.45 5.20 -14.86
N LEU A 113 8.17 6.16 -14.03
CA LEU A 113 7.98 7.55 -14.53
C LEU A 113 9.34 8.19 -14.83
N ASN A 114 10.40 7.62 -14.32
CA ASN A 114 11.75 8.20 -14.58
C ASN A 114 12.82 7.43 -13.80
N LYS A 115 13.90 8.07 -13.46
CA LYS A 115 14.97 7.37 -12.69
C LYS A 115 15.95 8.38 -12.08
N TRP A 116 16.57 9.18 -12.90
CA TRP A 116 17.53 10.19 -12.37
C TRP A 116 18.61 9.51 -11.55
N LYS A 117 19.71 10.16 -11.32
CA LYS A 117 20.81 9.55 -10.53
C LYS A 117 21.07 10.37 -9.26
N SER A 118 20.65 9.86 -8.12
CA SER A 118 20.87 10.62 -6.85
C SER A 118 22.30 11.15 -6.79
N LYS A 119 22.51 12.39 -7.14
CA LYS A 119 23.89 12.95 -7.10
C LYS A 119 23.85 14.46 -7.33
N GLY A 120 22.96 14.92 -8.18
CA GLY A 120 22.88 16.38 -8.45
C GLY A 120 22.37 17.10 -7.20
N ARG A 121 23.25 17.50 -6.33
CA ARG A 121 22.81 18.21 -5.10
C ARG A 121 24.04 18.71 -4.32
N HIS A 9 -14.34 18.28 -3.85
CA HIS A 9 -12.85 18.12 -3.82
C HIS A 9 -12.17 19.48 -4.00
N HIS A 10 -11.73 20.07 -2.92
CA HIS A 10 -11.06 21.40 -3.02
C HIS A 10 -9.68 21.34 -2.34
N GLY A 11 -9.33 22.38 -1.63
CA GLY A 11 -8.01 22.39 -0.94
C GLY A 11 -7.81 21.08 -0.18
N SER A 12 -6.68 20.90 0.45
CA SER A 12 -6.44 19.65 1.20
C SER A 12 -6.74 19.86 2.70
N LEU A 13 -7.18 18.84 3.37
CA LEU A 13 -7.49 18.98 4.83
C LEU A 13 -6.97 17.78 5.59
N GLU A 14 -6.12 17.07 4.96
CA GLU A 14 -5.51 15.85 5.59
C GLU A 14 -4.62 16.25 6.77
N GLU A 15 -3.80 17.24 6.58
CA GLU A 15 -2.90 17.70 7.68
C GLU A 15 -1.83 16.64 7.97
N LYS A 16 -1.16 16.18 6.95
CA LYS A 16 -0.09 15.15 7.16
C LYS A 16 -0.70 13.84 7.64
N ILE A 17 -1.21 13.05 6.74
CA ILE A 17 -1.81 11.73 7.13
C ILE A 17 -0.97 10.59 6.61
N GLY A 18 -1.02 9.48 7.28
CA GLY A 18 -0.24 8.29 6.84
C GLY A 18 -1.15 7.38 6.01
N CYS A 19 -1.62 7.86 4.89
CA CYS A 19 -2.51 7.02 4.03
C CYS A 19 -1.74 5.85 3.41
N LEU A 20 -0.96 5.15 4.20
CA LEU A 20 -0.20 4.00 3.64
C LEU A 20 -0.33 2.78 4.57
N LEU A 21 -0.70 1.65 4.03
CA LEU A 21 -0.86 0.44 4.88
C LEU A 21 0.00 -0.71 4.34
N LYS A 22 0.56 -1.52 5.21
CA LYS A 22 1.41 -2.65 4.74
C LYS A 22 0.89 -3.97 5.27
N PHE A 23 1.14 -5.02 4.57
CA PHE A 23 0.65 -6.36 5.02
C PHE A 23 1.83 -7.33 5.18
N SER A 24 1.70 -8.31 6.03
CA SER A 24 2.83 -9.26 6.25
C SER A 24 2.31 -10.68 6.47
N GLY A 25 3.04 -11.67 6.04
CA GLY A 25 2.59 -13.08 6.21
C GLY A 25 2.74 -13.82 4.88
N ASP A 26 1.73 -14.53 4.46
CA ASP A 26 1.83 -15.27 3.17
C ASP A 26 1.78 -14.28 1.99
N LEU A 27 2.89 -14.08 1.34
CA LEU A 27 2.91 -13.13 0.19
C LEU A 27 2.25 -13.77 -1.04
N ASP A 28 1.86 -12.99 -2.00
CA ASP A 28 1.20 -13.55 -3.21
C ASP A 28 2.17 -14.44 -3.99
N ASP A 29 2.09 -15.73 -3.78
CA ASP A 29 2.98 -16.66 -4.52
C ASP A 29 2.15 -17.42 -5.55
N GLN A 30 1.61 -16.71 -6.50
CA GLN A 30 0.77 -17.32 -7.57
C GLN A 30 -0.35 -16.34 -7.94
N THR A 31 -0.57 -15.36 -7.09
CA THR A 31 -1.63 -14.35 -7.36
C THR A 31 -1.05 -13.15 -8.11
N CYS A 32 -1.88 -12.23 -8.53
CA CYS A 32 -1.36 -11.04 -9.25
C CYS A 32 -1.73 -9.75 -8.49
N ARG A 33 -1.01 -8.70 -8.73
CA ARG A 33 -1.31 -7.41 -8.03
C ARG A 33 -2.64 -6.82 -8.50
N GLU A 34 -2.99 -7.05 -9.74
CA GLU A 34 -4.28 -6.49 -10.26
C GLU A 34 -5.49 -7.17 -9.61
N ASP A 35 -5.41 -8.45 -9.39
CA ASP A 35 -6.58 -9.17 -8.78
C ASP A 35 -6.87 -8.63 -7.38
N LEU A 36 -5.87 -8.48 -6.57
CA LEU A 36 -6.10 -7.97 -5.19
C LEU A 36 -6.45 -6.47 -5.21
N HIS A 37 -5.83 -5.72 -6.09
CA HIS A 37 -6.13 -4.26 -6.16
C HIS A 37 -7.60 -4.02 -6.46
N ILE A 38 -8.18 -4.84 -7.30
CA ILE A 38 -9.62 -4.67 -7.65
C ILE A 38 -10.52 -5.02 -6.46
N LEU A 39 -10.11 -5.96 -5.66
CA LEU A 39 -10.95 -6.37 -4.50
C LEU A 39 -11.13 -5.22 -3.50
N PHE A 40 -10.15 -4.36 -3.39
CA PHE A 40 -10.26 -3.22 -2.43
C PHE A 40 -11.32 -2.23 -2.89
N SER A 41 -11.92 -2.45 -4.03
CA SER A 41 -12.97 -1.52 -4.51
C SER A 41 -14.22 -1.61 -3.65
N ASN A 42 -14.10 -1.35 -2.37
CA ASN A 42 -15.28 -1.43 -1.48
C ASN A 42 -15.60 -0.04 -0.92
N HIS A 43 -14.59 0.73 -0.60
CA HIS A 43 -14.84 2.10 -0.07
C HIS A 43 -13.53 2.88 -0.06
N GLY A 44 -12.64 2.47 -0.90
CA GLY A 44 -11.31 3.13 -1.00
C GLY A 44 -10.43 2.30 -1.94
N GLU A 45 -10.33 2.70 -3.17
CA GLU A 45 -9.50 1.93 -4.15
C GLU A 45 -8.01 2.11 -3.85
N ILE A 46 -7.21 1.17 -4.25
CA ILE A 46 -5.74 1.29 -4.00
C ILE A 46 -5.15 2.37 -4.90
N LYS A 47 -4.14 3.05 -4.44
CA LYS A 47 -3.52 4.11 -5.28
C LYS A 47 -2.21 3.58 -5.84
N TRP A 48 -1.51 2.76 -5.10
CA TRP A 48 -0.23 2.20 -5.61
C TRP A 48 0.26 1.07 -4.71
N ILE A 49 0.88 0.07 -5.30
CA ILE A 49 1.39 -1.08 -4.50
C ILE A 49 2.91 -1.23 -4.68
N ASP A 50 3.65 -1.11 -3.62
CA ASP A 50 5.14 -1.22 -3.75
C ASP A 50 5.65 -2.45 -2.98
N PHE A 51 6.21 -3.40 -3.69
CA PHE A 51 6.75 -4.62 -3.02
C PHE A 51 8.25 -4.72 -3.25
N VAL A 52 9.01 -5.04 -2.24
CA VAL A 52 10.48 -5.17 -2.43
C VAL A 52 10.85 -6.63 -2.67
N ARG A 53 11.49 -6.92 -3.77
CA ARG A 53 11.87 -8.32 -4.08
C ARG A 53 12.69 -8.92 -2.93
N GLY A 54 12.27 -10.04 -2.41
CA GLY A 54 13.02 -10.69 -1.30
C GLY A 54 12.55 -10.13 0.04
N ALA A 55 11.55 -9.31 0.05
CA ALA A 55 11.06 -8.74 1.34
C ALA A 55 10.09 -9.70 2.00
N LYS A 56 9.66 -9.41 3.20
CA LYS A 56 8.70 -10.32 3.89
C LYS A 56 7.37 -9.60 4.10
N GLU A 57 6.88 -8.95 3.07
CA GLU A 57 5.60 -8.21 3.18
C GLU A 57 5.47 -7.24 2.01
N GLY A 58 4.60 -6.27 2.13
CA GLY A 58 4.42 -5.27 1.03
C GLY A 58 3.62 -4.09 1.55
N ILE A 59 3.64 -2.99 0.85
CA ILE A 59 2.86 -1.80 1.32
C ILE A 59 1.91 -1.34 0.22
N ILE A 60 0.82 -0.72 0.58
CA ILE A 60 -0.11 -0.24 -0.48
C ILE A 60 -0.80 1.06 -0.07
N LEU A 61 -0.54 2.12 -0.78
CA LEU A 61 -1.21 3.41 -0.47
C LEU A 61 -2.47 3.51 -1.32
N PHE A 62 -3.54 3.95 -0.76
CA PHE A 62 -4.81 4.03 -1.54
C PHE A 62 -5.01 5.41 -2.14
N LYS A 63 -5.96 5.51 -3.03
CA LYS A 63 -6.27 6.83 -3.65
C LYS A 63 -7.11 7.65 -2.68
N GLU A 64 -7.81 6.99 -1.79
CA GLU A 64 -8.65 7.73 -0.81
C GLU A 64 -8.01 7.66 0.58
N LYS A 65 -7.13 6.71 0.76
CA LYS A 65 -6.43 6.53 2.07
C LYS A 65 -6.38 5.07 2.43
N ALA A 66 -5.21 4.58 2.59
CA ALA A 66 -5.03 3.13 2.94
C ALA A 66 -5.72 2.84 4.28
N LYS A 67 -5.54 3.69 5.24
CA LYS A 67 -6.19 3.48 6.56
C LYS A 67 -7.71 3.38 6.39
N GLU A 68 -8.24 4.06 5.41
CA GLU A 68 -9.71 4.03 5.17
C GLU A 68 -10.11 2.71 4.52
N ALA A 69 -9.54 2.42 3.39
CA ALA A 69 -9.87 1.17 2.68
C ALA A 69 -9.29 -0.04 3.42
N LEU A 70 -8.16 0.13 4.06
CA LEU A 70 -7.56 -1.03 4.77
C LEU A 70 -8.26 -1.24 6.11
N GLY A 71 -8.46 -0.21 6.85
CA GLY A 71 -9.16 -0.39 8.14
C GLY A 71 -10.58 -0.88 7.86
N LYS A 72 -11.11 -0.47 6.76
CA LYS A 72 -12.49 -0.91 6.38
C LYS A 72 -12.48 -2.34 5.83
N ALA A 73 -11.60 -2.59 4.92
CA ALA A 73 -11.51 -3.94 4.29
C ALA A 73 -10.77 -4.89 5.20
N LYS A 74 -9.85 -4.38 5.97
CA LYS A 74 -9.10 -5.25 6.91
C LYS A 74 -10.04 -5.61 8.04
N ASP A 75 -10.82 -4.65 8.40
CA ASP A 75 -11.80 -4.85 9.51
C ASP A 75 -12.92 -5.78 9.05
N ALA A 76 -13.13 -5.85 7.77
CA ALA A 76 -14.21 -6.71 7.22
C ALA A 76 -14.29 -8.03 7.98
N ASN A 77 -13.23 -8.43 8.62
CA ASN A 77 -13.28 -9.73 9.36
C ASN A 77 -12.86 -9.56 10.81
N ASN A 78 -11.58 -9.64 11.07
CA ASN A 78 -11.08 -9.51 12.47
C ASN A 78 -10.61 -8.09 12.78
N GLY A 79 -9.95 -7.46 11.85
CA GLY A 79 -9.43 -6.09 12.09
C GLY A 79 -8.24 -5.85 11.16
N ASN A 80 -7.65 -6.91 10.68
CA ASN A 80 -6.49 -6.79 9.75
C ASN A 80 -6.94 -7.26 8.37
N LEU A 81 -6.29 -6.82 7.32
CA LEU A 81 -6.74 -7.27 5.97
C LEU A 81 -5.80 -8.29 5.40
N GLN A 82 -6.31 -9.32 4.79
CA GLN A 82 -5.40 -10.31 4.17
C GLN A 82 -5.09 -9.83 2.76
N LEU A 83 -3.97 -10.19 2.23
CA LEU A 83 -3.61 -9.73 0.87
C LEU A 83 -4.10 -10.76 -0.12
N ARG A 84 -4.69 -10.31 -1.19
CA ARG A 84 -5.24 -11.25 -2.20
C ARG A 84 -6.34 -12.07 -1.56
N ASN A 85 -6.85 -11.58 -0.48
CA ASN A 85 -7.94 -12.30 0.24
C ASN A 85 -7.47 -13.71 0.61
N LYS A 86 -6.38 -13.81 1.33
CA LYS A 86 -5.84 -15.14 1.75
C LYS A 86 -4.33 -15.16 1.54
N GLU A 87 -3.65 -14.13 1.98
CA GLU A 87 -2.17 -14.08 1.78
C GLU A 87 -1.48 -13.25 2.86
N VAL A 88 -1.60 -11.95 2.81
CA VAL A 88 -0.89 -11.12 3.85
C VAL A 88 -1.81 -10.11 4.55
N THR A 89 -1.72 -10.02 5.85
CA THR A 89 -2.59 -9.07 6.60
C THR A 89 -2.00 -7.66 6.60
N TRP A 90 -2.80 -6.64 6.35
CA TRP A 90 -2.24 -5.25 6.35
C TRP A 90 -2.44 -4.59 7.69
N GLU A 91 -1.49 -3.79 8.09
CA GLU A 91 -1.57 -3.03 9.37
C GLU A 91 -1.01 -1.63 9.14
N VAL A 92 -1.81 -0.61 9.33
CA VAL A 92 -1.32 0.77 9.04
C VAL A 92 -0.21 1.20 10.02
N LEU A 93 0.91 1.60 9.49
CA LEU A 93 2.04 2.07 10.34
C LEU A 93 1.91 3.58 10.58
N GLU A 94 2.63 4.12 11.52
CA GLU A 94 2.49 5.59 11.76
C GLU A 94 3.77 6.20 12.33
N GLY A 95 3.96 7.47 12.11
CA GLY A 95 5.18 8.16 12.64
C GLY A 95 6.36 7.91 11.71
N GLU A 96 7.42 7.35 12.23
CA GLU A 96 8.63 7.09 11.38
C GLU A 96 8.36 5.95 10.41
N VAL A 97 7.64 4.94 10.83
CA VAL A 97 7.37 3.79 9.91
C VAL A 97 6.50 4.27 8.74
N GLU A 98 5.48 5.02 9.03
CA GLU A 98 4.60 5.53 7.92
C GLU A 98 5.41 6.35 6.92
N LYS A 99 6.31 7.16 7.39
CA LYS A 99 7.13 7.99 6.46
C LYS A 99 8.14 7.10 5.72
N GLU A 100 8.82 6.25 6.43
CA GLU A 100 9.82 5.36 5.78
C GLU A 100 9.23 4.71 4.54
N ALA A 101 8.13 4.01 4.69
CA ALA A 101 7.49 3.34 3.51
C ALA A 101 7.07 4.39 2.48
N LEU A 102 6.63 5.53 2.93
CA LEU A 102 6.20 6.59 1.98
C LEU A 102 7.35 6.97 1.05
N LYS A 103 8.53 7.11 1.57
CA LYS A 103 9.69 7.47 0.70
C LYS A 103 10.06 6.29 -0.19
N LYS A 104 10.10 5.12 0.37
CA LYS A 104 10.45 3.91 -0.43
C LYS A 104 9.47 3.76 -1.60
N ILE A 105 8.22 4.07 -1.39
CA ILE A 105 7.23 3.94 -2.49
C ILE A 105 7.60 4.85 -3.66
N ILE A 106 8.03 6.05 -3.38
CA ILE A 106 8.42 6.98 -4.48
C ILE A 106 9.66 6.46 -5.19
N GLU A 107 10.69 6.15 -4.45
CA GLU A 107 11.95 5.65 -5.07
C GLU A 107 11.66 4.43 -5.94
N ASP A 108 10.74 3.59 -5.52
CA ASP A 108 10.43 2.37 -6.32
C ASP A 108 9.65 2.76 -7.59
N GLN A 109 8.69 3.62 -7.46
CA GLN A 109 7.89 4.03 -8.65
C GLN A 109 8.71 4.99 -9.53
N GLN A 110 9.53 5.80 -8.91
CA GLN A 110 10.35 6.76 -9.70
C GLN A 110 11.15 6.02 -10.77
N GLU A 111 11.44 4.77 -10.54
CA GLU A 111 12.21 3.99 -11.55
C GLU A 111 11.28 3.43 -12.61
N SER A 112 10.08 3.05 -12.23
CA SER A 112 9.12 2.49 -13.22
C SER A 112 8.97 3.45 -14.41
N LEU A 113 8.87 4.72 -14.15
CA LEU A 113 8.73 5.71 -15.26
C LEU A 113 10.03 5.80 -16.06
N ASN A 114 11.06 5.12 -15.62
CA ASN A 114 12.35 5.18 -16.36
C ASN A 114 12.84 6.62 -16.47
N LYS A 115 12.49 7.30 -17.54
CA LYS A 115 12.93 8.71 -17.69
C LYS A 115 14.39 8.87 -17.24
N TRP A 116 14.68 9.92 -16.53
CA TRP A 116 16.09 10.13 -16.06
C TRP A 116 16.09 10.84 -14.70
N LYS A 117 15.28 10.40 -13.79
CA LYS A 117 15.23 11.05 -12.45
C LYS A 117 15.27 12.57 -12.60
N SER A 118 15.62 13.28 -11.56
CA SER A 118 15.67 14.77 -11.64
C SER A 118 14.33 15.31 -12.12
N LYS A 119 13.38 15.46 -11.23
CA LYS A 119 12.05 15.99 -11.64
C LYS A 119 11.80 17.35 -10.98
N GLY A 120 12.72 17.80 -10.17
CA GLY A 120 12.52 19.12 -9.49
C GLY A 120 13.79 19.96 -9.66
N ARG A 121 14.91 19.46 -9.22
CA ARG A 121 16.17 20.24 -9.35
C ARG A 121 16.03 21.60 -8.64
N HIS A 9 -21.37 13.31 2.66
CA HIS A 9 -20.16 12.70 2.05
C HIS A 9 -19.01 12.68 3.08
N HIS A 10 -18.56 13.83 3.50
CA HIS A 10 -17.46 13.88 4.48
C HIS A 10 -17.81 14.83 5.63
N GLY A 11 -17.88 14.32 6.84
CA GLY A 11 -18.23 15.18 8.00
C GLY A 11 -17.48 14.69 9.24
N SER A 12 -17.73 13.48 9.65
CA SER A 12 -17.02 12.95 10.86
C SER A 12 -15.55 12.68 10.55
N LEU A 13 -14.69 12.83 11.51
CA LEU A 13 -13.25 12.58 11.28
C LEU A 13 -12.45 13.07 12.48
N GLU A 14 -11.82 12.17 13.15
CA GLU A 14 -11.02 12.53 14.35
C GLU A 14 -9.55 12.74 13.95
N GLU A 15 -9.21 12.46 12.73
CA GLU A 15 -7.80 12.65 12.29
C GLU A 15 -7.61 12.10 10.87
N LYS A 16 -7.55 12.96 9.89
CA LYS A 16 -7.36 12.49 8.50
C LYS A 16 -5.92 12.07 8.26
N ILE A 17 -5.39 11.21 9.10
CA ILE A 17 -3.98 10.76 8.92
C ILE A 17 -3.94 9.37 8.32
N GLY A 18 -2.88 9.08 7.63
CA GLY A 18 -2.73 7.74 6.99
C GLY A 18 -2.25 7.91 5.55
N CYS A 19 -1.04 7.52 5.27
CA CYS A 19 -0.52 7.67 3.88
C CYS A 19 -0.36 6.31 3.19
N LEU A 20 0.01 5.29 3.92
CA LEU A 20 0.19 3.95 3.27
C LEU A 20 -0.03 2.82 4.28
N LEU A 21 -0.41 1.66 3.81
CA LEU A 21 -0.64 0.51 4.73
C LEU A 21 0.23 -0.69 4.31
N LYS A 22 0.61 -1.53 5.22
CA LYS A 22 1.47 -2.70 4.84
C LYS A 22 0.92 -4.01 5.38
N PHE A 23 1.23 -5.08 4.72
CA PHE A 23 0.73 -6.43 5.16
C PHE A 23 1.88 -7.44 5.15
N SER A 24 1.81 -8.45 5.98
CA SER A 24 2.92 -9.45 6.02
C SER A 24 2.40 -10.83 6.42
N GLY A 25 2.97 -11.87 5.89
CA GLY A 25 2.51 -13.24 6.25
C GLY A 25 2.70 -14.18 5.06
N ASP A 26 3.66 -13.91 4.21
CA ASP A 26 3.90 -14.77 3.00
C ASP A 26 3.12 -14.21 1.82
N LEU A 27 3.70 -13.30 1.09
CA LEU A 27 2.99 -12.69 -0.06
C LEU A 27 3.15 -13.53 -1.33
N ASP A 28 2.25 -13.38 -2.26
CA ASP A 28 2.34 -14.16 -3.52
C ASP A 28 3.13 -13.37 -4.57
N ASP A 29 3.63 -14.04 -5.58
CA ASP A 29 4.42 -13.33 -6.62
C ASP A 29 3.61 -13.23 -7.93
N GLN A 30 2.52 -13.94 -8.01
CA GLN A 30 1.70 -13.90 -9.26
C GLN A 30 0.57 -12.86 -9.13
N THR A 31 0.21 -12.52 -7.93
CA THR A 31 -0.88 -11.52 -7.74
C THR A 31 -0.74 -10.37 -8.75
N CYS A 32 -1.79 -9.64 -8.98
CA CYS A 32 -1.72 -8.50 -9.95
C CYS A 32 -2.28 -7.23 -9.31
N ARG A 33 -1.91 -6.09 -9.82
CA ARG A 33 -2.42 -4.81 -9.24
C ARG A 33 -3.93 -4.72 -9.39
N GLU A 34 -4.46 -5.14 -10.52
CA GLU A 34 -5.94 -5.06 -10.72
C GLU A 34 -6.66 -6.11 -9.87
N ASP A 35 -6.09 -7.28 -9.75
CA ASP A 35 -6.77 -8.34 -8.95
C ASP A 35 -6.84 -7.96 -7.48
N LEU A 36 -5.77 -7.50 -6.91
CA LEU A 36 -5.79 -7.11 -5.48
C LEU A 36 -6.60 -5.82 -5.28
N HIS A 37 -6.43 -4.86 -6.15
CA HIS A 37 -7.19 -3.59 -6.00
C HIS A 37 -8.69 -3.90 -6.04
N ILE A 38 -9.09 -4.86 -6.82
CA ILE A 38 -10.54 -5.20 -6.88
C ILE A 38 -11.01 -5.76 -5.53
N LEU A 39 -10.15 -6.44 -4.83
CA LEU A 39 -10.56 -7.00 -3.51
C LEU A 39 -10.79 -5.86 -2.51
N PHE A 40 -9.89 -4.92 -2.47
CA PHE A 40 -10.03 -3.78 -1.52
C PHE A 40 -10.93 -2.69 -2.10
N SER A 41 -11.48 -2.93 -3.27
CA SER A 41 -12.36 -1.90 -3.89
C SER A 41 -13.73 -1.87 -3.18
N ASN A 42 -13.74 -1.50 -1.92
CA ASN A 42 -15.03 -1.44 -1.19
C ASN A 42 -15.32 -0.01 -0.73
N HIS A 43 -14.30 0.77 -0.51
CA HIS A 43 -14.51 2.18 -0.08
C HIS A 43 -13.19 2.93 -0.14
N GLY A 44 -12.33 2.46 -0.96
CA GLY A 44 -10.99 3.09 -1.13
C GLY A 44 -10.12 2.17 -1.99
N GLU A 45 -10.01 2.47 -3.26
CA GLU A 45 -9.19 1.61 -4.16
C GLU A 45 -7.70 1.82 -3.90
N ILE A 46 -6.89 0.88 -4.30
CA ILE A 46 -5.42 1.03 -4.09
C ILE A 46 -4.85 2.02 -5.10
N LYS A 47 -3.77 2.67 -4.76
CA LYS A 47 -3.16 3.63 -5.72
C LYS A 47 -1.85 3.07 -6.27
N TRP A 48 -1.17 2.28 -5.49
CA TRP A 48 0.12 1.71 -5.99
C TRP A 48 0.62 0.60 -5.04
N ILE A 49 1.35 -0.35 -5.57
CA ILE A 49 1.88 -1.45 -4.72
C ILE A 49 3.40 -1.53 -4.82
N ASP A 50 4.09 -1.41 -3.71
CA ASP A 50 5.58 -1.48 -3.76
C ASP A 50 6.07 -2.70 -2.97
N PHE A 51 6.71 -3.62 -3.64
CA PHE A 51 7.23 -4.83 -2.93
C PHE A 51 8.74 -4.90 -3.04
N VAL A 52 9.41 -5.22 -1.96
CA VAL A 52 10.89 -5.32 -2.01
C VAL A 52 11.30 -6.78 -2.21
N ARG A 53 12.09 -7.06 -3.21
CA ARG A 53 12.51 -8.46 -3.47
C ARG A 53 13.17 -9.06 -2.23
N GLY A 54 12.67 -10.17 -1.77
CA GLY A 54 13.27 -10.83 -0.57
C GLY A 54 12.73 -10.16 0.70
N ALA A 55 11.75 -9.31 0.57
CA ALA A 55 11.18 -8.63 1.77
C ALA A 55 10.22 -9.58 2.50
N LYS A 56 9.84 -9.25 3.69
CA LYS A 56 8.90 -10.12 4.44
C LYS A 56 7.51 -9.46 4.52
N GLU A 57 7.06 -8.92 3.42
CA GLU A 57 5.74 -8.24 3.39
C GLU A 57 5.65 -7.31 2.19
N GLY A 58 4.68 -6.44 2.16
CA GLY A 58 4.56 -5.49 1.01
C GLY A 58 3.78 -4.26 1.48
N ILE A 59 3.95 -3.15 0.82
CA ILE A 59 3.20 -1.94 1.23
C ILE A 59 2.30 -1.46 0.09
N ILE A 60 1.15 -0.94 0.40
CA ILE A 60 0.28 -0.47 -0.70
C ILE A 60 -0.43 0.84 -0.33
N LEU A 61 -0.14 1.90 -1.02
CA LEU A 61 -0.82 3.19 -0.71
C LEU A 61 -2.04 3.30 -1.60
N PHE A 62 -3.14 3.72 -1.05
CA PHE A 62 -4.38 3.81 -1.86
C PHE A 62 -4.55 5.18 -2.49
N LYS A 63 -5.49 5.28 -3.38
CA LYS A 63 -5.76 6.57 -4.06
C LYS A 63 -6.59 7.45 -3.12
N GLU A 64 -7.32 6.84 -2.22
CA GLU A 64 -8.15 7.65 -1.29
C GLU A 64 -7.63 7.54 0.14
N LYS A 65 -6.86 6.52 0.42
CA LYS A 65 -6.29 6.31 1.79
C LYS A 65 -6.14 4.83 2.07
N ALA A 66 -4.94 4.39 2.25
CA ALA A 66 -4.72 2.95 2.53
C ALA A 66 -5.30 2.60 3.90
N LYS A 67 -5.02 3.39 4.89
CA LYS A 67 -5.55 3.12 6.25
C LYS A 67 -7.08 3.08 6.23
N GLU A 68 -7.68 3.84 5.35
CA GLU A 68 -9.16 3.87 5.25
C GLU A 68 -9.66 2.60 4.59
N ALA A 69 -9.16 2.33 3.42
CA ALA A 69 -9.59 1.10 2.69
C ALA A 69 -9.03 -0.14 3.39
N LEU A 70 -7.87 -0.02 3.98
CA LEU A 70 -7.27 -1.22 4.65
C LEU A 70 -7.95 -1.48 5.98
N GLY A 71 -8.11 -0.46 6.78
CA GLY A 71 -8.76 -0.64 8.09
C GLY A 71 -10.23 -1.00 7.85
N LYS A 72 -10.78 -0.51 6.78
CA LYS A 72 -12.20 -0.82 6.47
C LYS A 72 -12.33 -2.25 5.95
N ALA A 73 -11.49 -2.60 5.01
CA ALA A 73 -11.53 -3.96 4.43
C ALA A 73 -10.85 -4.93 5.39
N LYS A 74 -9.88 -4.45 6.12
CA LYS A 74 -9.19 -5.33 7.10
C LYS A 74 -10.19 -5.63 8.19
N ASP A 75 -10.94 -4.62 8.52
CA ASP A 75 -11.96 -4.76 9.59
C ASP A 75 -13.18 -5.52 9.09
N ALA A 76 -13.46 -5.42 7.82
CA ALA A 76 -14.63 -6.11 7.23
C ALA A 76 -14.77 -7.52 7.82
N ASN A 77 -13.73 -8.08 8.34
CA ASN A 77 -13.84 -9.45 8.90
C ASN A 77 -13.42 -9.50 10.36
N ASN A 78 -12.15 -9.67 10.61
CA ASN A 78 -11.67 -9.75 12.02
C ASN A 78 -11.13 -8.42 12.53
N GLY A 79 -10.47 -7.68 11.70
CA GLY A 79 -9.89 -6.37 12.14
C GLY A 79 -8.62 -6.10 11.34
N ASN A 80 -8.11 -7.12 10.70
CA ASN A 80 -6.88 -6.97 9.87
C ASN A 80 -7.21 -7.37 8.43
N LEU A 81 -6.50 -6.89 7.46
CA LEU A 81 -6.83 -7.29 6.06
C LEU A 81 -5.80 -8.26 5.53
N GLN A 82 -6.23 -9.28 4.83
CA GLN A 82 -5.24 -10.23 4.26
C GLN A 82 -5.02 -9.87 2.79
N LEU A 83 -3.89 -10.16 2.26
CA LEU A 83 -3.65 -9.81 0.83
C LEU A 83 -4.08 -10.98 -0.03
N ARG A 84 -4.64 -10.70 -1.16
CA ARG A 84 -5.14 -11.78 -2.04
C ARG A 84 -6.40 -12.35 -1.42
N ASN A 85 -6.89 -11.67 -0.44
CA ASN A 85 -8.12 -12.08 0.29
C ASN A 85 -7.75 -12.86 1.56
N LYS A 86 -6.66 -13.59 1.53
CA LYS A 86 -6.27 -14.37 2.74
C LYS A 86 -4.81 -14.81 2.65
N GLU A 87 -3.93 -13.90 2.38
CA GLU A 87 -2.49 -14.27 2.27
C GLU A 87 -1.65 -13.44 3.25
N VAL A 88 -1.80 -12.14 3.21
CA VAL A 88 -1.02 -11.27 4.13
C VAL A 88 -1.90 -10.25 4.83
N THR A 89 -1.73 -10.07 6.10
CA THR A 89 -2.59 -9.09 6.82
C THR A 89 -1.95 -7.69 6.78
N TRP A 90 -2.70 -6.68 6.39
CA TRP A 90 -2.10 -5.32 6.36
C TRP A 90 -2.54 -4.52 7.57
N GLU A 91 -1.66 -3.69 8.05
CA GLU A 91 -1.96 -2.82 9.22
C GLU A 91 -1.20 -1.50 9.03
N VAL A 92 -1.85 -0.39 9.23
CA VAL A 92 -1.15 0.91 9.04
C VAL A 92 -0.07 1.11 10.10
N LEU A 93 1.11 1.47 9.68
CA LEU A 93 2.23 1.68 10.65
C LEU A 93 2.03 2.99 11.42
N GLU A 94 3.08 3.50 12.01
CA GLU A 94 2.95 4.78 12.75
C GLU A 94 3.48 5.95 11.91
N GLY A 95 3.23 7.15 12.32
CA GLY A 95 3.72 8.32 11.54
C GLY A 95 5.20 8.13 11.18
N GLU A 96 5.99 7.66 12.11
CA GLU A 96 7.44 7.47 11.84
C GLU A 96 7.67 6.29 10.90
N VAL A 97 7.09 5.16 11.20
CA VAL A 97 7.28 3.96 10.32
C VAL A 97 6.46 4.09 9.03
N GLU A 98 5.27 4.60 9.14
CA GLU A 98 4.42 4.74 7.92
C GLU A 98 5.08 5.70 6.92
N LYS A 99 5.74 6.70 7.40
CA LYS A 99 6.40 7.67 6.48
C LYS A 99 7.61 7.03 5.81
N GLU A 100 8.41 6.32 6.57
CA GLU A 100 9.61 5.66 5.97
C GLU A 100 9.21 4.88 4.73
N ALA A 101 8.03 4.30 4.72
CA ALA A 101 7.58 3.53 3.53
C ALA A 101 7.23 4.47 2.38
N LEU A 102 6.67 5.60 2.70
CA LEU A 102 6.30 6.57 1.63
C LEU A 102 7.53 6.96 0.80
N LYS A 103 8.64 7.21 1.45
CA LYS A 103 9.87 7.58 0.69
C LYS A 103 10.31 6.43 -0.21
N LYS A 104 10.32 5.24 0.31
CA LYS A 104 10.72 4.07 -0.51
C LYS A 104 9.78 3.90 -1.71
N ILE A 105 8.51 4.16 -1.52
CA ILE A 105 7.55 4.01 -2.65
C ILE A 105 7.76 5.12 -3.67
N ILE A 106 8.12 6.29 -3.23
CA ILE A 106 8.33 7.42 -4.19
C ILE A 106 9.50 7.10 -5.13
N GLU A 107 10.62 6.72 -4.59
CA GLU A 107 11.80 6.40 -5.45
C GLU A 107 11.43 5.35 -6.49
N ASP A 108 10.57 4.43 -6.14
CA ASP A 108 10.18 3.37 -7.12
C ASP A 108 9.26 3.98 -8.20
N GLN A 109 8.40 4.87 -7.80
CA GLN A 109 7.48 5.49 -8.79
C GLN A 109 8.25 6.46 -9.70
N GLN A 110 9.23 7.12 -9.16
CA GLN A 110 10.03 8.07 -9.99
C GLN A 110 10.54 7.38 -11.25
N GLU A 111 10.73 6.10 -11.20
CA GLU A 111 11.22 5.37 -12.41
C GLU A 111 10.28 5.61 -13.60
N SER A 112 8.99 5.59 -13.36
CA SER A 112 8.03 5.82 -14.47
C SER A 112 7.81 7.32 -14.67
N LEU A 113 7.95 8.09 -13.63
CA LEU A 113 7.75 9.57 -13.76
C LEU A 113 8.90 10.19 -14.59
N ASN A 114 10.03 9.55 -14.62
CA ASN A 114 11.17 10.10 -15.40
C ASN A 114 10.82 10.16 -16.88
N LYS A 115 10.30 11.27 -17.34
CA LYS A 115 9.94 11.39 -18.77
C LYS A 115 10.85 12.40 -19.46
N TRP A 116 11.51 12.01 -20.51
CA TRP A 116 12.42 12.95 -21.23
C TRP A 116 12.06 12.99 -22.72
N LYS A 117 10.86 13.40 -23.04
CA LYS A 117 10.45 13.47 -24.48
C LYS A 117 10.35 14.92 -24.92
N SER A 118 9.77 15.77 -24.11
CA SER A 118 9.64 17.20 -24.49
C SER A 118 11.02 17.83 -24.67
N LYS A 119 11.08 19.13 -24.80
CA LYS A 119 12.40 19.80 -24.98
C LYS A 119 13.11 19.25 -26.21
N GLY A 120 14.13 19.93 -26.68
CA GLY A 120 14.86 19.44 -27.88
C GLY A 120 14.35 20.19 -29.12
N ARG A 121 15.10 20.14 -30.19
CA ARG A 121 14.65 20.84 -31.44
C ARG A 121 15.26 20.17 -32.67
N HIS A 9 -9.30 0.21 14.75
CA HIS A 9 -9.67 1.50 15.39
C HIS A 9 -10.08 2.53 14.33
N HIS A 10 -11.14 2.26 13.62
CA HIS A 10 -11.59 3.22 12.57
C HIS A 10 -11.74 4.63 13.16
N GLY A 11 -12.23 4.73 14.36
CA GLY A 11 -12.40 6.07 14.99
C GLY A 11 -11.07 6.83 14.92
N SER A 12 -11.01 7.88 14.16
CA SER A 12 -9.75 8.67 14.05
C SER A 12 -9.84 9.94 14.89
N LEU A 13 -8.77 10.34 15.51
CA LEU A 13 -8.79 11.56 16.33
C LEU A 13 -7.75 12.54 15.82
N GLU A 14 -6.91 12.97 16.69
CA GLU A 14 -5.84 13.93 16.33
C GLU A 14 -4.76 13.23 15.49
N GLU A 15 -4.86 11.94 15.34
CA GLU A 15 -3.84 11.20 14.55
C GLU A 15 -4.46 10.69 13.25
N LYS A 16 -4.84 11.59 12.37
CA LYS A 16 -5.45 11.15 11.08
C LYS A 16 -4.36 10.91 10.04
N ILE A 17 -3.35 10.17 10.39
CA ILE A 17 -2.24 9.90 9.42
C ILE A 17 -2.23 8.44 9.02
N GLY A 18 -1.76 8.16 7.84
CA GLY A 18 -1.70 6.76 7.35
C GLY A 18 -2.06 6.71 5.87
N CYS A 19 -1.22 7.25 5.03
CA CYS A 19 -1.51 7.23 3.57
C CYS A 19 -0.97 5.94 2.93
N LEU A 20 -0.41 5.07 3.71
CA LEU A 20 0.15 3.80 3.16
C LEU A 20 0.09 2.70 4.21
N LEU A 21 -0.33 1.52 3.83
CA LEU A 21 -0.40 0.40 4.82
C LEU A 21 0.41 -0.81 4.35
N LYS A 22 0.81 -1.67 5.25
CA LYS A 22 1.61 -2.85 4.82
C LYS A 22 1.01 -4.14 5.37
N PHE A 23 1.24 -5.21 4.67
CA PHE A 23 0.71 -6.54 5.12
C PHE A 23 1.83 -7.57 5.17
N SER A 24 1.69 -8.57 6.00
CA SER A 24 2.78 -9.60 6.12
C SER A 24 2.19 -10.97 6.48
N GLY A 25 2.77 -12.02 5.99
CA GLY A 25 2.26 -13.39 6.30
C GLY A 25 2.48 -14.30 5.08
N ASP A 26 1.52 -15.12 4.76
CA ASP A 26 1.69 -16.02 3.58
C ASP A 26 1.56 -15.21 2.29
N LEU A 27 2.57 -14.46 1.93
CA LEU A 27 2.50 -13.63 0.69
C LEU A 27 2.59 -14.52 -0.55
N ASP A 28 1.73 -14.30 -1.51
CA ASP A 28 1.77 -15.12 -2.76
C ASP A 28 2.67 -14.46 -3.79
N ASP A 29 3.13 -15.21 -4.76
CA ASP A 29 4.02 -14.61 -5.81
C ASP A 29 3.31 -14.62 -7.17
N GLN A 30 2.25 -15.36 -7.29
CA GLN A 30 1.51 -15.41 -8.60
C GLN A 30 0.37 -14.38 -8.60
N THR A 31 -0.19 -14.09 -7.47
CA THR A 31 -1.31 -13.11 -7.42
C THR A 31 -0.98 -11.90 -8.30
N CYS A 32 -1.99 -11.27 -8.85
CA CYS A 32 -1.74 -10.09 -9.72
C CYS A 32 -2.21 -8.81 -9.03
N ARG A 33 -1.70 -7.67 -9.44
CA ARG A 33 -2.13 -6.39 -8.81
C ARG A 33 -3.59 -6.08 -9.16
N GLU A 34 -4.02 -6.47 -10.32
CA GLU A 34 -5.43 -6.18 -10.72
C GLU A 34 -6.42 -6.99 -9.88
N ASP A 35 -6.11 -8.21 -9.55
CA ASP A 35 -7.05 -9.03 -8.74
C ASP A 35 -7.14 -8.51 -7.31
N LEU A 36 -6.03 -8.25 -6.69
CA LEU A 36 -6.06 -7.75 -5.28
C LEU A 36 -6.55 -6.29 -5.24
N HIS A 37 -6.09 -5.46 -6.13
CA HIS A 37 -6.52 -4.04 -6.14
C HIS A 37 -8.05 -3.94 -6.32
N ILE A 38 -8.61 -4.82 -7.10
CA ILE A 38 -10.08 -4.79 -7.34
C ILE A 38 -10.84 -5.18 -6.07
N LEU A 39 -10.28 -6.06 -5.28
CA LEU A 39 -10.99 -6.50 -4.04
C LEU A 39 -11.11 -5.35 -3.03
N PHE A 40 -10.15 -4.47 -2.99
CA PHE A 40 -10.23 -3.33 -2.03
C PHE A 40 -11.28 -2.32 -2.50
N SER A 41 -11.96 -2.62 -3.57
CA SER A 41 -13.00 -1.69 -4.09
C SER A 41 -14.17 -1.56 -3.11
N ASN A 42 -13.89 -1.20 -1.89
CA ASN A 42 -14.98 -1.05 -0.89
C ASN A 42 -14.90 0.37 -0.30
N HIS A 43 -13.85 1.06 -0.64
CA HIS A 43 -13.63 2.43 -0.16
C HIS A 43 -12.60 3.03 -1.07
N GLY A 44 -11.53 3.45 -0.50
CA GLY A 44 -10.43 4.01 -1.31
C GLY A 44 -9.76 2.87 -2.08
N GLU A 45 -9.71 2.98 -3.37
CA GLU A 45 -9.08 1.90 -4.18
C GLU A 45 -7.56 1.94 -4.02
N ILE A 46 -6.87 0.91 -4.44
CA ILE A 46 -5.40 0.91 -4.31
C ILE A 46 -4.77 1.82 -5.36
N LYS A 47 -3.76 2.56 -4.99
CA LYS A 47 -3.10 3.45 -5.97
C LYS A 47 -1.79 2.82 -6.44
N TRP A 48 -1.11 2.14 -5.57
CA TRP A 48 0.17 1.49 -5.98
C TRP A 48 0.62 0.43 -4.96
N ILE A 49 1.34 -0.55 -5.42
CA ILE A 49 1.81 -1.63 -4.49
C ILE A 49 3.31 -1.86 -4.66
N ASP A 50 4.05 -1.85 -3.58
CA ASP A 50 5.52 -2.09 -3.68
C ASP A 50 5.89 -3.39 -2.95
N PHE A 51 6.34 -4.36 -3.68
CA PHE A 51 6.73 -5.66 -3.04
C PHE A 51 8.21 -5.94 -3.29
N VAL A 52 8.92 -6.38 -2.27
CA VAL A 52 10.36 -6.69 -2.46
C VAL A 52 10.53 -8.18 -2.71
N ARG A 53 11.23 -8.55 -3.74
CA ARG A 53 11.42 -10.00 -4.04
C ARG A 53 12.00 -10.72 -2.82
N GLY A 54 11.38 -11.80 -2.42
CA GLY A 54 11.88 -12.55 -1.23
C GLY A 54 11.58 -11.78 0.05
N ALA A 55 10.74 -10.79 -0.04
CA ALA A 55 10.40 -10.00 1.19
C ALA A 55 9.43 -10.78 2.07
N LYS A 56 9.31 -10.40 3.31
CA LYS A 56 8.38 -11.11 4.23
C LYS A 56 7.02 -10.40 4.23
N GLU A 57 6.92 -9.30 3.54
CA GLU A 57 5.64 -8.55 3.51
C GLU A 57 5.61 -7.62 2.30
N GLY A 58 4.70 -6.68 2.27
CA GLY A 58 4.63 -5.73 1.12
C GLY A 58 3.76 -4.54 1.52
N ILE A 59 3.96 -3.41 0.91
CA ILE A 59 3.16 -2.21 1.27
C ILE A 59 2.33 -1.74 0.07
N ILE A 60 1.22 -1.10 0.32
CA ILE A 60 0.38 -0.61 -0.79
C ILE A 60 -0.27 0.73 -0.45
N LEU A 61 0.06 1.78 -1.14
CA LEU A 61 -0.55 3.10 -0.83
C LEU A 61 -1.82 3.26 -1.66
N PHE A 62 -2.87 3.74 -1.06
CA PHE A 62 -4.14 3.89 -1.81
C PHE A 62 -4.27 5.29 -2.41
N LYS A 63 -5.24 5.45 -3.26
CA LYS A 63 -5.47 6.77 -3.90
C LYS A 63 -6.23 7.67 -2.94
N GLU A 64 -6.97 7.09 -2.03
CA GLU A 64 -7.75 7.93 -1.07
C GLU A 64 -7.21 7.77 0.35
N LYS A 65 -6.50 6.71 0.59
CA LYS A 65 -5.92 6.46 1.95
C LYS A 65 -5.72 4.97 2.16
N ALA A 66 -4.50 4.57 2.30
CA ALA A 66 -4.21 3.13 2.53
C ALA A 66 -4.78 2.67 3.87
N LYS A 67 -4.59 3.46 4.88
CA LYS A 67 -5.11 3.11 6.23
C LYS A 67 -6.64 3.06 6.23
N GLU A 68 -7.26 3.85 5.41
CA GLU A 68 -8.75 3.87 5.35
C GLU A 68 -9.28 2.63 4.65
N ALA A 69 -8.77 2.36 3.49
CA ALA A 69 -9.21 1.15 2.75
C ALA A 69 -8.69 -0.10 3.45
N LEU A 70 -7.54 0.00 4.06
CA LEU A 70 -6.97 -1.20 4.74
C LEU A 70 -7.67 -1.46 6.06
N GLY A 71 -7.84 -0.44 6.84
CA GLY A 71 -8.52 -0.59 8.15
C GLY A 71 -10.01 -0.82 7.91
N LYS A 72 -10.51 -0.27 6.85
CA LYS A 72 -11.97 -0.46 6.54
C LYS A 72 -12.20 -1.88 6.04
N ALA A 73 -11.38 -2.30 5.12
CA ALA A 73 -11.51 -3.67 4.55
C ALA A 73 -10.89 -4.66 5.53
N LYS A 74 -9.89 -4.24 6.25
CA LYS A 74 -9.28 -5.16 7.24
C LYS A 74 -10.31 -5.43 8.33
N ASP A 75 -11.14 -4.46 8.57
CA ASP A 75 -12.18 -4.62 9.62
C ASP A 75 -13.33 -5.48 9.10
N ALA A 76 -13.53 -5.47 7.82
CA ALA A 76 -14.63 -6.25 7.22
C ALA A 76 -14.74 -7.64 7.85
N ASN A 77 -13.69 -8.11 8.47
CA ASN A 77 -13.79 -9.47 9.07
C ASN A 77 -13.29 -9.52 10.51
N ASN A 78 -12.02 -9.69 10.69
CA ASN A 78 -11.46 -9.81 12.07
C ASN A 78 -10.90 -8.51 12.63
N GLY A 79 -10.30 -7.70 11.81
CA GLY A 79 -9.70 -6.44 12.33
C GLY A 79 -8.39 -6.20 11.56
N ASN A 80 -7.95 -7.21 10.86
CA ASN A 80 -6.72 -7.09 10.02
C ASN A 80 -7.10 -7.45 8.59
N LEU A 81 -6.51 -6.82 7.59
CA LEU A 81 -6.91 -7.18 6.20
C LEU A 81 -5.94 -8.19 5.62
N GLN A 82 -6.45 -9.18 4.92
CA GLN A 82 -5.54 -10.16 4.30
C GLN A 82 -5.28 -9.72 2.85
N LEU A 83 -4.17 -10.08 2.30
CA LEU A 83 -3.87 -9.67 0.91
C LEU A 83 -4.36 -10.74 -0.05
N ARG A 84 -5.01 -10.33 -1.10
CA ARG A 84 -5.55 -11.31 -2.07
C ARG A 84 -6.66 -12.11 -1.42
N ASN A 85 -7.16 -11.59 -0.34
CA ASN A 85 -8.24 -12.30 0.41
C ASN A 85 -7.78 -13.71 0.77
N LYS A 86 -6.68 -13.81 1.48
CA LYS A 86 -6.13 -15.14 1.91
C LYS A 86 -4.62 -15.18 1.66
N GLU A 87 -3.91 -14.15 2.05
CA GLU A 87 -2.45 -14.14 1.81
C GLU A 87 -1.70 -13.34 2.88
N VAL A 88 -1.86 -12.05 2.91
CA VAL A 88 -1.11 -11.25 3.94
C VAL A 88 -2.01 -10.25 4.69
N THR A 89 -1.83 -10.13 5.98
CA THR A 89 -2.66 -9.16 6.74
C THR A 89 -1.99 -7.78 6.73
N TRP A 90 -2.73 -6.73 6.46
CA TRP A 90 -2.07 -5.38 6.45
C TRP A 90 -2.51 -4.55 7.63
N GLU A 91 -1.62 -3.72 8.11
CA GLU A 91 -1.93 -2.82 9.26
C GLU A 91 -1.15 -1.51 9.07
N VAL A 92 -1.77 -0.39 9.30
CA VAL A 92 -1.06 0.90 9.12
C VAL A 92 0.06 1.06 10.15
N LEU A 93 1.22 1.46 9.71
CA LEU A 93 2.36 1.64 10.66
C LEU A 93 2.17 2.91 11.48
N GLU A 94 3.23 3.45 12.01
CA GLU A 94 3.12 4.69 12.83
C GLU A 94 3.54 5.89 11.99
N GLY A 95 3.35 7.08 12.49
CA GLY A 95 3.74 8.29 11.72
C GLY A 95 5.19 8.16 11.23
N GLU A 96 6.07 7.73 12.09
CA GLU A 96 7.51 7.60 11.68
C GLU A 96 7.71 6.41 10.73
N VAL A 97 7.19 5.26 11.09
CA VAL A 97 7.37 4.06 10.21
C VAL A 97 6.47 4.15 8.99
N GLU A 98 5.27 4.64 9.15
CA GLU A 98 4.35 4.76 8.00
C GLU A 98 4.90 5.76 6.98
N LYS A 99 5.52 6.81 7.45
CA LYS A 99 6.09 7.81 6.51
C LYS A 99 7.33 7.26 5.80
N GLU A 100 8.20 6.64 6.54
CA GLU A 100 9.43 6.07 5.92
C GLU A 100 9.07 5.26 4.67
N ALA A 101 7.95 4.60 4.69
CA ALA A 101 7.53 3.80 3.50
C ALA A 101 6.96 4.72 2.42
N LEU A 102 6.27 5.75 2.81
CA LEU A 102 5.69 6.69 1.82
C LEU A 102 6.80 7.29 0.95
N LYS A 103 7.89 7.70 1.54
CA LYS A 103 8.99 8.29 0.74
C LYS A 103 9.68 7.21 -0.11
N LYS A 104 9.96 6.09 0.49
CA LYS A 104 10.62 4.98 -0.28
C LYS A 104 9.75 4.60 -1.48
N ILE A 105 8.46 4.60 -1.32
CA ILE A 105 7.56 4.22 -2.45
C ILE A 105 7.61 5.31 -3.54
N ILE A 106 7.78 6.54 -3.15
CA ILE A 106 7.84 7.64 -4.16
C ILE A 106 9.04 7.44 -5.10
N GLU A 107 10.19 7.23 -4.55
CA GLU A 107 11.40 7.03 -5.40
C GLU A 107 11.18 5.85 -6.34
N ASP A 108 10.40 4.88 -5.94
CA ASP A 108 10.15 3.71 -6.81
C ASP A 108 9.32 4.12 -8.03
N GLN A 109 8.37 4.99 -7.83
CA GLN A 109 7.52 5.44 -8.96
C GLN A 109 8.30 6.38 -9.89
N GLN A 110 8.92 7.38 -9.33
CA GLN A 110 9.69 8.33 -10.15
C GLN A 110 10.91 7.63 -10.77
N GLU A 111 11.41 6.62 -10.12
CA GLU A 111 12.59 5.89 -10.66
C GLU A 111 12.20 5.06 -11.89
N SER A 112 11.15 4.31 -11.78
CA SER A 112 10.71 3.47 -12.94
C SER A 112 10.18 4.37 -14.07
N LEU A 113 9.61 5.50 -13.72
CA LEU A 113 9.07 6.41 -14.76
C LEU A 113 10.21 6.97 -15.62
N ASN A 114 11.41 6.94 -15.11
CA ASN A 114 12.57 7.47 -15.90
C ASN A 114 12.25 8.87 -16.43
N LYS A 115 12.88 9.26 -17.50
CA LYS A 115 12.60 10.61 -18.07
C LYS A 115 11.59 10.52 -19.21
N TRP A 116 10.33 10.40 -18.87
CA TRP A 116 9.28 10.30 -19.93
C TRP A 116 8.50 11.62 -20.03
N LYS A 117 9.18 12.72 -19.98
CA LYS A 117 8.47 14.04 -20.07
C LYS A 117 9.45 15.14 -20.49
N SER A 118 10.19 14.92 -21.54
CA SER A 118 11.17 15.95 -21.99
C SER A 118 10.53 17.34 -21.92
N LYS A 119 11.33 18.37 -21.96
CA LYS A 119 10.76 19.75 -21.91
C LYS A 119 11.84 20.77 -22.29
N GLY A 120 12.60 20.48 -23.31
CA GLY A 120 13.67 21.44 -23.74
C GLY A 120 14.32 20.94 -25.02
N ARG A 121 15.63 20.95 -25.09
CA ARG A 121 16.32 20.47 -26.32
C ARG A 121 15.87 19.05 -26.65
N HIS A 9 1.56 26.23 -10.62
CA HIS A 9 0.24 26.40 -9.94
C HIS A 9 0.03 25.30 -8.90
N HIS A 10 0.54 24.13 -9.16
CA HIS A 10 0.37 23.01 -8.18
C HIS A 10 1.66 22.81 -7.38
N GLY A 11 2.06 23.80 -6.61
CA GLY A 11 3.30 23.66 -5.81
C GLY A 11 2.94 23.23 -4.38
N SER A 12 2.02 23.91 -3.76
CA SER A 12 1.63 23.54 -2.37
C SER A 12 0.29 22.81 -2.38
N LEU A 13 0.19 21.73 -1.63
CA LEU A 13 -1.08 20.98 -1.58
C LEU A 13 -1.56 20.88 -0.15
N GLU A 14 -1.81 19.69 0.27
CA GLU A 14 -2.29 19.46 1.66
C GLU A 14 -1.11 19.46 2.65
N GLU A 15 0.05 19.10 2.18
CA GLU A 15 1.24 19.07 3.08
C GLU A 15 0.99 18.12 4.26
N LYS A 16 0.52 16.94 3.98
CA LYS A 16 0.25 15.97 5.08
C LYS A 16 -0.24 14.64 4.51
N ILE A 17 0.67 13.77 4.14
CA ILE A 17 0.25 12.46 3.57
C ILE A 17 0.31 11.37 4.64
N GLY A 18 -0.49 10.38 4.48
CA GLY A 18 -0.52 9.25 5.47
C GLY A 18 -1.44 8.14 4.94
N CYS A 19 -1.41 7.89 3.67
CA CYS A 19 -2.29 6.82 3.11
C CYS A 19 -1.43 5.63 2.65
N LEU A 20 -0.72 5.02 3.56
CA LEU A 20 0.13 3.86 3.17
C LEU A 20 -0.04 2.72 4.18
N LEU A 21 -0.45 1.56 3.71
CA LEU A 21 -0.64 0.40 4.64
C LEU A 21 0.21 -0.78 4.18
N LYS A 22 0.65 -1.62 5.10
CA LYS A 22 1.49 -2.78 4.68
C LYS A 22 0.93 -4.08 5.23
N PHE A 23 1.20 -5.15 4.55
CA PHE A 23 0.71 -6.48 5.01
C PHE A 23 1.86 -7.48 5.10
N SER A 24 1.75 -8.48 5.95
CA SER A 24 2.86 -9.45 6.10
C SER A 24 2.34 -10.86 6.34
N GLY A 25 3.08 -11.85 5.92
CA GLY A 25 2.62 -13.26 6.11
C GLY A 25 2.82 -14.01 4.78
N ASP A 26 1.84 -14.75 4.35
CA ASP A 26 1.98 -15.49 3.07
C ASP A 26 1.99 -14.50 1.90
N LEU A 27 3.12 -14.32 1.28
CA LEU A 27 3.19 -13.35 0.14
C LEU A 27 2.95 -14.07 -1.19
N ASP A 28 2.11 -13.54 -2.03
CA ASP A 28 1.84 -14.19 -3.35
C ASP A 28 2.80 -13.66 -4.41
N ASP A 29 2.97 -14.38 -5.48
CA ASP A 29 3.89 -13.92 -6.56
C ASP A 29 3.16 -13.88 -7.90
N GLN A 30 2.08 -14.61 -8.02
CA GLN A 30 1.31 -14.62 -9.30
C GLN A 30 0.18 -13.60 -9.25
N THR A 31 -0.29 -13.29 -8.07
CA THR A 31 -1.41 -12.31 -7.94
C THR A 31 -1.24 -11.16 -8.95
N CYS A 32 -2.30 -10.77 -9.60
CA CYS A 32 -2.20 -9.66 -10.59
C CYS A 32 -2.46 -8.32 -9.91
N ARG A 33 -2.01 -7.24 -10.50
CA ARG A 33 -2.23 -5.89 -9.89
C ARG A 33 -3.73 -5.56 -9.88
N GLU A 34 -4.43 -5.94 -10.91
CA GLU A 34 -5.90 -5.63 -10.97
C GLU A 34 -6.67 -6.52 -9.99
N ASP A 35 -6.27 -7.76 -9.86
CA ASP A 35 -7.00 -8.69 -8.94
C ASP A 35 -6.97 -8.17 -7.49
N LEU A 36 -5.84 -7.76 -7.03
CA LEU A 36 -5.76 -7.27 -5.61
C LEU A 36 -6.62 -6.01 -5.43
N HIS A 37 -6.54 -5.08 -6.33
CA HIS A 37 -7.35 -3.84 -6.20
C HIS A 37 -8.85 -4.17 -6.14
N ILE A 38 -9.26 -5.18 -6.86
CA ILE A 38 -10.71 -5.55 -6.85
C ILE A 38 -11.13 -6.02 -5.46
N LEU A 39 -10.24 -6.63 -4.74
CA LEU A 39 -10.60 -7.12 -3.36
C LEU A 39 -10.82 -5.93 -2.43
N PHE A 40 -9.93 -4.98 -2.48
CA PHE A 40 -10.05 -3.78 -1.59
C PHE A 40 -10.98 -2.75 -2.23
N SER A 41 -11.57 -3.07 -3.35
CA SER A 41 -12.49 -2.09 -4.01
C SER A 41 -13.85 -2.08 -3.30
N ASN A 42 -13.92 -1.44 -2.16
CA ASN A 42 -15.22 -1.38 -1.43
C ASN A 42 -15.50 0.04 -0.94
N HIS A 43 -14.46 0.75 -0.57
CA HIS A 43 -14.64 2.15 -0.10
C HIS A 43 -13.31 2.87 -0.14
N GLY A 44 -12.45 2.39 -0.98
CA GLY A 44 -11.09 2.99 -1.12
C GLY A 44 -10.25 2.07 -1.99
N GLU A 45 -10.16 2.36 -3.26
CA GLU A 45 -9.38 1.49 -4.19
C GLU A 45 -7.88 1.68 -3.95
N ILE A 46 -7.09 0.73 -4.39
CA ILE A 46 -5.61 0.86 -4.20
C ILE A 46 -5.05 1.84 -5.23
N LYS A 47 -3.97 2.49 -4.90
CA LYS A 47 -3.37 3.46 -5.86
C LYS A 47 -2.03 2.89 -6.36
N TRP A 48 -1.35 2.16 -5.52
CA TRP A 48 -0.05 1.57 -5.95
C TRP A 48 0.44 0.52 -4.94
N ILE A 49 1.16 -0.45 -5.41
CA ILE A 49 1.68 -1.52 -4.50
C ILE A 49 3.20 -1.63 -4.62
N ASP A 50 3.90 -1.50 -3.54
CA ASP A 50 5.39 -1.59 -3.61
C ASP A 50 5.90 -2.83 -2.86
N PHE A 51 6.46 -3.77 -3.56
CA PHE A 51 6.99 -4.99 -2.90
C PHE A 51 8.50 -5.11 -3.09
N VAL A 52 9.22 -5.44 -2.06
CA VAL A 52 10.70 -5.58 -2.20
C VAL A 52 11.05 -7.06 -2.43
N ARG A 53 11.96 -7.33 -3.33
CA ARG A 53 12.33 -8.75 -3.60
C ARG A 53 12.77 -9.43 -2.30
N GLY A 54 12.36 -10.66 -2.11
CA GLY A 54 12.74 -11.40 -0.87
C GLY A 54 12.25 -10.62 0.36
N ALA A 55 11.37 -9.68 0.17
CA ALA A 55 10.86 -8.90 1.33
C ALA A 55 9.95 -9.79 2.20
N LYS A 56 9.85 -9.48 3.47
CA LYS A 56 8.98 -10.29 4.36
C LYS A 56 7.56 -9.72 4.37
N GLU A 57 7.31 -8.72 3.58
CA GLU A 57 5.94 -8.11 3.55
C GLU A 57 5.80 -7.22 2.31
N GLY A 58 4.83 -6.35 2.31
CA GLY A 58 4.64 -5.44 1.14
C GLY A 58 3.75 -4.27 1.56
N ILE A 59 3.88 -3.15 0.91
CA ILE A 59 3.03 -1.98 1.29
C ILE A 59 2.17 -1.56 0.10
N ILE A 60 1.04 -0.96 0.37
CA ILE A 60 0.17 -0.52 -0.75
C ILE A 60 -0.55 0.79 -0.39
N LEU A 61 -0.27 1.83 -1.10
CA LEU A 61 -0.97 3.13 -0.81
C LEU A 61 -2.20 3.22 -1.71
N PHE A 62 -3.29 3.66 -1.15
CA PHE A 62 -4.55 3.73 -1.94
C PHE A 62 -4.74 5.10 -2.57
N LYS A 63 -5.67 5.18 -3.49
CA LYS A 63 -5.96 6.48 -4.15
C LYS A 63 -6.79 7.35 -3.21
N GLU A 64 -7.50 6.73 -2.29
CA GLU A 64 -8.32 7.54 -1.35
C GLU A 64 -7.75 7.47 0.06
N LYS A 65 -6.94 6.48 0.32
CA LYS A 65 -6.31 6.31 1.67
C LYS A 65 -6.14 4.83 1.97
N ALA A 66 -4.94 4.39 2.11
CA ALA A 66 -4.71 2.94 2.41
C ALA A 66 -5.29 2.62 3.79
N LYS A 67 -4.99 3.43 4.76
CA LYS A 67 -5.52 3.19 6.13
C LYS A 67 -7.05 3.18 6.12
N GLU A 68 -7.65 3.94 5.24
CA GLU A 68 -9.13 3.99 5.17
C GLU A 68 -9.66 2.71 4.53
N ALA A 69 -9.18 2.40 3.37
CA ALA A 69 -9.61 1.16 2.68
C ALA A 69 -9.06 -0.07 3.41
N LEU A 70 -7.92 0.06 4.00
CA LEU A 70 -7.33 -1.12 4.71
C LEU A 70 -8.02 -1.33 6.05
N GLY A 71 -8.17 -0.29 6.81
CA GLY A 71 -8.86 -0.44 8.11
C GLY A 71 -10.30 -0.86 7.85
N LYS A 72 -10.85 -0.42 6.76
CA LYS A 72 -12.25 -0.79 6.41
C LYS A 72 -12.33 -2.22 5.89
N ALA A 73 -11.48 -2.53 4.95
CA ALA A 73 -11.46 -3.89 4.34
C ALA A 73 -10.76 -4.86 5.28
N LYS A 74 -9.80 -4.38 6.00
CA LYS A 74 -9.08 -5.26 6.95
C LYS A 74 -10.05 -5.59 8.07
N ASP A 75 -10.80 -4.60 8.41
CA ASP A 75 -11.81 -4.75 9.52
C ASP A 75 -13.01 -5.55 9.03
N ALA A 76 -13.28 -5.49 7.75
CA ALA A 76 -14.44 -6.23 7.18
C ALA A 76 -14.57 -7.61 7.82
N ASN A 77 -13.51 -8.13 8.37
CA ASN A 77 -13.63 -9.47 8.99
C ASN A 77 -13.17 -9.46 10.45
N ASN A 78 -11.91 -9.62 10.68
CA ASN A 78 -11.39 -9.64 12.07
C ASN A 78 -10.85 -8.28 12.51
N GLY A 79 -10.18 -7.60 11.63
CA GLY A 79 -9.61 -6.27 11.99
C GLY A 79 -8.37 -6.02 11.13
N ASN A 80 -7.82 -7.07 10.59
CA ASN A 80 -6.62 -6.93 9.71
C ASN A 80 -7.03 -7.32 8.28
N LEU A 81 -6.34 -6.85 7.29
CA LEU A 81 -6.74 -7.23 5.89
C LEU A 81 -5.76 -8.22 5.33
N GLN A 82 -6.23 -9.23 4.66
CA GLN A 82 -5.28 -10.19 4.05
C GLN A 82 -5.02 -9.77 2.61
N LEU A 83 -3.88 -10.09 2.08
CA LEU A 83 -3.58 -9.71 0.69
C LEU A 83 -4.02 -10.84 -0.22
N ARG A 84 -4.63 -10.49 -1.32
CA ARG A 84 -5.14 -11.52 -2.24
C ARG A 84 -6.42 -12.11 -1.65
N ASN A 85 -6.92 -11.44 -0.66
CA ASN A 85 -8.18 -11.86 0.03
C ASN A 85 -7.85 -12.64 1.31
N LYS A 86 -6.81 -13.42 1.31
CA LYS A 86 -6.48 -14.20 2.54
C LYS A 86 -5.03 -14.69 2.48
N GLU A 87 -4.12 -13.80 2.22
CA GLU A 87 -2.69 -14.21 2.15
C GLU A 87 -1.86 -13.41 3.16
N VAL A 88 -1.86 -12.12 3.03
CA VAL A 88 -1.07 -11.28 3.98
C VAL A 88 -1.95 -10.24 4.67
N THR A 89 -1.79 -10.07 5.95
CA THR A 89 -2.65 -9.07 6.66
C THR A 89 -1.99 -7.69 6.63
N TRP A 90 -2.72 -6.66 6.28
CA TRP A 90 -2.09 -5.31 6.26
C TRP A 90 -2.42 -4.56 7.55
N GLU A 91 -1.47 -3.77 8.00
CA GLU A 91 -1.67 -2.95 9.23
C GLU A 91 -1.06 -1.57 9.00
N VAL A 92 -1.82 -0.52 9.19
CA VAL A 92 -1.29 0.85 8.91
C VAL A 92 -0.17 1.24 9.90
N LEU A 93 0.95 1.65 9.37
CA LEU A 93 2.08 2.09 10.23
C LEU A 93 1.89 3.57 10.59
N GLU A 94 2.75 4.14 11.39
CA GLU A 94 2.56 5.58 11.73
C GLU A 94 3.84 6.22 12.27
N GLY A 95 3.94 7.51 12.09
CA GLY A 95 5.14 8.26 12.58
C GLY A 95 6.39 7.82 11.80
N GLU A 96 7.37 7.30 12.49
CA GLU A 96 8.62 6.87 11.81
C GLU A 96 8.32 5.82 10.74
N VAL A 97 7.56 4.81 11.07
CA VAL A 97 7.25 3.76 10.05
C VAL A 97 6.45 4.38 8.91
N GLU A 98 5.48 5.19 9.23
CA GLU A 98 4.66 5.84 8.16
C GLU A 98 5.56 6.65 7.22
N LYS A 99 6.53 7.33 7.74
CA LYS A 99 7.43 8.14 6.87
C LYS A 99 8.36 7.22 6.09
N GLU A 100 8.95 6.26 6.75
CA GLU A 100 9.87 5.32 6.06
C GLU A 100 9.20 4.72 4.82
N ALA A 101 7.92 4.48 4.90
CA ALA A 101 7.21 3.89 3.73
C ALA A 101 6.94 4.96 2.67
N LEU A 102 6.67 6.16 3.08
CA LEU A 102 6.41 7.25 2.09
C LEU A 102 7.61 7.43 1.17
N LYS A 103 8.80 7.43 1.72
CA LYS A 103 10.02 7.59 0.87
C LYS A 103 10.26 6.32 0.06
N LYS A 104 9.95 5.19 0.63
CA LYS A 104 10.16 3.91 -0.11
C LYS A 104 9.14 3.79 -1.24
N ILE A 105 7.92 4.21 -1.01
CA ILE A 105 6.89 4.12 -2.07
C ILE A 105 7.15 5.16 -3.16
N ILE A 106 7.61 6.33 -2.80
CA ILE A 106 7.87 7.37 -3.83
C ILE A 106 9.12 7.02 -4.64
N GLU A 107 10.20 6.73 -3.97
CA GLU A 107 11.45 6.38 -4.70
C GLU A 107 11.21 5.22 -5.66
N ASP A 108 10.28 4.37 -5.33
CA ASP A 108 9.99 3.21 -6.22
C ASP A 108 9.36 3.69 -7.53
N GLN A 109 8.47 4.63 -7.46
CA GLN A 109 7.81 5.14 -8.70
C GLN A 109 8.79 6.03 -9.49
N GLN A 110 9.63 6.76 -8.81
CA GLN A 110 10.59 7.64 -9.52
C GLN A 110 11.44 6.83 -10.50
N GLU A 111 11.63 5.57 -10.23
CA GLU A 111 12.45 4.73 -11.15
C GLU A 111 11.63 4.35 -12.39
N SER A 112 10.33 4.30 -12.25
CA SER A 112 9.47 3.94 -13.42
C SER A 112 9.63 4.97 -14.54
N LEU A 113 10.26 6.08 -14.25
CA LEU A 113 10.44 7.13 -15.30
C LEU A 113 11.18 6.54 -16.50
N ASN A 114 11.97 5.51 -16.28
CA ASN A 114 12.73 4.89 -17.41
C ASN A 114 13.30 5.99 -18.32
N LYS A 115 14.12 6.84 -17.79
CA LYS A 115 14.71 7.93 -18.62
C LYS A 115 16.19 7.63 -18.91
N TRP A 116 16.68 6.52 -18.43
CA TRP A 116 18.11 6.18 -18.67
C TRP A 116 19.03 7.30 -18.15
N LYS A 117 20.30 7.16 -18.30
CA LYS A 117 21.24 8.22 -17.81
C LYS A 117 20.74 9.60 -18.24
N SER A 118 20.19 10.35 -17.33
CA SER A 118 19.69 11.71 -17.68
C SER A 118 19.57 12.57 -16.43
N LYS A 119 18.55 12.37 -15.64
CA LYS A 119 18.37 13.17 -14.41
C LYS A 119 19.33 12.69 -13.31
N GLY A 120 20.61 12.85 -13.53
CA GLY A 120 21.59 12.39 -12.51
C GLY A 120 22.88 13.22 -12.64
N ARG A 121 23.37 13.38 -13.84
CA ARG A 121 24.62 14.16 -14.04
C ARG A 121 25.73 13.63 -13.13
N HIS A 9 3.86 20.67 1.18
CA HIS A 9 3.44 20.92 2.60
C HIS A 9 3.27 22.42 2.84
N HIS A 10 4.34 23.15 2.87
CA HIS A 10 4.25 24.62 3.11
C HIS A 10 3.16 25.23 2.21
N GLY A 11 3.26 25.03 0.92
CA GLY A 11 2.24 25.59 0.00
C GLY A 11 1.79 24.52 -0.99
N SER A 12 2.69 23.67 -1.41
CA SER A 12 2.32 22.61 -2.39
C SER A 12 1.57 21.47 -1.67
N LEU A 13 0.35 21.23 -2.03
CA LEU A 13 -0.42 20.14 -1.37
C LEU A 13 -1.38 19.50 -2.37
N GLU A 14 -1.14 19.79 -3.60
CA GLU A 14 -1.99 19.22 -4.69
C GLU A 14 -2.02 17.69 -4.61
N GLU A 15 -1.00 17.10 -4.05
CA GLU A 15 -0.99 15.61 -3.93
C GLU A 15 0.27 15.15 -3.19
N LYS A 16 0.36 15.45 -1.91
CA LYS A 16 1.54 15.03 -1.12
C LYS A 16 1.10 14.32 0.15
N ILE A 17 0.36 13.25 0.03
CA ILE A 17 -0.10 12.52 1.24
C ILE A 17 0.75 11.27 1.46
N GLY A 18 0.85 10.86 2.68
CA GLY A 18 1.66 9.66 3.01
C GLY A 18 0.82 8.70 3.87
N CYS A 19 -0.27 8.22 3.34
CA CYS A 19 -1.12 7.28 4.12
C CYS A 19 -1.04 5.88 3.52
N LEU A 20 0.08 5.23 3.64
CA LEU A 20 0.22 3.86 3.05
C LEU A 20 0.32 2.81 4.16
N LEU A 21 -0.17 1.63 3.90
CA LEU A 21 -0.15 0.54 4.91
C LEU A 21 0.55 -0.71 4.37
N LYS A 22 1.02 -1.57 5.24
CA LYS A 22 1.72 -2.80 4.74
C LYS A 22 1.08 -4.05 5.32
N PHE A 23 1.20 -5.14 4.61
CA PHE A 23 0.63 -6.42 5.10
C PHE A 23 1.74 -7.43 5.36
N SER A 24 1.53 -8.36 6.25
CA SER A 24 2.59 -9.36 6.56
C SER A 24 1.98 -10.75 6.74
N GLY A 25 2.70 -11.77 6.33
CA GLY A 25 2.16 -13.15 6.46
C GLY A 25 2.33 -13.88 5.12
N ASP A 26 2.76 -15.13 5.17
CA ASP A 26 2.96 -15.92 3.91
C ASP A 26 2.61 -15.10 2.67
N LEU A 27 3.60 -14.64 1.94
CA LEU A 27 3.32 -13.84 0.72
C LEU A 27 3.46 -14.71 -0.54
N ASP A 28 2.56 -14.56 -1.47
CA ASP A 28 2.63 -15.38 -2.72
C ASP A 28 3.46 -14.64 -3.78
N ASP A 29 3.94 -15.35 -4.76
CA ASP A 29 4.77 -14.69 -5.82
C ASP A 29 4.05 -14.75 -7.17
N GLN A 30 2.95 -15.44 -7.24
CA GLN A 30 2.22 -15.55 -8.54
C GLN A 30 1.06 -14.55 -8.57
N THR A 31 0.55 -14.17 -7.42
CA THR A 31 -0.58 -13.21 -7.37
C THR A 31 -0.28 -11.98 -8.23
N CYS A 32 -1.26 -11.16 -8.48
CA CYS A 32 -1.03 -9.94 -9.30
C CYS A 32 -1.76 -8.74 -8.69
N ARG A 33 -1.34 -7.55 -9.00
CA ARG A 33 -2.01 -6.34 -8.44
C ARG A 33 -3.43 -6.19 -9.01
N GLU A 34 -3.64 -6.61 -10.23
CA GLU A 34 -4.98 -6.46 -10.85
C GLU A 34 -6.05 -7.20 -10.02
N ASP A 35 -5.76 -8.39 -9.57
CA ASP A 35 -6.78 -9.15 -8.78
C ASP A 35 -6.98 -8.53 -7.39
N LEU A 36 -5.92 -8.24 -6.70
CA LEU A 36 -6.07 -7.64 -5.34
C LEU A 36 -6.53 -6.18 -5.43
N HIS A 37 -5.99 -5.43 -6.36
CA HIS A 37 -6.38 -4.00 -6.49
C HIS A 37 -7.88 -3.87 -6.77
N ILE A 38 -8.43 -4.79 -7.52
CA ILE A 38 -9.89 -4.70 -7.84
C ILE A 38 -10.74 -4.99 -6.60
N LEU A 39 -10.31 -5.88 -5.76
CA LEU A 39 -11.12 -6.21 -4.54
C LEU A 39 -11.15 -5.02 -3.56
N PHE A 40 -10.10 -4.25 -3.51
CA PHE A 40 -10.08 -3.08 -2.58
C PHE A 40 -11.05 -2.00 -3.04
N SER A 41 -11.77 -2.23 -4.10
CA SER A 41 -12.73 -1.20 -4.59
C SER A 41 -13.98 -1.17 -3.71
N ASN A 42 -13.82 -1.00 -2.43
CA ASN A 42 -15.00 -0.95 -1.52
C ASN A 42 -15.26 0.49 -1.07
N HIS A 43 -14.22 1.18 -0.73
CA HIS A 43 -14.37 2.60 -0.28
C HIS A 43 -13.03 3.30 -0.35
N GLY A 44 -12.18 2.78 -1.17
CA GLY A 44 -10.81 3.35 -1.34
C GLY A 44 -9.99 2.36 -2.16
N GLU A 45 -9.86 2.61 -3.43
CA GLU A 45 -9.08 1.68 -4.30
C GLU A 45 -7.58 1.82 -4.02
N ILE A 46 -6.81 0.82 -4.36
CA ILE A 46 -5.35 0.89 -4.11
C ILE A 46 -4.72 1.90 -5.09
N LYS A 47 -3.75 2.62 -4.64
CA LYS A 47 -3.08 3.61 -5.54
C LYS A 47 -1.78 3.00 -6.07
N TRP A 48 -1.11 2.23 -5.24
CA TRP A 48 0.16 1.59 -5.71
C TRP A 48 0.63 0.54 -4.70
N ILE A 49 1.25 -0.50 -5.18
CA ILE A 49 1.75 -1.57 -4.27
C ILE A 49 3.26 -1.79 -4.47
N ASP A 50 4.04 -1.62 -3.44
CA ASP A 50 5.51 -1.81 -3.59
C ASP A 50 5.99 -2.99 -2.75
N PHE A 51 6.53 -4.00 -3.39
CA PHE A 51 7.05 -5.18 -2.62
C PHE A 51 8.54 -5.34 -2.86
N VAL A 52 9.30 -5.59 -1.83
CA VAL A 52 10.77 -5.77 -2.01
C VAL A 52 11.10 -7.26 -2.12
N ARG A 53 11.76 -7.66 -3.17
CA ARG A 53 12.12 -9.10 -3.33
C ARG A 53 13.04 -9.54 -2.19
N GLY A 54 12.67 -10.57 -1.49
CA GLY A 54 13.53 -11.05 -0.37
C GLY A 54 12.92 -10.60 0.96
N ALA A 55 11.82 -9.90 0.92
CA ALA A 55 11.19 -9.43 2.19
C ALA A 55 10.14 -10.45 2.65
N LYS A 56 9.42 -10.13 3.70
CA LYS A 56 8.38 -11.08 4.20
C LYS A 56 7.02 -10.36 4.27
N GLU A 57 6.93 -9.19 3.71
CA GLU A 57 5.65 -8.43 3.76
C GLU A 57 5.53 -7.54 2.52
N GLY A 58 4.69 -6.54 2.58
CA GLY A 58 4.53 -5.63 1.42
C GLY A 58 3.76 -4.39 1.85
N ILE A 59 3.81 -3.34 1.07
CA ILE A 59 3.09 -2.10 1.44
C ILE A 59 2.14 -1.68 0.30
N ILE A 60 1.06 -1.03 0.63
CA ILE A 60 0.12 -0.60 -0.45
C ILE A 60 -0.48 0.77 -0.16
N LEU A 61 -0.18 1.74 -0.97
CA LEU A 61 -0.77 3.09 -0.76
C LEU A 61 -2.03 3.19 -1.59
N PHE A 62 -3.08 3.73 -1.03
CA PHE A 62 -4.36 3.82 -1.79
C PHE A 62 -4.52 5.18 -2.45
N LYS A 63 -5.48 5.28 -3.31
CA LYS A 63 -5.76 6.57 -4.00
C LYS A 63 -6.53 7.49 -3.06
N GLU A 64 -7.25 6.91 -2.12
CA GLU A 64 -8.02 7.76 -1.18
C GLU A 64 -7.48 7.65 0.24
N LYS A 65 -6.75 6.59 0.51
CA LYS A 65 -6.15 6.39 1.86
C LYS A 65 -6.10 4.90 2.21
N ALA A 66 -4.94 4.38 2.34
CA ALA A 66 -4.81 2.93 2.67
C ALA A 66 -5.43 2.65 4.04
N LYS A 67 -5.18 3.50 4.99
CA LYS A 67 -5.75 3.31 6.35
C LYS A 67 -7.29 3.27 6.29
N GLU A 68 -7.85 3.96 5.34
CA GLU A 68 -9.34 4.00 5.19
C GLU A 68 -9.85 2.68 4.61
N ALA A 69 -9.30 2.30 3.50
CA ALA A 69 -9.73 1.03 2.86
C ALA A 69 -9.27 -0.15 3.70
N LEU A 70 -8.15 -0.02 4.37
CA LEU A 70 -7.67 -1.16 5.20
C LEU A 70 -8.46 -1.24 6.50
N GLY A 71 -8.63 -0.14 7.15
CA GLY A 71 -9.41 -0.20 8.40
C GLY A 71 -10.81 -0.67 8.04
N LYS A 72 -11.26 -0.32 6.87
CA LYS A 72 -12.62 -0.75 6.43
C LYS A 72 -12.61 -2.20 5.91
N ALA A 73 -11.70 -2.47 5.01
CA ALA A 73 -11.57 -3.83 4.39
C ALA A 73 -10.83 -4.77 5.31
N LYS A 74 -9.84 -4.28 5.98
CA LYS A 74 -9.06 -5.17 6.89
C LYS A 74 -9.95 -5.50 8.07
N ASP A 75 -10.68 -4.51 8.50
CA ASP A 75 -11.60 -4.71 9.67
C ASP A 75 -12.83 -5.47 9.23
N ALA A 76 -13.15 -5.42 7.98
CA ALA A 76 -14.35 -6.13 7.47
C ALA A 76 -14.46 -7.52 8.11
N ASN A 77 -13.38 -8.05 8.60
CA ASN A 77 -13.45 -9.40 9.21
C ASN A 77 -12.91 -9.40 10.65
N ASN A 78 -11.63 -9.51 10.80
CA ASN A 78 -11.05 -9.56 12.18
C ASN A 78 -10.52 -8.19 12.63
N GLY A 79 -9.91 -7.46 11.75
CA GLY A 79 -9.35 -6.13 12.14
C GLY A 79 -8.14 -5.84 11.26
N ASN A 80 -7.65 -6.86 10.61
CA ASN A 80 -6.48 -6.71 9.70
C ASN A 80 -6.91 -7.19 8.31
N LEU A 81 -6.27 -6.75 7.26
CA LEU A 81 -6.74 -7.22 5.91
C LEU A 81 -5.77 -8.22 5.33
N GLN A 82 -6.25 -9.26 4.73
CA GLN A 82 -5.30 -10.19 4.09
C GLN A 82 -5.06 -9.67 2.68
N LEU A 83 -3.93 -9.97 2.12
CA LEU A 83 -3.65 -9.47 0.75
C LEU A 83 -4.02 -10.53 -0.25
N ARG A 84 -4.79 -10.16 -1.24
CA ARG A 84 -5.25 -11.13 -2.26
C ARG A 84 -6.27 -12.07 -1.64
N ASN A 85 -6.86 -11.64 -0.57
CA ASN A 85 -7.87 -12.48 0.12
C ASN A 85 -7.30 -13.87 0.41
N LYS A 86 -6.13 -13.92 1.02
CA LYS A 86 -5.48 -15.24 1.36
C LYS A 86 -3.97 -15.11 1.21
N GLU A 87 -3.39 -14.05 1.73
CA GLU A 87 -1.91 -13.91 1.59
C GLU A 87 -1.32 -13.10 2.75
N VAL A 88 -1.52 -11.81 2.76
CA VAL A 88 -0.90 -11.01 3.87
C VAL A 88 -1.86 -9.99 4.52
N THR A 89 -1.84 -9.92 5.82
CA THR A 89 -2.74 -8.96 6.53
C THR A 89 -2.14 -7.54 6.52
N TRP A 90 -2.94 -6.51 6.27
CA TRP A 90 -2.40 -5.12 6.24
C TRP A 90 -2.47 -4.49 7.63
N GLU A 91 -1.49 -3.69 7.94
CA GLU A 91 -1.47 -2.98 9.26
C GLU A 91 -0.81 -1.62 9.05
N VAL A 92 -1.54 -0.54 9.22
CA VAL A 92 -0.95 0.81 8.99
C VAL A 92 0.12 1.12 10.05
N LEU A 93 1.25 1.62 9.62
CA LEU A 93 2.34 1.97 10.59
C LEU A 93 2.04 3.31 11.24
N GLU A 94 2.99 3.86 11.96
CA GLU A 94 2.75 5.17 12.62
C GLU A 94 4.07 5.84 12.99
N GLY A 95 4.07 7.14 13.11
CA GLY A 95 5.31 7.87 13.48
C GLY A 95 6.31 7.83 12.32
N GLU A 96 7.55 7.53 12.61
CA GLU A 96 8.59 7.49 11.54
C GLU A 96 8.41 6.26 10.64
N VAL A 97 8.02 5.15 11.20
CA VAL A 97 7.86 3.92 10.36
C VAL A 97 6.83 4.15 9.26
N GLU A 98 5.72 4.76 9.59
CA GLU A 98 4.67 5.00 8.55
C GLU A 98 5.21 5.96 7.48
N LYS A 99 5.94 6.97 7.89
CA LYS A 99 6.49 7.94 6.91
C LYS A 99 7.55 7.26 6.04
N GLU A 100 8.44 6.54 6.66
CA GLU A 100 9.50 5.84 5.88
C GLU A 100 8.85 5.08 4.72
N ALA A 101 7.64 4.65 4.89
CA ALA A 101 6.94 3.91 3.80
C ALA A 101 6.52 4.87 2.69
N LEU A 102 6.15 6.08 3.04
CA LEU A 102 5.72 7.05 2.00
C LEU A 102 6.85 7.27 0.99
N LYS A 103 8.06 7.42 1.45
CA LYS A 103 9.19 7.62 0.50
C LYS A 103 9.41 6.35 -0.32
N LYS A 104 9.22 5.22 0.29
CA LYS A 104 9.42 3.93 -0.43
C LYS A 104 8.50 3.85 -1.66
N ILE A 105 7.30 4.36 -1.55
CA ILE A 105 6.37 4.29 -2.72
C ILE A 105 6.84 5.23 -3.84
N ILE A 106 7.41 6.36 -3.50
CA ILE A 106 7.86 7.30 -4.56
C ILE A 106 9.01 6.67 -5.37
N GLU A 107 10.02 6.21 -4.70
CA GLU A 107 11.18 5.60 -5.42
C GLU A 107 10.70 4.46 -6.33
N ASP A 108 9.66 3.78 -5.94
CA ASP A 108 9.15 2.66 -6.78
C ASP A 108 8.45 3.21 -8.03
N GLN A 109 7.73 4.28 -7.90
CA GLN A 109 7.01 4.86 -9.07
C GLN A 109 8.02 5.42 -10.09
N GLN A 110 9.11 5.95 -9.62
CA GLN A 110 10.13 6.51 -10.55
C GLN A 110 10.51 5.47 -11.60
N GLU A 111 10.60 4.23 -11.21
CA GLU A 111 10.97 3.16 -12.18
C GLU A 111 9.72 2.66 -12.91
N SER A 112 8.59 2.72 -12.28
CA SER A 112 7.34 2.24 -12.94
C SER A 112 6.80 3.32 -13.90
N LEU A 113 7.10 4.56 -13.64
CA LEU A 113 6.61 5.65 -14.53
C LEU A 113 7.24 5.50 -15.92
N ASN A 114 8.20 4.63 -16.07
CA ASN A 114 8.85 4.45 -17.40
C ASN A 114 9.62 5.71 -17.79
N LYS A 115 8.93 6.73 -18.22
CA LYS A 115 9.62 7.99 -18.62
C LYS A 115 8.64 9.16 -18.62
N TRP A 116 8.97 10.23 -19.28
CA TRP A 116 8.05 11.40 -19.32
C TRP A 116 7.87 11.98 -17.92
N LYS A 117 7.13 13.05 -17.78
CA LYS A 117 6.92 13.65 -16.44
C LYS A 117 5.43 13.92 -16.21
N SER A 118 5.10 14.98 -15.52
CA SER A 118 3.67 15.28 -15.26
C SER A 118 2.90 15.37 -16.58
N LYS A 119 1.70 15.91 -16.56
CA LYS A 119 0.91 16.01 -17.81
C LYS A 119 1.09 17.39 -18.44
N GLY A 120 1.82 18.26 -17.79
CA GLY A 120 2.04 19.62 -18.35
C GLY A 120 2.36 19.52 -19.85
N ARG A 121 2.91 18.41 -20.26
CA ARG A 121 3.26 18.25 -21.71
C ARG A 121 2.93 16.83 -22.17
N HIS A 9 -7.38 18.71 -4.52
CA HIS A 9 -8.02 17.37 -4.45
C HIS A 9 -7.24 16.44 -3.51
N HIS A 10 -6.26 15.77 -4.02
CA HIS A 10 -5.45 14.86 -3.15
C HIS A 10 -6.37 14.06 -2.21
N GLY A 11 -5.99 13.92 -0.98
CA GLY A 11 -6.85 13.16 -0.02
C GLY A 11 -6.63 13.67 1.40
N SER A 12 -5.41 13.99 1.74
CA SER A 12 -5.13 14.49 3.11
C SER A 12 -5.73 15.89 3.29
N LEU A 13 -6.03 16.27 4.50
CA LEU A 13 -6.62 17.60 4.75
C LEU A 13 -5.73 18.38 5.72
N GLU A 14 -6.32 18.84 6.74
CA GLU A 14 -5.57 19.62 7.77
C GLU A 14 -5.04 18.69 8.86
N GLU A 15 -5.41 17.45 8.83
CA GLU A 15 -4.93 16.49 9.86
C GLU A 15 -5.47 15.08 9.58
N LYS A 16 -4.68 14.24 8.99
CA LYS A 16 -5.14 12.85 8.68
C LYS A 16 -4.00 12.03 8.10
N ILE A 17 -3.34 11.25 8.91
CA ILE A 17 -2.22 10.42 8.39
C ILE A 17 -2.65 8.97 8.19
N GLY A 18 -2.03 8.30 7.29
CA GLY A 18 -2.38 6.88 7.02
C GLY A 18 -2.67 6.69 5.53
N CYS A 19 -1.69 6.95 4.70
CA CYS A 19 -1.91 6.79 3.23
C CYS A 19 -1.18 5.55 2.71
N LEU A 20 -0.42 4.91 3.56
CA LEU A 20 0.33 3.69 3.11
C LEU A 20 0.16 2.56 4.13
N LEU A 21 -0.26 1.41 3.69
CA LEU A 21 -0.44 0.26 4.63
C LEU A 21 0.38 -0.94 4.17
N LYS A 22 0.90 -1.72 5.09
CA LYS A 22 1.72 -2.91 4.68
C LYS A 22 1.08 -4.19 5.16
N PHE A 23 1.32 -5.26 4.45
CA PHE A 23 0.73 -6.57 4.87
C PHE A 23 1.84 -7.61 5.05
N SER A 24 1.62 -8.59 5.89
CA SER A 24 2.67 -9.62 6.11
C SER A 24 2.03 -11.00 6.26
N GLY A 25 2.68 -12.03 5.79
CA GLY A 25 2.11 -13.40 5.89
C GLY A 25 2.31 -14.15 4.57
N ASP A 26 1.29 -14.80 4.09
CA ASP A 26 1.42 -15.53 2.80
C ASP A 26 1.46 -14.56 1.62
N LEU A 27 2.60 -14.40 1.01
CA LEU A 27 2.72 -13.47 -0.16
C LEU A 27 3.65 -14.06 -1.19
N ASP A 28 3.71 -15.34 -1.18
CA ASP A 28 4.59 -16.08 -2.15
C ASP A 28 4.01 -16.02 -3.56
N ASP A 29 4.83 -16.26 -4.55
CA ASP A 29 4.34 -16.22 -5.96
C ASP A 29 2.94 -16.83 -6.05
N GLN A 30 1.95 -16.00 -6.27
CA GLN A 30 0.55 -16.50 -6.37
C GLN A 30 -0.43 -15.33 -6.24
N THR A 31 -0.02 -14.30 -5.55
CA THR A 31 -0.91 -13.11 -5.39
C THR A 31 -0.61 -12.08 -6.48
N CYS A 32 -1.59 -11.70 -7.26
CA CYS A 32 -1.34 -10.69 -8.33
C CYS A 32 -1.95 -9.34 -7.95
N ARG A 33 -1.45 -8.28 -8.52
CA ARG A 33 -1.98 -6.93 -8.20
C ARG A 33 -3.41 -6.76 -8.73
N GLU A 34 -3.66 -7.21 -9.93
CA GLU A 34 -5.02 -7.04 -10.51
C GLU A 34 -6.08 -7.73 -9.65
N ASP A 35 -5.79 -8.90 -9.15
CA ASP A 35 -6.80 -9.61 -8.31
C ASP A 35 -6.95 -8.94 -6.94
N LEU A 36 -5.86 -8.64 -6.30
CA LEU A 36 -5.97 -7.99 -4.95
C LEU A 36 -6.43 -6.53 -5.06
N HIS A 37 -5.87 -5.79 -5.99
CA HIS A 37 -6.28 -4.36 -6.12
C HIS A 37 -7.76 -4.22 -6.46
N ILE A 38 -8.29 -5.12 -7.24
CA ILE A 38 -9.74 -5.02 -7.61
C ILE A 38 -10.63 -5.32 -6.40
N LEU A 39 -10.20 -6.18 -5.52
CA LEU A 39 -11.05 -6.52 -4.34
C LEU A 39 -11.17 -5.31 -3.39
N PHE A 40 -10.18 -4.47 -3.32
CA PHE A 40 -10.25 -3.30 -2.41
C PHE A 40 -11.28 -2.28 -2.91
N SER A 41 -11.91 -2.56 -4.02
CA SER A 41 -12.93 -1.61 -4.55
C SER A 41 -14.17 -1.60 -3.65
N ASN A 42 -13.99 -1.31 -2.40
CA ASN A 42 -15.17 -1.28 -1.47
C ASN A 42 -15.44 0.15 -1.00
N HIS A 43 -14.40 0.87 -0.70
CA HIS A 43 -14.56 2.28 -0.24
C HIS A 43 -13.22 3.00 -0.28
N GLY A 44 -12.36 2.50 -1.09
CA GLY A 44 -11.00 3.08 -1.23
C GLY A 44 -10.15 2.15 -2.09
N GLU A 45 -10.03 2.44 -3.35
CA GLU A 45 -9.23 1.55 -4.25
C GLU A 45 -7.74 1.76 -4.01
N ILE A 46 -6.94 0.80 -4.39
CA ILE A 46 -5.47 0.94 -4.19
C ILE A 46 -4.91 1.94 -5.19
N LYS A 47 -3.93 2.70 -4.78
CA LYS A 47 -3.32 3.69 -5.72
C LYS A 47 -2.04 3.09 -6.29
N TRP A 48 -1.33 2.35 -5.49
CA TRP A 48 -0.07 1.72 -5.97
C TRP A 48 0.41 0.67 -4.96
N ILE A 49 1.02 -0.37 -5.43
CA ILE A 49 1.51 -1.44 -4.51
C ILE A 49 3.00 -1.73 -4.77
N ASP A 50 3.82 -1.68 -3.75
CA ASP A 50 5.26 -1.96 -3.94
C ASP A 50 5.65 -3.27 -3.26
N PHE A 51 5.97 -4.28 -4.03
CA PHE A 51 6.37 -5.58 -3.43
C PHE A 51 7.80 -5.93 -3.82
N VAL A 52 8.59 -6.38 -2.89
CA VAL A 52 10.00 -6.74 -3.22
C VAL A 52 10.10 -8.25 -3.47
N ARG A 53 10.67 -8.64 -4.57
CA ARG A 53 10.78 -10.10 -4.87
C ARG A 53 11.48 -10.84 -3.73
N GLY A 54 10.84 -11.87 -3.23
CA GLY A 54 11.46 -12.64 -2.11
C GLY A 54 11.32 -11.86 -0.79
N ALA A 55 10.50 -10.84 -0.79
CA ALA A 55 10.32 -10.05 0.47
C ALA A 55 9.41 -10.80 1.44
N LYS A 56 9.41 -10.41 2.69
CA LYS A 56 8.54 -11.10 3.67
C LYS A 56 7.19 -10.39 3.78
N GLU A 57 7.02 -9.31 3.06
CA GLU A 57 5.73 -8.56 3.12
C GLU A 57 5.58 -7.67 1.90
N GLY A 58 4.73 -6.67 1.98
CA GLY A 58 4.54 -5.75 0.83
C GLY A 58 3.75 -4.53 1.30
N ILE A 59 3.89 -3.42 0.62
CA ILE A 59 3.15 -2.19 1.05
C ILE A 59 2.18 -1.75 -0.04
N ILE A 60 1.11 -1.09 0.32
CA ILE A 60 0.14 -0.63 -0.73
C ILE A 60 -0.46 0.73 -0.38
N LEU A 61 -0.19 1.73 -1.18
CA LEU A 61 -0.79 3.07 -0.92
C LEU A 61 -2.09 3.18 -1.71
N PHE A 62 -3.12 3.69 -1.10
CA PHE A 62 -4.41 3.78 -1.83
C PHE A 62 -4.61 5.15 -2.48
N LYS A 63 -5.59 5.24 -3.33
CA LYS A 63 -5.87 6.53 -4.01
C LYS A 63 -6.59 7.46 -3.03
N GLU A 64 -7.28 6.88 -2.08
CA GLU A 64 -8.01 7.75 -1.10
C GLU A 64 -7.35 7.68 0.28
N LYS A 65 -6.57 6.66 0.51
CA LYS A 65 -5.85 6.48 1.81
C LYS A 65 -5.80 5.01 2.17
N ALA A 66 -4.64 4.45 2.25
CA ALA A 66 -4.53 3.02 2.61
C ALA A 66 -5.18 2.77 3.96
N LYS A 67 -4.97 3.65 4.90
CA LYS A 67 -5.59 3.50 6.24
C LYS A 67 -7.12 3.46 6.11
N GLU A 68 -7.63 4.15 5.13
CA GLU A 68 -9.11 4.17 4.92
C GLU A 68 -9.59 2.87 4.31
N ALA A 69 -9.04 2.51 3.18
CA ALA A 69 -9.44 1.25 2.52
C ALA A 69 -8.91 0.05 3.29
N LEU A 70 -7.75 0.19 3.89
CA LEU A 70 -7.19 -0.97 4.65
C LEU A 70 -7.89 -1.10 6.00
N GLY A 71 -8.03 -0.03 6.71
CA GLY A 71 -8.73 -0.12 8.02
C GLY A 71 -10.17 -0.54 7.76
N LYS A 72 -10.69 -0.14 6.64
CA LYS A 72 -12.10 -0.51 6.29
C LYS A 72 -12.19 -1.95 5.81
N ALA A 73 -11.33 -2.30 4.88
CA ALA A 73 -11.32 -3.68 4.31
C ALA A 73 -10.63 -4.63 5.26
N LYS A 74 -9.64 -4.14 5.95
CA LYS A 74 -8.93 -5.01 6.92
C LYS A 74 -9.88 -5.29 8.06
N ASP A 75 -10.60 -4.28 8.40
CA ASP A 75 -11.58 -4.40 9.53
C ASP A 75 -12.78 -5.23 9.10
N ALA A 76 -13.01 -5.31 7.82
CA ALA A 76 -14.17 -6.09 7.30
C ALA A 76 -14.33 -7.39 8.08
N ASN A 77 -13.29 -7.86 8.72
CA ASN A 77 -13.43 -9.13 9.49
C ASN A 77 -12.98 -8.94 10.93
N ASN A 78 -11.71 -9.11 11.18
CA ASN A 78 -11.20 -8.97 12.58
C ASN A 78 -10.62 -7.57 12.84
N GLY A 79 -9.94 -7.03 11.88
CA GLY A 79 -9.32 -5.68 12.07
C GLY A 79 -8.10 -5.57 11.16
N ASN A 80 -7.65 -6.67 10.65
CA ASN A 80 -6.48 -6.66 9.72
C ASN A 80 -6.94 -7.12 8.34
N LEU A 81 -6.25 -6.76 7.29
CA LEU A 81 -6.71 -7.18 5.94
C LEU A 81 -5.80 -8.24 5.36
N GLN A 82 -6.35 -9.24 4.75
CA GLN A 82 -5.47 -10.26 4.10
C GLN A 82 -5.23 -9.82 2.66
N LEU A 83 -4.14 -10.20 2.08
CA LEU A 83 -3.86 -9.78 0.69
C LEU A 83 -4.41 -10.82 -0.26
N ARG A 84 -5.09 -10.38 -1.29
CA ARG A 84 -5.70 -11.31 -2.26
C ARG A 84 -6.75 -12.15 -1.55
N ASN A 85 -7.22 -11.65 -0.45
CA ASN A 85 -8.26 -12.37 0.34
C ASN A 85 -7.78 -13.77 0.72
N LYS A 86 -6.65 -13.86 1.41
CA LYS A 86 -6.12 -15.20 1.84
C LYS A 86 -4.60 -15.25 1.60
N GLU A 87 -3.91 -14.19 1.87
CA GLU A 87 -2.43 -14.20 1.66
C GLU A 87 -1.71 -13.37 2.72
N VAL A 88 -1.86 -12.09 2.68
CA VAL A 88 -1.12 -11.26 3.71
C VAL A 88 -1.99 -10.23 4.42
N THR A 89 -1.83 -10.14 5.72
CA THR A 89 -2.64 -9.14 6.50
C THR A 89 -1.98 -7.76 6.46
N TRP A 90 -2.73 -6.70 6.25
CA TRP A 90 -2.11 -5.35 6.22
C TRP A 90 -2.30 -4.64 7.55
N GLU A 91 -1.33 -3.85 7.93
CA GLU A 91 -1.41 -3.06 9.19
C GLU A 91 -0.74 -1.70 8.96
N VAL A 92 -1.46 -0.63 9.12
CA VAL A 92 -0.84 0.72 8.88
C VAL A 92 0.22 1.03 9.93
N LEU A 93 1.38 1.43 9.51
CA LEU A 93 2.46 1.77 10.48
C LEU A 93 2.14 3.09 11.19
N GLU A 94 2.95 3.48 12.13
CA GLU A 94 2.68 4.76 12.85
C GLU A 94 3.99 5.43 13.26
N GLY A 95 3.97 6.73 13.41
CA GLY A 95 5.20 7.45 13.81
C GLY A 95 6.13 7.61 12.61
N GLU A 96 7.42 7.44 12.82
CA GLU A 96 8.39 7.59 11.70
C GLU A 96 8.31 6.42 10.72
N VAL A 97 8.09 5.23 11.21
CA VAL A 97 8.02 4.05 10.29
C VAL A 97 6.89 4.23 9.27
N GLU A 98 5.76 4.72 9.69
CA GLU A 98 4.63 4.92 8.74
C GLU A 98 5.02 5.95 7.67
N LYS A 99 5.58 7.05 8.08
CA LYS A 99 5.96 8.09 7.09
C LYS A 99 7.18 7.63 6.28
N GLU A 100 8.17 7.14 6.94
CA GLU A 100 9.39 6.67 6.21
C GLU A 100 8.98 5.78 5.03
N ALA A 101 7.89 5.09 5.15
CA ALA A 101 7.43 4.21 4.04
C ALA A 101 6.78 5.04 2.93
N LEU A 102 6.08 6.08 3.30
CA LEU A 102 5.42 6.93 2.28
C LEU A 102 6.44 7.48 1.28
N LYS A 103 7.57 7.93 1.75
CA LYS A 103 8.60 8.46 0.82
C LYS A 103 9.20 7.33 -0.01
N LYS A 104 9.49 6.23 0.61
CA LYS A 104 10.09 5.08 -0.12
C LYS A 104 9.19 4.64 -1.28
N ILE A 105 7.89 4.69 -1.09
CA ILE A 105 6.97 4.28 -2.19
C ILE A 105 7.08 5.24 -3.37
N ILE A 106 7.28 6.50 -3.11
CA ILE A 106 7.40 7.49 -4.22
C ILE A 106 8.61 7.17 -5.09
N GLU A 107 9.75 7.00 -4.48
CA GLU A 107 10.97 6.68 -5.26
C GLU A 107 10.85 5.32 -5.93
N ASP A 108 10.12 4.42 -5.33
CA ASP A 108 9.96 3.06 -5.93
C ASP A 108 9.20 3.15 -7.25
N GLN A 109 8.23 4.01 -7.32
CA GLN A 109 7.44 4.15 -8.58
C GLN A 109 8.27 4.89 -9.64
N GLN A 110 8.92 5.94 -9.26
CA GLN A 110 9.75 6.71 -10.24
C GLN A 110 10.73 5.78 -10.95
N GLU A 111 11.11 4.70 -10.32
CA GLU A 111 12.07 3.76 -10.96
C GLU A 111 11.33 2.83 -11.94
N SER A 112 10.02 2.76 -11.83
CA SER A 112 9.25 1.88 -12.75
C SER A 112 9.40 2.37 -14.20
N LEU A 113 9.82 3.59 -14.38
CA LEU A 113 9.98 4.12 -15.77
C LEU A 113 11.21 3.49 -16.44
N ASN A 114 11.96 2.71 -15.71
CA ASN A 114 13.17 2.07 -16.31
C ASN A 114 12.76 1.06 -17.38
N LYS A 115 12.52 1.51 -18.58
CA LYS A 115 12.13 0.57 -19.67
C LYS A 115 11.10 -0.44 -19.14
N TRP A 116 10.05 0.03 -18.53
CA TRP A 116 9.02 -0.91 -17.99
C TRP A 116 7.66 -0.21 -17.90
N LYS A 117 7.13 0.20 -19.02
CA LYS A 117 5.80 0.89 -19.00
C LYS A 117 4.75 0.04 -19.74
N SER A 118 4.97 -1.23 -19.84
CA SER A 118 3.98 -2.10 -20.54
C SER A 118 4.02 -3.52 -19.97
N LYS A 119 5.18 -4.08 -19.83
CA LYS A 119 5.28 -5.46 -19.27
C LYS A 119 5.48 -5.41 -17.74
N GLY A 120 4.53 -4.87 -17.04
CA GLY A 120 4.67 -4.79 -15.56
C GLY A 120 3.60 -3.85 -14.99
N ARG A 121 4.00 -2.86 -14.24
CA ARG A 121 3.01 -1.91 -13.66
C ARG A 121 3.32 -0.48 -14.11
N HIS A 9 10.55 22.64 -4.91
CA HIS A 9 9.11 22.32 -5.18
C HIS A 9 8.19 23.29 -4.43
N HIS A 10 7.29 23.91 -5.13
CA HIS A 10 6.36 24.88 -4.47
C HIS A 10 5.35 24.12 -3.60
N GLY A 11 4.13 24.57 -3.58
CA GLY A 11 3.09 23.88 -2.75
C GLY A 11 2.28 22.94 -3.65
N SER A 12 2.67 22.79 -4.88
CA SER A 12 1.93 21.88 -5.79
C SER A 12 2.23 20.42 -5.45
N LEU A 13 1.23 19.67 -5.07
CA LEU A 13 1.44 18.25 -4.70
C LEU A 13 2.18 18.15 -3.38
N GLU A 14 1.49 17.68 -2.39
CA GLU A 14 2.11 17.54 -1.04
C GLU A 14 2.69 16.13 -0.87
N GLU A 15 2.14 15.16 -1.54
CA GLU A 15 2.65 13.77 -1.42
C GLU A 15 3.09 13.48 0.02
N LYS A 16 2.30 13.85 0.98
CA LYS A 16 2.67 13.60 2.40
C LYS A 16 1.43 13.30 3.24
N ILE A 17 0.58 12.43 2.75
CA ILE A 17 -0.66 12.09 3.52
C ILE A 17 -0.49 10.76 4.23
N GLY A 18 -1.18 10.60 5.32
CA GLY A 18 -1.09 9.33 6.09
C GLY A 18 -1.97 8.26 5.44
N CYS A 19 -1.86 8.10 4.14
CA CYS A 19 -2.69 7.07 3.44
C CYS A 19 -1.80 5.93 2.95
N LEU A 20 -1.03 5.34 3.83
CA LEU A 20 -0.14 4.22 3.40
C LEU A 20 -0.30 3.03 4.36
N LEU A 21 -0.68 1.90 3.84
CA LEU A 21 -0.86 0.71 4.72
C LEU A 21 0.00 -0.46 4.23
N LYS A 22 0.48 -1.30 5.12
CA LYS A 22 1.32 -2.44 4.67
C LYS A 22 0.82 -3.74 5.26
N PHE A 23 1.08 -4.82 4.59
CA PHE A 23 0.64 -6.16 5.09
C PHE A 23 1.80 -7.15 5.09
N SER A 24 1.75 -8.11 5.97
CA SER A 24 2.87 -9.11 6.05
C SER A 24 2.35 -10.47 6.50
N GLY A 25 2.96 -11.53 6.03
CA GLY A 25 2.50 -12.89 6.43
C GLY A 25 2.77 -13.88 5.29
N ASP A 26 1.87 -14.78 5.04
CA ASP A 26 2.07 -15.76 3.94
C ASP A 26 1.96 -15.05 2.58
N LEU A 27 3.06 -14.94 1.87
CA LEU A 27 3.01 -14.26 0.54
C LEU A 27 2.89 -15.30 -0.58
N ASP A 28 2.05 -15.05 -1.54
CA ASP A 28 1.88 -16.02 -2.66
C ASP A 28 2.85 -15.69 -3.80
N ASP A 29 3.11 -16.63 -4.66
CA ASP A 29 4.06 -16.36 -5.79
C ASP A 29 3.29 -16.31 -7.11
N GLN A 30 2.18 -17.00 -7.19
CA GLN A 30 1.40 -16.99 -8.46
C GLN A 30 0.39 -15.83 -8.45
N THR A 31 -0.27 -15.62 -7.35
CA THR A 31 -1.25 -14.50 -7.29
C THR A 31 -0.68 -13.24 -7.96
N CYS A 32 -1.54 -12.39 -8.44
CA CYS A 32 -1.04 -11.14 -9.11
C CYS A 32 -1.60 -9.91 -8.40
N ARG A 33 -0.95 -8.78 -8.55
CA ARG A 33 -1.42 -7.54 -7.89
C ARG A 33 -2.76 -7.08 -8.50
N GLU A 34 -2.97 -7.34 -9.77
CA GLU A 34 -4.24 -6.91 -10.42
C GLU A 34 -5.45 -7.53 -9.72
N ASP A 35 -5.39 -8.77 -9.36
CA ASP A 35 -6.58 -9.42 -8.70
C ASP A 35 -6.77 -8.87 -7.27
N LEU A 36 -5.72 -8.82 -6.51
CA LEU A 36 -5.84 -8.30 -5.11
C LEU A 36 -6.06 -6.77 -5.12
N HIS A 37 -5.42 -6.09 -6.03
CA HIS A 37 -5.58 -4.61 -6.09
C HIS A 37 -7.06 -4.24 -6.31
N ILE A 38 -7.74 -4.98 -7.13
CA ILE A 38 -9.18 -4.68 -7.39
C ILE A 38 -10.03 -5.00 -6.16
N LEU A 39 -9.65 -5.99 -5.41
CA LEU A 39 -10.46 -6.36 -4.21
C LEU A 39 -10.51 -5.22 -3.19
N PHE A 40 -9.49 -4.41 -3.10
CA PHE A 40 -9.52 -3.29 -2.13
C PHE A 40 -10.47 -2.20 -2.63
N SER A 41 -11.06 -2.40 -3.78
CA SER A 41 -11.99 -1.37 -4.32
C SER A 41 -13.37 -1.51 -3.68
N ASN A 42 -13.41 -1.72 -2.39
CA ASN A 42 -14.72 -1.86 -1.70
C ASN A 42 -15.10 -0.52 -1.08
N HIS A 43 -14.13 0.31 -0.81
CA HIS A 43 -14.43 1.65 -0.21
C HIS A 43 -13.34 2.62 -0.61
N GLY A 44 -12.70 2.35 -1.69
CA GLY A 44 -11.61 3.24 -2.19
C GLY A 44 -10.96 2.61 -3.42
N GLU A 45 -9.76 2.12 -3.28
CA GLU A 45 -9.03 1.50 -4.43
C GLU A 45 -7.57 1.36 -4.08
N ILE A 46 -6.70 1.46 -5.04
CA ILE A 46 -5.26 1.37 -4.76
C ILE A 46 -4.53 2.49 -5.51
N LYS A 47 -3.80 3.29 -4.81
CA LYS A 47 -3.06 4.38 -5.49
C LYS A 47 -1.78 3.79 -6.06
N TRP A 48 -1.18 2.89 -5.33
CA TRP A 48 0.07 2.26 -5.83
C TRP A 48 0.46 1.06 -4.98
N ILE A 49 0.98 0.04 -5.61
CA ILE A 49 1.39 -1.19 -4.86
C ILE A 49 2.89 -1.43 -5.03
N ASP A 50 3.64 -1.45 -3.96
CA ASP A 50 5.10 -1.70 -4.09
C ASP A 50 5.48 -3.01 -3.39
N PHE A 51 5.85 -4.00 -4.14
CA PHE A 51 6.24 -5.30 -3.52
C PHE A 51 7.70 -5.64 -3.87
N VAL A 52 8.45 -6.10 -2.91
CA VAL A 52 9.86 -6.46 -3.20
C VAL A 52 9.96 -7.97 -3.46
N ARG A 53 10.53 -8.36 -4.56
CA ARG A 53 10.63 -9.81 -4.86
C ARG A 53 11.32 -10.56 -3.72
N GLY A 54 10.69 -11.56 -3.19
CA GLY A 54 11.30 -12.34 -2.08
C GLY A 54 11.17 -11.57 -0.77
N ALA A 55 10.33 -10.58 -0.71
CA ALA A 55 10.18 -9.80 0.55
C ALA A 55 9.22 -10.52 1.50
N LYS A 56 9.17 -10.09 2.73
CA LYS A 56 8.24 -10.74 3.70
C LYS A 56 7.09 -9.79 4.03
N GLU A 57 6.63 -9.07 3.06
CA GLU A 57 5.51 -8.10 3.29
C GLU A 57 5.33 -7.20 2.05
N GLY A 58 4.36 -6.34 2.08
CA GLY A 58 4.14 -5.43 0.92
C GLY A 58 3.34 -4.21 1.39
N ILE A 59 3.39 -3.14 0.66
CA ILE A 59 2.63 -1.93 1.09
C ILE A 59 1.77 -1.40 -0.06
N ILE A 60 0.70 -0.73 0.26
CA ILE A 60 -0.17 -0.17 -0.83
C ILE A 60 -0.80 1.14 -0.40
N LEU A 61 -0.47 2.21 -1.07
CA LEU A 61 -1.08 3.51 -0.70
C LEU A 61 -2.34 3.67 -1.54
N PHE A 62 -3.41 4.11 -0.96
CA PHE A 62 -4.67 4.19 -1.73
C PHE A 62 -4.92 5.58 -2.32
N LYS A 63 -5.90 5.65 -3.17
CA LYS A 63 -6.26 6.95 -3.80
C LYS A 63 -7.12 7.76 -2.83
N GLU A 64 -7.80 7.09 -1.94
CA GLU A 64 -8.66 7.82 -0.97
C GLU A 64 -8.10 7.70 0.44
N LYS A 65 -7.28 6.72 0.66
CA LYS A 65 -6.65 6.51 2.00
C LYS A 65 -6.46 5.02 2.25
N ALA A 66 -5.25 4.59 2.36
CA ALA A 66 -4.99 3.15 2.62
C ALA A 66 -5.52 2.78 3.99
N LYS A 67 -5.25 3.59 4.97
CA LYS A 67 -5.74 3.31 6.35
C LYS A 67 -7.28 3.26 6.37
N GLU A 68 -7.90 4.01 5.49
CA GLU A 68 -9.40 4.04 5.45
C GLU A 68 -9.93 2.76 4.81
N ALA A 69 -9.48 2.46 3.64
CA ALA A 69 -9.93 1.23 2.94
C ALA A 69 -9.34 0.00 3.63
N LEU A 70 -8.16 0.13 4.17
CA LEU A 70 -7.53 -1.06 4.82
C LEU A 70 -8.16 -1.31 6.17
N GLY A 71 -8.31 -0.30 6.96
CA GLY A 71 -8.93 -0.49 8.30
C GLY A 71 -10.38 -0.93 8.08
N LYS A 72 -10.98 -0.49 7.01
CA LYS A 72 -12.39 -0.89 6.73
C LYS A 72 -12.47 -2.33 6.22
N ALA A 73 -11.66 -2.62 5.24
CA ALA A 73 -11.64 -3.99 4.65
C ALA A 73 -10.88 -4.92 5.56
N LYS A 74 -9.90 -4.42 6.24
CA LYS A 74 -9.14 -5.28 7.19
C LYS A 74 -10.09 -5.64 8.31
N ASP A 75 -10.87 -4.66 8.67
CA ASP A 75 -11.85 -4.85 9.77
C ASP A 75 -13.05 -5.65 9.28
N ALA A 76 -13.33 -5.60 8.01
CA ALA A 76 -14.48 -6.33 7.45
C ALA A 76 -14.60 -7.72 8.08
N ASN A 77 -13.54 -8.24 8.62
CA ASN A 77 -13.63 -9.60 9.23
C ASN A 77 -13.18 -9.59 10.68
N ASN A 78 -11.90 -9.73 10.90
CA ASN A 78 -11.38 -9.77 12.30
C ASN A 78 -10.87 -8.40 12.76
N GLY A 79 -10.22 -7.69 11.87
CA GLY A 79 -9.66 -6.35 12.26
C GLY A 79 -8.45 -6.06 11.38
N ASN A 80 -7.92 -7.08 10.76
CA ASN A 80 -6.74 -6.90 9.86
C ASN A 80 -7.13 -7.33 8.44
N LEU A 81 -6.47 -6.82 7.45
CA LEU A 81 -6.84 -7.21 6.05
C LEU A 81 -5.81 -8.16 5.47
N GLN A 82 -6.24 -9.17 4.78
CA GLN A 82 -5.26 -10.10 4.16
C GLN A 82 -5.04 -9.66 2.72
N LEU A 83 -3.91 -9.93 2.17
CA LEU A 83 -3.64 -9.51 0.76
C LEU A 83 -4.07 -10.63 -0.17
N ARG A 84 -4.71 -10.28 -1.24
CA ARG A 84 -5.20 -11.30 -2.20
C ARG A 84 -6.26 -12.15 -1.51
N ASN A 85 -6.78 -11.64 -0.44
CA ASN A 85 -7.81 -12.39 0.32
C ASN A 85 -7.28 -13.76 0.68
N LYS A 86 -6.14 -13.81 1.37
CA LYS A 86 -5.52 -15.11 1.79
C LYS A 86 -4.01 -15.03 1.57
N GLU A 87 -3.39 -13.95 1.96
CA GLU A 87 -1.93 -13.82 1.76
C GLU A 87 -1.27 -12.96 2.83
N VAL A 88 -1.49 -11.67 2.81
CA VAL A 88 -0.82 -10.80 3.85
C VAL A 88 -1.79 -9.87 4.57
N THR A 89 -1.66 -9.76 5.86
CA THR A 89 -2.56 -8.85 6.62
C THR A 89 -1.99 -7.43 6.62
N TRP A 90 -2.79 -6.42 6.33
CA TRP A 90 -2.24 -5.03 6.32
C TRP A 90 -2.70 -4.25 7.54
N GLU A 91 -1.85 -3.38 8.01
CA GLU A 91 -2.18 -2.52 9.19
C GLU A 91 -1.48 -1.16 9.00
N VAL A 92 -2.15 -0.08 9.28
CA VAL A 92 -1.50 1.25 9.09
C VAL A 92 -0.35 1.45 10.08
N LEU A 93 0.77 1.92 9.59
CA LEU A 93 1.94 2.14 10.49
C LEU A 93 1.85 3.50 11.18
N GLU A 94 2.96 4.03 11.61
CA GLU A 94 2.95 5.34 12.31
C GLU A 94 3.91 6.32 11.62
N GLY A 95 3.95 7.54 12.09
CA GLY A 95 4.85 8.55 11.47
C GLY A 95 6.23 7.94 11.21
N GLU A 96 6.75 7.17 12.12
CA GLU A 96 8.10 6.58 11.92
C GLU A 96 8.07 5.47 10.86
N VAL A 97 7.17 4.53 10.98
CA VAL A 97 7.09 3.44 9.96
C VAL A 97 6.43 3.95 8.68
N GLU A 98 5.45 4.80 8.80
CA GLU A 98 4.77 5.33 7.59
C GLU A 98 5.78 6.03 6.67
N LYS A 99 6.66 6.80 7.23
CA LYS A 99 7.67 7.51 6.38
C LYS A 99 8.63 6.49 5.76
N GLU A 100 9.12 5.58 6.55
CA GLU A 100 10.06 4.56 6.01
C GLU A 100 9.48 3.96 4.72
N ALA A 101 8.25 3.53 4.76
CA ALA A 101 7.63 2.95 3.54
C ALA A 101 7.21 4.05 2.57
N LEU A 102 6.77 5.16 3.09
CA LEU A 102 6.34 6.29 2.21
C LEU A 102 7.49 6.71 1.30
N LYS A 103 8.68 6.82 1.82
CA LYS A 103 9.84 7.22 0.98
C LYS A 103 10.20 6.08 0.03
N LYS A 104 10.27 4.89 0.54
CA LYS A 104 10.61 3.71 -0.31
C LYS A 104 9.53 3.53 -1.38
N ILE A 105 8.30 3.77 -1.04
CA ILE A 105 7.20 3.61 -2.04
C ILE A 105 7.27 4.72 -3.10
N ILE A 106 7.56 5.92 -2.69
CA ILE A 106 7.64 7.04 -3.68
C ILE A 106 8.77 6.78 -4.68
N GLU A 107 9.94 6.48 -4.18
CA GLU A 107 11.09 6.22 -5.10
C GLU A 107 10.74 5.11 -6.10
N ASP A 108 9.90 4.19 -5.69
CA ASP A 108 9.52 3.08 -6.61
C ASP A 108 8.61 3.60 -7.72
N GLN A 109 7.73 4.51 -7.40
CA GLN A 109 6.81 5.06 -8.43
C GLN A 109 7.61 5.77 -9.54
N GLN A 110 8.62 6.49 -9.16
CA GLN A 110 9.44 7.21 -10.18
C GLN A 110 9.93 6.24 -11.26
N GLU A 111 10.08 4.99 -10.91
CA GLU A 111 10.55 3.99 -11.92
C GLU A 111 9.67 4.04 -13.18
N SER A 112 8.44 4.45 -13.03
CA SER A 112 7.54 4.52 -14.21
C SER A 112 7.89 5.74 -15.06
N LEU A 113 8.28 6.82 -14.45
CA LEU A 113 8.64 8.05 -15.24
C LEU A 113 10.01 7.86 -15.90
N ASN A 114 10.77 6.90 -15.47
CA ASN A 114 12.12 6.67 -16.06
C ASN A 114 12.94 7.97 -16.01
N LYS A 115 14.15 7.93 -16.49
CA LYS A 115 15.00 9.16 -16.48
C LYS A 115 14.99 9.83 -17.85
N TRP A 116 14.17 10.84 -18.02
CA TRP A 116 14.12 11.53 -19.33
C TRP A 116 14.70 12.94 -19.21
N LYS A 117 15.90 13.05 -18.73
CA LYS A 117 16.54 14.40 -18.59
C LYS A 117 17.30 14.76 -19.86
N SER A 118 16.78 14.42 -21.01
CA SER A 118 17.49 14.75 -22.28
C SER A 118 16.62 15.68 -23.14
N LYS A 119 15.86 16.53 -22.51
CA LYS A 119 14.99 17.46 -23.30
C LYS A 119 13.93 16.66 -24.07
N GLY A 120 13.62 15.48 -23.64
CA GLY A 120 12.59 14.66 -24.34
C GLY A 120 12.90 14.65 -25.84
N ARG A 121 14.12 14.35 -26.21
CA ARG A 121 14.48 14.32 -27.66
C ARG A 121 13.84 13.10 -28.33
N HIS A 9 15.04 19.19 -0.45
CA HIS A 9 15.27 18.75 -1.86
C HIS A 9 14.41 19.58 -2.82
N HIS A 10 14.24 19.13 -4.03
CA HIS A 10 13.43 19.91 -5.00
C HIS A 10 11.96 19.95 -4.55
N GLY A 11 11.35 18.81 -4.39
CA GLY A 11 9.92 18.79 -3.94
C GLY A 11 9.86 18.83 -2.42
N SER A 12 9.41 19.91 -1.87
CA SER A 12 9.32 20.01 -0.38
C SER A 12 7.87 19.83 0.08
N LEU A 13 7.64 18.94 1.01
CA LEU A 13 6.25 18.70 1.52
C LEU A 13 5.26 18.66 0.37
N GLU A 14 5.78 18.49 -0.79
CA GLU A 14 4.93 18.43 -2.01
C GLU A 14 3.85 17.36 -1.85
N GLU A 15 4.08 16.40 -1.01
CA GLU A 15 3.06 15.32 -0.80
C GLU A 15 3.63 14.22 0.08
N LYS A 16 3.90 14.52 1.32
CA LYS A 16 4.46 13.48 2.23
C LYS A 16 3.38 13.01 3.22
N ILE A 17 2.25 12.59 2.72
CA ILE A 17 1.17 12.12 3.64
C ILE A 17 1.35 10.66 3.99
N GLY A 18 0.87 10.29 5.13
CA GLY A 18 1.00 8.87 5.57
C GLY A 18 -0.29 8.10 5.22
N CYS A 19 -0.60 8.01 3.96
CA CYS A 19 -1.83 7.28 3.55
C CYS A 19 -1.47 5.98 2.84
N LEU A 20 -0.90 5.04 3.55
CA LEU A 20 -0.52 3.74 2.92
C LEU A 20 -0.54 2.62 3.96
N LEU A 21 -0.80 1.42 3.54
CA LEU A 21 -0.83 0.28 4.51
C LEU A 21 0.14 -0.82 4.10
N LYS A 22 0.69 -1.54 5.04
CA LYS A 22 1.63 -2.63 4.69
C LYS A 22 1.07 -3.98 5.10
N PHE A 23 1.46 -5.01 4.42
CA PHE A 23 0.95 -6.37 4.77
C PHE A 23 2.09 -7.40 4.77
N SER A 24 1.97 -8.45 5.53
CA SER A 24 3.06 -9.46 5.60
C SER A 24 2.50 -10.86 5.84
N GLY A 25 3.12 -11.86 5.29
CA GLY A 25 2.63 -13.26 5.48
C GLY A 25 2.88 -14.07 4.20
N ASP A 26 1.95 -14.91 3.83
CA ASP A 26 2.13 -15.72 2.60
C ASP A 26 1.76 -14.90 1.36
N LEU A 27 2.60 -13.99 0.95
CA LEU A 27 2.29 -13.17 -0.24
C LEU A 27 2.17 -14.04 -1.49
N ASP A 28 1.25 -13.73 -2.37
CA ASP A 28 1.10 -14.54 -3.61
C ASP A 28 1.97 -13.96 -4.73
N ASP A 29 2.30 -14.76 -5.71
CA ASP A 29 3.14 -14.26 -6.82
C ASP A 29 2.39 -14.36 -8.15
N GLN A 30 1.44 -15.26 -8.23
CA GLN A 30 0.67 -15.42 -9.50
C GLN A 30 -0.35 -14.29 -9.64
N THR A 31 -1.15 -14.07 -8.63
CA THR A 31 -2.17 -12.99 -8.68
C THR A 31 -1.60 -11.75 -9.36
N CYS A 32 -2.42 -10.99 -10.03
CA CYS A 32 -1.93 -9.76 -10.70
C CYS A 32 -2.04 -8.55 -9.77
N ARG A 33 -1.27 -7.53 -10.02
CA ARG A 33 -1.32 -6.32 -9.14
C ARG A 33 -2.66 -5.59 -9.30
N GLU A 34 -3.12 -5.45 -10.51
CA GLU A 34 -4.41 -4.73 -10.75
C GLU A 34 -5.62 -5.56 -10.28
N ASP A 35 -5.59 -6.85 -10.46
CA ASP A 35 -6.75 -7.68 -10.06
C ASP A 35 -7.02 -7.57 -8.55
N LEU A 36 -6.00 -7.69 -7.76
CA LEU A 36 -6.21 -7.59 -6.28
C LEU A 36 -6.52 -6.15 -5.86
N HIS A 37 -5.87 -5.18 -6.46
CA HIS A 37 -6.15 -3.76 -6.09
C HIS A 37 -7.62 -3.42 -6.31
N ILE A 38 -8.20 -3.95 -7.34
CA ILE A 38 -9.64 -3.67 -7.61
C ILE A 38 -10.53 -4.32 -6.56
N LEU A 39 -10.12 -5.46 -6.05
CA LEU A 39 -10.95 -6.16 -5.03
C LEU A 39 -11.07 -5.32 -3.76
N PHE A 40 -10.04 -4.60 -3.39
CA PHE A 40 -10.11 -3.76 -2.16
C PHE A 40 -10.85 -2.46 -2.48
N SER A 41 -11.34 -2.32 -3.68
CA SER A 41 -12.07 -1.07 -4.06
C SER A 41 -13.38 -0.96 -3.26
N ASN A 42 -13.30 -0.94 -1.97
CA ASN A 42 -14.53 -0.83 -1.14
C ASN A 42 -14.72 0.61 -0.68
N HIS A 43 -13.77 1.47 -0.97
CA HIS A 43 -13.88 2.89 -0.54
C HIS A 43 -12.69 3.69 -1.06
N GLY A 44 -12.19 3.30 -2.17
CA GLY A 44 -11.02 4.01 -2.77
C GLY A 44 -10.20 3.03 -3.61
N GLU A 45 -10.13 1.79 -3.19
CA GLU A 45 -9.34 0.78 -3.96
C GLU A 45 -7.84 1.01 -3.75
N ILE A 46 -7.02 0.10 -4.20
CA ILE A 46 -5.56 0.28 -4.04
C ILE A 46 -5.01 1.22 -5.11
N LYS A 47 -4.16 2.13 -4.73
CA LYS A 47 -3.58 3.07 -5.72
C LYS A 47 -2.23 2.54 -6.20
N TRP A 48 -1.52 1.89 -5.32
CA TRP A 48 -0.19 1.34 -5.73
C TRP A 48 0.28 0.27 -4.74
N ILE A 49 0.97 -0.73 -5.23
CA ILE A 49 1.46 -1.82 -4.35
C ILE A 49 2.96 -2.07 -4.59
N ASP A 50 3.75 -2.10 -3.56
CA ASP A 50 5.21 -2.35 -3.75
C ASP A 50 5.60 -3.68 -3.08
N PHE A 51 5.97 -4.65 -3.86
CA PHE A 51 6.38 -5.97 -3.28
C PHE A 51 7.84 -6.28 -3.62
N VAL A 52 8.61 -6.74 -2.66
CA VAL A 52 10.03 -7.08 -2.95
C VAL A 52 10.17 -8.56 -3.26
N ARG A 53 10.85 -8.91 -4.31
CA ARG A 53 11.02 -10.34 -4.66
C ARG A 53 11.70 -11.10 -3.52
N GLY A 54 11.08 -12.14 -3.03
CA GLY A 54 11.69 -12.92 -1.91
C GLY A 54 11.46 -12.20 -0.59
N ALA A 55 10.58 -11.25 -0.55
CA ALA A 55 10.31 -10.53 0.73
C ALA A 55 9.23 -11.25 1.52
N LYS A 56 8.93 -10.78 2.70
CA LYS A 56 7.88 -11.43 3.53
C LYS A 56 6.74 -10.44 3.78
N GLU A 57 6.80 -9.30 3.15
CA GLU A 57 5.73 -8.28 3.33
C GLU A 57 6.04 -7.06 2.47
N GLY A 58 5.05 -6.27 2.15
CA GLY A 58 5.32 -5.06 1.31
C GLY A 58 4.41 -3.93 1.77
N ILE A 59 4.08 -3.03 0.88
CA ILE A 59 3.19 -1.90 1.28
C ILE A 59 2.24 -1.55 0.14
N ILE A 60 1.09 -1.03 0.46
CA ILE A 60 0.14 -0.64 -0.62
C ILE A 60 -0.59 0.66 -0.27
N LEU A 61 -0.38 1.69 -1.02
CA LEU A 61 -1.09 2.97 -0.73
C LEU A 61 -2.37 3.01 -1.55
N PHE A 62 -3.44 3.42 -0.94
CA PHE A 62 -4.72 3.45 -1.68
C PHE A 62 -4.93 4.80 -2.37
N LYS A 63 -5.91 4.85 -3.24
CA LYS A 63 -6.19 6.12 -3.96
C LYS A 63 -6.95 7.08 -3.05
N GLU A 64 -7.65 6.56 -2.07
CA GLU A 64 -8.41 7.47 -1.16
C GLU A 64 -7.84 7.43 0.25
N LYS A 65 -7.11 6.39 0.56
CA LYS A 65 -6.50 6.25 1.91
C LYS A 65 -6.38 4.79 2.30
N ALA A 66 -5.19 4.32 2.43
CA ALA A 66 -4.98 2.89 2.80
C ALA A 66 -5.61 2.63 4.17
N LYS A 67 -5.39 3.50 5.10
CA LYS A 67 -5.98 3.31 6.46
C LYS A 67 -7.50 3.24 6.39
N GLU A 68 -8.08 3.92 5.44
CA GLU A 68 -9.55 3.92 5.29
C GLU A 68 -10.02 2.60 4.67
N ALA A 69 -9.55 2.31 3.50
CA ALA A 69 -9.95 1.05 2.82
C ALA A 69 -9.32 -0.16 3.49
N LEU A 70 -8.14 -0.01 4.04
CA LEU A 70 -7.49 -1.18 4.69
C LEU A 70 -8.10 -1.44 6.06
N GLY A 71 -8.25 -0.42 6.84
CA GLY A 71 -8.85 -0.59 8.19
C GLY A 71 -10.33 -0.90 8.04
N LYS A 72 -10.94 -0.36 7.02
CA LYS A 72 -12.39 -0.61 6.80
C LYS A 72 -12.58 -2.03 6.26
N ALA A 73 -11.78 -2.38 5.30
CA ALA A 73 -11.85 -3.74 4.70
C ALA A 73 -11.18 -4.73 5.63
N LYS A 74 -10.18 -4.29 6.34
CA LYS A 74 -9.49 -5.21 7.29
C LYS A 74 -10.43 -5.46 8.46
N ASP A 75 -11.23 -4.49 8.77
CA ASP A 75 -12.17 -4.64 9.91
C ASP A 75 -13.34 -5.55 9.52
N ALA A 76 -13.66 -5.55 8.26
CA ALA A 76 -14.79 -6.38 7.76
C ALA A 76 -14.81 -7.74 8.46
N ASN A 77 -13.70 -8.18 9.00
CA ASN A 77 -13.72 -9.51 9.64
C ASN A 77 -13.11 -9.49 11.05
N ASN A 78 -11.83 -9.61 11.14
CA ASN A 78 -11.16 -9.66 12.49
C ASN A 78 -10.58 -8.31 12.92
N GLY A 79 -10.06 -7.55 12.01
CA GLY A 79 -9.44 -6.24 12.40
C GLY A 79 -8.13 -6.10 11.62
N ASN A 80 -7.72 -7.15 10.98
CA ASN A 80 -6.48 -7.13 10.15
C ASN A 80 -6.89 -7.54 8.73
N LEU A 81 -6.20 -7.11 7.71
CA LEU A 81 -6.65 -7.51 6.35
C LEU A 81 -5.66 -8.48 5.72
N GLN A 82 -6.13 -9.50 5.07
CA GLN A 82 -5.19 -10.42 4.40
C GLN A 82 -5.13 -10.03 2.92
N LEU A 83 -4.04 -10.28 2.27
CA LEU A 83 -3.94 -9.91 0.84
C LEU A 83 -4.39 -11.07 -0.01
N ARG A 84 -5.13 -10.78 -1.04
CA ARG A 84 -5.67 -11.85 -1.92
C ARG A 84 -6.83 -12.52 -1.21
N ASN A 85 -7.25 -11.91 -0.15
CA ASN A 85 -8.39 -12.43 0.67
C ASN A 85 -7.87 -13.16 1.91
N LYS A 86 -6.76 -13.85 1.80
CA LYS A 86 -6.24 -14.58 2.99
C LYS A 86 -4.78 -14.99 2.77
N GLU A 87 -3.93 -14.05 2.47
CA GLU A 87 -2.49 -14.39 2.26
C GLU A 87 -1.61 -13.49 3.12
N VAL A 88 -1.81 -12.21 3.02
CA VAL A 88 -0.97 -11.27 3.85
C VAL A 88 -1.83 -10.27 4.62
N THR A 89 -1.56 -10.12 5.86
CA THR A 89 -2.36 -9.15 6.68
C THR A 89 -1.79 -7.74 6.56
N TRP A 90 -2.63 -6.76 6.30
CA TRP A 90 -2.09 -5.37 6.21
C TRP A 90 -2.33 -4.65 7.52
N GLU A 91 -1.42 -3.79 7.90
CA GLU A 91 -1.56 -3.00 9.16
C GLU A 91 -0.98 -1.60 8.93
N VAL A 92 -1.75 -0.58 9.16
CA VAL A 92 -1.23 0.81 8.92
C VAL A 92 -0.11 1.20 9.90
N LEU A 93 1.02 1.56 9.39
CA LEU A 93 2.15 2.00 10.25
C LEU A 93 1.98 3.47 10.59
N GLU A 94 2.65 3.98 11.60
CA GLU A 94 2.44 5.42 11.94
C GLU A 94 3.72 6.08 12.43
N GLY A 95 3.81 7.37 12.24
CA GLY A 95 5.01 8.14 12.68
C GLY A 95 6.17 7.91 11.72
N GLU A 96 7.31 7.52 12.24
CA GLU A 96 8.49 7.29 11.37
C GLU A 96 8.19 6.24 10.30
N VAL A 97 7.65 5.12 10.69
CA VAL A 97 7.35 4.06 9.68
C VAL A 97 6.37 4.58 8.63
N GLU A 98 5.34 5.25 9.07
CA GLU A 98 4.34 5.80 8.09
C GLU A 98 5.03 6.74 7.11
N LYS A 99 5.86 7.62 7.59
CA LYS A 99 6.57 8.56 6.67
C LYS A 99 7.64 7.82 5.88
N GLU A 100 8.43 7.03 6.56
CA GLU A 100 9.52 6.28 5.86
C GLU A 100 8.94 5.47 4.69
N ALA A 101 7.95 4.66 4.95
CA ALA A 101 7.36 3.85 3.86
C ALA A 101 6.94 4.74 2.69
N LEU A 102 6.47 5.92 2.98
CA LEU A 102 6.05 6.85 1.90
C LEU A 102 7.26 7.24 1.03
N LYS A 103 8.37 7.56 1.64
CA LYS A 103 9.56 7.95 0.85
C LYS A 103 10.04 6.77 0.00
N LYS A 104 10.12 5.61 0.58
CA LYS A 104 10.58 4.42 -0.18
C LYS A 104 9.64 4.16 -1.36
N ILE A 105 8.37 4.37 -1.18
CA ILE A 105 7.40 4.13 -2.29
C ILE A 105 7.67 5.10 -3.45
N ILE A 106 8.08 6.29 -3.15
CA ILE A 106 8.36 7.27 -4.25
C ILE A 106 9.63 6.90 -4.98
N GLU A 107 10.70 6.68 -4.26
CA GLU A 107 11.98 6.31 -4.92
C GLU A 107 11.79 5.08 -5.80
N ASP A 108 10.88 4.22 -5.46
CA ASP A 108 10.64 3.00 -6.28
C ASP A 108 10.06 3.38 -7.64
N GLN A 109 9.13 4.28 -7.65
CA GLN A 109 8.52 4.70 -8.95
C GLN A 109 9.49 5.58 -9.74
N GLN A 110 10.26 6.38 -9.07
CA GLN A 110 11.23 7.27 -9.78
C GLN A 110 12.35 6.44 -10.41
N GLU A 111 12.65 5.29 -9.85
CA GLU A 111 13.73 4.44 -10.42
C GLU A 111 13.29 3.86 -11.76
N SER A 112 12.05 3.48 -11.88
CA SER A 112 11.55 2.90 -13.16
C SER A 112 11.15 4.02 -14.13
N LEU A 113 10.92 5.20 -13.62
CA LEU A 113 10.51 6.33 -14.51
C LEU A 113 11.75 6.97 -15.14
N ASN A 114 12.91 6.62 -14.67
CA ASN A 114 14.15 7.22 -15.26
C ASN A 114 14.44 6.61 -16.63
N LYS A 115 15.21 5.56 -16.67
CA LYS A 115 15.53 4.92 -17.98
C LYS A 115 15.97 5.98 -18.99
N TRP A 116 17.26 6.13 -19.18
CA TRP A 116 17.75 7.15 -20.15
C TRP A 116 18.62 6.48 -21.22
N LYS A 117 19.36 7.25 -21.97
CA LYS A 117 20.23 6.65 -23.03
C LYS A 117 21.67 6.53 -22.53
N SER A 118 22.57 6.11 -23.38
CA SER A 118 23.99 5.98 -22.95
C SER A 118 24.89 6.86 -23.82
N LYS A 119 24.32 7.79 -24.54
CA LYS A 119 25.14 8.69 -25.40
C LYS A 119 25.54 9.95 -24.63
N GLY A 120 24.71 10.39 -23.73
CA GLY A 120 25.04 11.62 -22.94
C GLY A 120 25.29 12.78 -23.89
N ARG A 121 25.94 13.81 -23.42
CA ARG A 121 26.22 14.98 -24.31
C ARG A 121 26.98 14.53 -25.55
N HIS A 9 -7.49 31.97 14.24
CA HIS A 9 -6.07 31.50 14.33
C HIS A 9 -5.55 31.19 12.92
N HIS A 10 -4.74 30.17 12.79
CA HIS A 10 -4.18 29.82 11.46
C HIS A 10 -4.20 28.31 11.25
N GLY A 11 -3.90 27.55 12.28
CA GLY A 11 -3.89 26.07 12.14
C GLY A 11 -2.64 25.62 11.39
N SER A 12 -1.55 25.46 12.09
CA SER A 12 -0.29 25.02 11.42
C SER A 12 0.03 23.57 11.78
N LEU A 13 0.15 22.71 10.80
CA LEU A 13 0.44 21.29 11.08
C LEU A 13 -0.78 20.60 11.67
N GLU A 14 -1.34 19.71 10.93
CA GLU A 14 -2.54 18.98 11.40
C GLU A 14 -2.12 17.73 12.20
N GLU A 15 -0.90 17.32 12.05
CA GLU A 15 -0.43 16.12 12.80
C GLU A 15 -1.23 14.88 12.37
N LYS A 16 -0.96 14.35 11.21
CA LYS A 16 -1.71 13.16 10.73
C LYS A 16 -1.04 12.58 9.48
N ILE A 17 0.20 12.17 9.59
CA ILE A 17 0.90 11.61 8.40
C ILE A 17 0.91 10.09 8.47
N GLY A 18 0.97 9.47 7.34
CA GLY A 18 0.99 7.98 7.28
C GLY A 18 -0.14 7.48 6.36
N CYS A 19 0.05 7.59 5.09
CA CYS A 19 -1.01 7.12 4.14
C CYS A 19 -0.55 5.85 3.43
N LEU A 20 0.04 4.93 4.14
CA LEU A 20 0.51 3.68 3.49
C LEU A 20 0.30 2.48 4.43
N LEU A 21 -0.17 1.38 3.91
CA LEU A 21 -0.39 0.18 4.77
C LEU A 21 0.40 -1.02 4.24
N LYS A 22 0.85 -1.89 5.10
CA LYS A 22 1.63 -3.06 4.62
C LYS A 22 1.02 -4.37 5.13
N PHE A 23 1.23 -5.42 4.40
CA PHE A 23 0.68 -6.74 4.82
C PHE A 23 1.82 -7.75 4.96
N SER A 24 1.65 -8.75 5.79
CA SER A 24 2.76 -9.74 5.98
C SER A 24 2.21 -11.15 6.09
N GLY A 25 2.93 -12.11 5.57
CA GLY A 25 2.46 -13.53 5.64
C GLY A 25 2.93 -14.27 4.39
N ASP A 26 2.12 -15.13 3.83
CA ASP A 26 2.53 -15.87 2.61
C ASP A 26 1.92 -15.21 1.37
N LEU A 27 2.72 -14.52 0.61
CA LEU A 27 2.18 -13.85 -0.62
C LEU A 27 3.02 -14.18 -1.83
N ASP A 28 3.86 -15.11 -1.65
CA ASP A 28 4.77 -15.56 -2.75
C ASP A 28 4.11 -16.69 -3.55
N ASP A 29 3.51 -16.39 -4.66
CA ASP A 29 2.86 -17.45 -5.49
C ASP A 29 2.02 -16.81 -6.60
N GLN A 30 0.72 -16.97 -6.55
CA GLN A 30 -0.13 -16.37 -7.61
C GLN A 30 -0.61 -14.98 -7.17
N THR A 31 -0.68 -14.75 -5.89
CA THR A 31 -1.14 -13.42 -5.39
C THR A 31 -0.56 -12.29 -6.27
N CYS A 32 -1.34 -11.81 -7.21
CA CYS A 32 -0.83 -10.72 -8.09
C CYS A 32 -1.19 -9.35 -7.51
N ARG A 33 -0.46 -8.33 -7.88
CA ARG A 33 -0.75 -6.96 -7.35
C ARG A 33 -2.09 -6.43 -7.89
N GLU A 34 -2.35 -6.63 -9.15
CA GLU A 34 -3.61 -6.11 -9.75
C GLU A 34 -4.83 -6.90 -9.27
N ASP A 35 -4.72 -8.19 -9.13
CA ASP A 35 -5.89 -8.99 -8.69
C ASP A 35 -6.34 -8.59 -7.28
N LEU A 36 -5.42 -8.50 -6.36
CA LEU A 36 -5.81 -8.11 -4.97
C LEU A 36 -6.17 -6.62 -4.91
N HIS A 37 -5.46 -5.80 -5.63
CA HIS A 37 -5.76 -4.34 -5.61
C HIS A 37 -7.20 -4.08 -6.07
N ILE A 38 -7.66 -4.82 -7.02
CA ILE A 38 -9.05 -4.62 -7.53
C ILE A 38 -10.08 -5.06 -6.49
N LEU A 39 -9.77 -6.06 -5.71
CA LEU A 39 -10.75 -6.55 -4.70
C LEU A 39 -11.01 -5.50 -3.61
N PHE A 40 -10.05 -4.67 -3.31
CA PHE A 40 -10.28 -3.64 -2.25
C PHE A 40 -11.26 -2.57 -2.73
N SER A 41 -11.76 -2.70 -3.93
CA SER A 41 -12.72 -1.69 -4.45
C SER A 41 -14.03 -1.73 -3.66
N ASN A 42 -13.97 -1.58 -2.36
CA ASN A 42 -15.21 -1.61 -1.54
C ASN A 42 -15.52 -0.21 -1.00
N HIS A 43 -14.50 0.52 -0.65
CA HIS A 43 -14.71 1.90 -0.13
C HIS A 43 -13.39 2.64 -0.10
N GLY A 44 -12.47 2.18 -0.89
CA GLY A 44 -11.13 2.82 -0.96
C GLY A 44 -10.23 1.96 -1.86
N GLU A 45 -10.08 2.35 -3.09
CA GLU A 45 -9.23 1.55 -4.03
C GLU A 45 -7.76 1.80 -3.73
N ILE A 46 -6.91 0.90 -4.11
CA ILE A 46 -5.46 1.09 -3.85
C ILE A 46 -4.89 2.12 -4.82
N LYS A 47 -3.85 2.80 -4.43
CA LYS A 47 -3.24 3.81 -5.34
C LYS A 47 -1.96 3.23 -5.93
N TRP A 48 -1.29 2.39 -5.19
CA TRP A 48 -0.03 1.77 -5.73
C TRP A 48 0.43 0.63 -4.82
N ILE A 49 1.03 -0.37 -5.40
CA ILE A 49 1.52 -1.53 -4.60
C ILE A 49 3.01 -1.75 -4.83
N ASP A 50 3.80 -1.74 -3.79
CA ASP A 50 5.26 -1.95 -3.96
C ASP A 50 5.70 -3.24 -3.29
N PHE A 51 6.13 -4.21 -4.06
CA PHE A 51 6.58 -5.50 -3.46
C PHE A 51 8.06 -5.74 -3.79
N VAL A 52 8.82 -6.18 -2.83
CA VAL A 52 10.26 -6.45 -3.10
C VAL A 52 10.46 -7.93 -3.37
N ARG A 53 11.27 -8.28 -4.34
CA ARG A 53 11.49 -9.71 -4.66
C ARG A 53 11.96 -10.47 -3.42
N GLY A 54 11.28 -11.53 -3.08
CA GLY A 54 11.68 -12.33 -1.88
C GLY A 54 11.42 -11.51 -0.62
N ALA A 55 10.61 -10.49 -0.72
CA ALA A 55 10.32 -9.66 0.48
C ALA A 55 9.46 -10.45 1.47
N LYS A 56 9.57 -10.14 2.74
CA LYS A 56 8.76 -10.88 3.75
C LYS A 56 7.38 -10.22 3.89
N GLU A 57 7.09 -9.26 3.05
CA GLU A 57 5.77 -8.58 3.13
C GLU A 57 5.61 -7.61 1.96
N GLY A 58 4.70 -6.68 2.07
CA GLY A 58 4.51 -5.69 0.97
C GLY A 58 3.75 -4.47 1.50
N ILE A 59 3.85 -3.37 0.82
CA ILE A 59 3.13 -2.14 1.30
C ILE A 59 2.21 -1.63 0.19
N ILE A 60 1.12 -1.01 0.54
CA ILE A 60 0.20 -0.50 -0.52
C ILE A 60 -0.45 0.83 -0.13
N LEU A 61 -0.18 1.86 -0.86
CA LEU A 61 -0.83 3.17 -0.54
C LEU A 61 -2.10 3.28 -1.39
N PHE A 62 -3.16 3.72 -0.79
CA PHE A 62 -4.44 3.81 -1.55
C PHE A 62 -4.65 5.19 -2.17
N LYS A 63 -5.60 5.30 -3.04
CA LYS A 63 -5.90 6.60 -3.66
C LYS A 63 -6.67 7.46 -2.67
N GLU A 64 -7.37 6.82 -1.75
CA GLU A 64 -8.14 7.59 -0.73
C GLU A 64 -7.43 7.54 0.62
N LYS A 65 -6.55 6.58 0.77
CA LYS A 65 -5.79 6.42 2.04
C LYS A 65 -5.76 4.94 2.43
N ALA A 66 -4.60 4.43 2.59
CA ALA A 66 -4.44 3.01 2.97
C ALA A 66 -5.13 2.75 4.31
N LYS A 67 -4.94 3.62 5.25
CA LYS A 67 -5.60 3.44 6.58
C LYS A 67 -7.10 3.39 6.40
N GLU A 68 -7.58 4.09 5.42
CA GLU A 68 -9.04 4.14 5.15
C GLU A 68 -9.51 2.84 4.50
N ALA A 69 -8.96 2.54 3.36
CA ALA A 69 -9.35 1.29 2.65
C ALA A 69 -8.82 0.07 3.40
N LEU A 70 -7.67 0.19 4.00
CA LEU A 70 -7.12 -0.99 4.73
C LEU A 70 -7.82 -1.15 6.07
N GLY A 71 -7.96 -0.10 6.80
CA GLY A 71 -8.66 -0.22 8.10
C GLY A 71 -10.10 -0.60 7.83
N LYS A 72 -10.63 -0.15 6.73
CA LYS A 72 -12.04 -0.48 6.38
C LYS A 72 -12.15 -1.91 5.85
N ALA A 73 -11.30 -2.25 4.91
CA ALA A 73 -11.31 -3.60 4.30
C ALA A 73 -10.65 -4.60 5.23
N LYS A 74 -9.66 -4.14 5.95
CA LYS A 74 -8.98 -5.05 6.91
C LYS A 74 -9.95 -5.35 8.02
N ASP A 75 -10.66 -4.33 8.39
CA ASP A 75 -11.66 -4.46 9.50
C ASP A 75 -12.87 -5.26 9.02
N ALA A 76 -13.14 -5.23 7.75
CA ALA A 76 -14.31 -5.97 7.20
C ALA A 76 -14.48 -7.31 7.88
N ASN A 77 -13.44 -7.84 8.47
CA ASN A 77 -13.58 -9.16 9.14
C ASN A 77 -13.14 -9.08 10.61
N ASN A 78 -11.88 -9.26 10.87
CA ASN A 78 -11.39 -9.23 12.27
C ASN A 78 -10.81 -7.85 12.64
N GLY A 79 -10.11 -7.25 11.73
CA GLY A 79 -9.49 -5.92 12.02
C GLY A 79 -8.27 -5.75 11.13
N ASN A 80 -7.77 -6.84 10.62
CA ASN A 80 -6.58 -6.80 9.72
C ASN A 80 -7.03 -7.20 8.31
N LEU A 81 -6.34 -6.78 7.29
CA LEU A 81 -6.79 -7.19 5.91
C LEU A 81 -5.88 -8.25 5.36
N GLN A 82 -6.44 -9.24 4.71
CA GLN A 82 -5.56 -10.27 4.11
C GLN A 82 -5.32 -9.88 2.66
N LEU A 83 -4.23 -10.27 2.10
CA LEU A 83 -3.97 -9.91 0.68
C LEU A 83 -4.50 -11.03 -0.18
N ARG A 84 -5.10 -10.69 -1.28
CA ARG A 84 -5.71 -11.71 -2.16
C ARG A 84 -6.99 -12.20 -1.50
N ASN A 85 -7.41 -11.46 -0.51
CA ASN A 85 -8.66 -11.78 0.25
C ASN A 85 -8.33 -12.59 1.50
N LYS A 86 -7.31 -13.41 1.45
CA LYS A 86 -6.97 -14.23 2.66
C LYS A 86 -5.55 -14.77 2.55
N GLU A 87 -4.60 -13.92 2.29
CA GLU A 87 -3.20 -14.39 2.16
C GLU A 87 -2.31 -13.62 3.13
N VAL A 88 -2.29 -12.33 3.03
CA VAL A 88 -1.42 -11.52 3.94
C VAL A 88 -2.24 -10.43 4.65
N THR A 89 -2.01 -10.24 5.91
CA THR A 89 -2.79 -9.21 6.65
C THR A 89 -2.08 -7.85 6.60
N TRP A 90 -2.79 -6.79 6.29
CA TRP A 90 -2.11 -5.46 6.24
C TRP A 90 -2.33 -4.73 7.56
N GLU A 91 -1.35 -3.98 7.97
CA GLU A 91 -1.47 -3.20 9.23
C GLU A 91 -0.77 -1.83 9.03
N VAL A 92 -1.46 -0.76 9.26
CA VAL A 92 -0.82 0.58 9.06
C VAL A 92 0.29 0.80 10.09
N LEU A 93 1.43 1.25 9.64
CA LEU A 93 2.56 1.49 10.58
C LEU A 93 2.35 2.77 11.39
N GLU A 94 3.40 3.34 11.89
CA GLU A 94 3.28 4.59 12.69
C GLU A 94 3.64 5.81 11.82
N GLY A 95 3.43 6.99 12.33
CA GLY A 95 3.75 8.21 11.54
C GLY A 95 5.18 8.16 11.02
N GLU A 96 6.13 7.89 11.87
CA GLU A 96 7.56 7.84 11.43
C GLU A 96 7.84 6.60 10.57
N VAL A 97 7.47 5.44 11.04
CA VAL A 97 7.75 4.21 10.24
C VAL A 97 6.78 4.08 9.05
N GLU A 98 5.55 4.44 9.23
CA GLU A 98 4.58 4.35 8.10
C GLU A 98 4.89 5.42 7.06
N LYS A 99 5.32 6.58 7.49
CA LYS A 99 5.65 7.66 6.53
C LYS A 99 6.93 7.32 5.77
N GLU A 100 7.93 6.88 6.48
CA GLU A 100 9.22 6.51 5.81
C GLU A 100 8.93 5.63 4.60
N ALA A 101 8.02 4.71 4.72
CA ALA A 101 7.68 3.83 3.57
C ALA A 101 7.01 4.63 2.46
N LEU A 102 6.20 5.59 2.83
CA LEU A 102 5.51 6.42 1.81
C LEU A 102 6.53 7.10 0.90
N LYS A 103 7.60 7.62 1.47
CA LYS A 103 8.63 8.29 0.64
C LYS A 103 9.40 7.26 -0.18
N LYS A 104 9.80 6.20 0.45
CA LYS A 104 10.56 5.14 -0.29
C LYS A 104 9.72 4.61 -1.44
N ILE A 105 8.44 4.47 -1.24
CA ILE A 105 7.55 3.96 -2.33
C ILE A 105 7.42 5.00 -3.43
N ILE A 106 7.47 6.26 -3.10
CA ILE A 106 7.34 7.32 -4.14
C ILE A 106 8.51 7.23 -5.12
N GLU A 107 9.71 7.11 -4.61
CA GLU A 107 10.89 7.03 -5.50
C GLU A 107 10.77 5.83 -6.44
N ASP A 108 10.28 4.73 -5.94
CA ASP A 108 10.13 3.52 -6.79
C ASP A 108 8.97 3.71 -7.78
N GLN A 109 7.91 4.34 -7.33
CA GLN A 109 6.74 4.56 -8.23
C GLN A 109 7.11 5.56 -9.32
N GLN A 110 7.72 6.65 -8.96
CA GLN A 110 8.10 7.67 -9.96
C GLN A 110 8.91 7.03 -11.09
N GLU A 111 9.61 5.95 -10.80
CA GLU A 111 10.42 5.28 -11.84
C GLU A 111 9.53 4.90 -13.04
N SER A 112 8.29 4.58 -12.77
CA SER A 112 7.37 4.20 -13.89
C SER A 112 7.23 5.36 -14.87
N LEU A 113 7.31 6.57 -14.39
CA LEU A 113 7.17 7.74 -15.30
C LEU A 113 8.52 8.04 -15.97
N ASN A 114 9.57 7.39 -15.54
CA ASN A 114 10.90 7.63 -16.16
C ASN A 114 11.29 9.11 -16.00
N LYS A 115 11.97 9.66 -16.99
CA LYS A 115 12.37 11.10 -16.89
C LYS A 115 11.27 11.98 -17.47
N TRP A 116 11.12 13.17 -16.94
CA TRP A 116 10.06 14.09 -17.47
C TRP A 116 10.14 15.44 -16.75
N LYS A 117 11.15 16.21 -17.00
CA LYS A 117 11.27 17.54 -16.33
C LYS A 117 11.61 18.62 -17.36
N SER A 118 11.64 18.27 -18.61
CA SER A 118 11.95 19.29 -19.66
C SER A 118 11.22 20.61 -19.36
N LYS A 119 9.92 20.57 -19.30
CA LYS A 119 9.15 21.81 -19.02
C LYS A 119 9.66 22.96 -19.89
N GLY A 120 10.11 22.65 -21.08
CA GLY A 120 10.63 23.72 -21.97
C GLY A 120 12.08 24.04 -21.62
N ARG A 121 12.34 24.36 -20.37
CA ARG A 121 13.74 24.67 -19.97
C ARG A 121 14.11 23.90 -18.70
N HIS A 9 4.84 19.36 5.44
CA HIS A 9 5.96 18.77 4.64
C HIS A 9 5.52 18.55 3.20
N HIS A 10 4.62 17.62 2.97
CA HIS A 10 4.15 17.36 1.59
C HIS A 10 2.73 16.77 1.62
N GLY A 11 1.85 17.38 2.35
CA GLY A 11 0.45 16.85 2.42
C GLY A 11 -0.49 17.94 2.93
N SER A 12 -1.74 17.86 2.62
CA SER A 12 -2.70 18.89 3.08
C SER A 12 -3.55 18.34 4.24
N LEU A 13 -4.01 19.19 5.12
CA LEU A 13 -4.83 18.74 6.27
C LEU A 13 -3.95 18.01 7.27
N GLU A 14 -3.79 18.60 8.41
CA GLU A 14 -2.96 17.98 9.48
C GLU A 14 -3.59 16.67 9.94
N GLU A 15 -4.87 16.51 9.76
CA GLU A 15 -5.54 15.25 10.19
C GLU A 15 -5.69 14.30 9.00
N LYS A 16 -4.62 13.99 8.33
CA LYS A 16 -4.71 13.07 7.16
C LYS A 16 -3.48 12.18 7.10
N ILE A 17 -3.30 11.31 8.04
CA ILE A 17 -2.11 10.41 8.04
C ILE A 17 -2.52 8.97 7.77
N GLY A 18 -1.64 8.21 7.21
CA GLY A 18 -1.94 6.79 6.91
C GLY A 18 -2.25 6.64 5.42
N CYS A 19 -1.29 6.88 4.58
CA CYS A 19 -1.54 6.75 3.11
C CYS A 19 -0.78 5.54 2.55
N LEU A 20 0.00 4.88 3.38
CA LEU A 20 0.77 3.70 2.92
C LEU A 20 0.68 2.57 3.95
N LEU A 21 0.10 1.46 3.60
CA LEU A 21 -0.01 0.34 4.57
C LEU A 21 0.63 -0.95 4.03
N LYS A 22 1.01 -1.85 4.90
CA LYS A 22 1.67 -3.10 4.40
C LYS A 22 1.09 -4.35 5.03
N PHE A 23 1.19 -5.44 4.32
CA PHE A 23 0.65 -6.72 4.85
C PHE A 23 1.80 -7.72 5.04
N SER A 24 1.65 -8.66 5.95
CA SER A 24 2.76 -9.63 6.17
C SER A 24 2.19 -10.99 6.61
N GLY A 25 2.84 -12.06 6.22
CA GLY A 25 2.34 -13.41 6.60
C GLY A 25 1.89 -14.14 5.34
N ASP A 26 2.06 -15.44 5.28
CA ASP A 26 1.63 -16.19 4.06
C ASP A 26 1.69 -15.29 2.82
N LEU A 27 2.82 -15.27 2.16
CA LEU A 27 2.94 -14.41 0.95
C LEU A 27 2.16 -15.01 -0.23
N ASP A 28 1.72 -14.19 -1.15
CA ASP A 28 0.94 -14.71 -2.31
C ASP A 28 1.89 -15.07 -3.46
N ASP A 29 1.43 -15.87 -4.38
CA ASP A 29 2.30 -16.26 -5.54
C ASP A 29 1.93 -15.43 -6.77
N GLN A 30 1.01 -15.91 -7.56
CA GLN A 30 0.61 -15.15 -8.79
C GLN A 30 0.02 -13.79 -8.39
N THR A 31 -0.87 -13.79 -7.44
CA THR A 31 -1.51 -12.50 -6.99
C THR A 31 -1.31 -11.39 -8.01
N CYS A 32 -2.33 -11.05 -8.77
CA CYS A 32 -2.17 -9.96 -9.78
C CYS A 32 -2.53 -8.61 -9.16
N ARG A 33 -2.05 -7.55 -9.73
CA ARG A 33 -2.35 -6.19 -9.19
C ARG A 33 -3.82 -5.82 -9.41
N GLU A 34 -4.37 -6.17 -10.54
CA GLU A 34 -5.79 -5.80 -10.83
C GLU A 34 -6.78 -6.64 -10.00
N ASP A 35 -6.50 -7.90 -9.81
CA ASP A 35 -7.45 -8.74 -9.02
C ASP A 35 -7.54 -8.29 -7.56
N LEU A 36 -6.43 -8.08 -6.93
CA LEU A 36 -6.45 -7.65 -5.50
C LEU A 36 -6.90 -6.18 -5.39
N HIS A 37 -6.38 -5.33 -6.24
CA HIS A 37 -6.76 -3.89 -6.18
C HIS A 37 -8.27 -3.72 -6.39
N ILE A 38 -8.85 -4.51 -7.23
CA ILE A 38 -10.31 -4.40 -7.49
C ILE A 38 -11.13 -4.83 -6.27
N LEU A 39 -10.62 -5.78 -5.53
CA LEU A 39 -11.38 -6.26 -4.33
C LEU A 39 -11.47 -5.16 -3.26
N PHE A 40 -10.45 -4.35 -3.13
CA PHE A 40 -10.49 -3.26 -2.11
C PHE A 40 -11.48 -2.18 -2.52
N SER A 41 -12.17 -2.36 -3.62
CA SER A 41 -13.14 -1.33 -4.07
C SER A 41 -14.32 -1.24 -3.08
N ASN A 42 -14.04 -0.94 -1.85
CA ASN A 42 -15.14 -0.84 -0.84
C ASN A 42 -15.32 0.63 -0.43
N HIS A 43 -14.23 1.33 -0.26
CA HIS A 43 -14.32 2.77 0.13
C HIS A 43 -12.95 3.41 0.03
N GLY A 44 -12.13 2.85 -0.78
CA GLY A 44 -10.75 3.36 -0.99
C GLY A 44 -9.99 2.41 -1.90
N GLU A 45 -9.92 2.70 -3.16
CA GLU A 45 -9.20 1.81 -4.11
C GLU A 45 -7.69 1.94 -3.92
N ILE A 46 -6.96 0.94 -4.31
CA ILE A 46 -5.48 1.00 -4.16
C ILE A 46 -4.88 1.95 -5.19
N LYS A 47 -3.74 2.51 -4.90
CA LYS A 47 -3.09 3.44 -5.86
C LYS A 47 -1.82 2.80 -6.41
N TRP A 48 -1.15 2.02 -5.60
CA TRP A 48 0.10 1.35 -6.07
C TRP A 48 0.56 0.28 -5.08
N ILE A 49 1.17 -0.76 -5.58
CA ILE A 49 1.64 -1.85 -4.69
C ILE A 49 3.15 -2.09 -4.89
N ASP A 50 3.92 -1.97 -3.85
CA ASP A 50 5.39 -2.19 -3.99
C ASP A 50 5.83 -3.42 -3.18
N PHE A 51 6.31 -4.43 -3.84
CA PHE A 51 6.75 -5.66 -3.10
C PHE A 51 8.24 -5.89 -3.31
N VAL A 52 8.96 -6.23 -2.27
CA VAL A 52 10.41 -6.49 -2.43
C VAL A 52 10.65 -7.99 -2.60
N ARG A 53 11.31 -8.38 -3.65
CA ARG A 53 11.57 -9.83 -3.89
C ARG A 53 12.37 -10.43 -2.74
N GLY A 54 11.98 -11.59 -2.29
CA GLY A 54 12.73 -12.24 -1.17
C GLY A 54 12.32 -11.62 0.17
N ALA A 55 11.31 -10.79 0.18
CA ALA A 55 10.89 -10.17 1.46
C ALA A 55 9.81 -11.03 2.13
N LYS A 56 9.29 -10.59 3.24
CA LYS A 56 8.23 -11.38 3.94
C LYS A 56 6.97 -10.52 4.09
N GLU A 57 6.73 -9.64 3.16
CA GLU A 57 5.52 -8.78 3.25
C GLU A 57 5.42 -7.87 2.03
N GLY A 58 4.56 -6.89 2.08
CA GLY A 58 4.40 -5.96 0.92
C GLY A 58 3.66 -4.70 1.39
N ILE A 59 3.77 -3.63 0.65
CA ILE A 59 3.07 -2.38 1.06
C ILE A 59 2.19 -1.88 -0.09
N ILE A 60 1.13 -1.17 0.23
CA ILE A 60 0.24 -0.65 -0.85
C ILE A 60 -0.35 0.71 -0.50
N LEU A 61 -0.03 1.73 -1.24
CA LEU A 61 -0.64 3.06 -0.95
C LEU A 61 -1.90 3.19 -1.79
N PHE A 62 -2.94 3.69 -1.21
CA PHE A 62 -4.23 3.78 -1.97
C PHE A 62 -4.41 5.15 -2.62
N LYS A 63 -5.40 5.24 -3.47
CA LYS A 63 -5.70 6.52 -4.14
C LYS A 63 -6.45 7.42 -3.18
N GLU A 64 -7.14 6.84 -2.22
CA GLU A 64 -7.89 7.68 -1.25
C GLU A 64 -7.28 7.58 0.15
N LYS A 65 -6.52 6.54 0.39
CA LYS A 65 -5.85 6.35 1.71
C LYS A 65 -5.74 4.87 2.04
N ALA A 66 -4.55 4.38 2.12
CA ALA A 66 -4.36 2.93 2.45
C ALA A 66 -5.01 2.62 3.80
N LYS A 67 -4.89 3.53 4.73
CA LYS A 67 -5.48 3.31 6.09
C LYS A 67 -7.02 3.30 6.03
N GLU A 68 -7.59 4.01 5.10
CA GLU A 68 -9.08 4.09 5.00
C GLU A 68 -9.67 2.80 4.42
N ALA A 69 -9.25 2.45 3.25
CA ALA A 69 -9.78 1.22 2.61
C ALA A 69 -9.26 -0.01 3.33
N LEU A 70 -8.07 0.07 3.85
CA LEU A 70 -7.51 -1.13 4.55
C LEU A 70 -8.11 -1.25 5.94
N GLY A 71 -8.18 -0.19 6.66
CA GLY A 71 -8.79 -0.29 8.00
C GLY A 71 -10.23 -0.72 7.82
N LYS A 72 -10.82 -0.34 6.72
CA LYS A 72 -12.23 -0.72 6.44
C LYS A 72 -12.33 -2.18 5.94
N ALA A 73 -11.52 -2.50 4.97
CA ALA A 73 -11.51 -3.87 4.39
C ALA A 73 -10.74 -4.82 5.29
N LYS A 74 -9.73 -4.32 5.92
CA LYS A 74 -8.94 -5.17 6.84
C LYS A 74 -9.83 -5.48 8.03
N ASP A 75 -10.57 -4.50 8.41
CA ASP A 75 -11.49 -4.66 9.58
C ASP A 75 -12.69 -5.53 9.18
N ALA A 76 -12.98 -5.58 7.91
CA ALA A 76 -14.14 -6.38 7.43
C ALA A 76 -14.23 -7.71 8.18
N ASN A 77 -13.14 -8.15 8.75
CA ASN A 77 -13.20 -9.44 9.48
C ASN A 77 -12.70 -9.30 10.92
N ASN A 78 -11.42 -9.40 11.12
CA ASN A 78 -10.85 -9.29 12.51
C ASN A 78 -10.34 -7.88 12.79
N GLY A 79 -9.72 -7.27 11.84
CA GLY A 79 -9.16 -5.90 12.06
C GLY A 79 -7.98 -5.69 11.12
N ASN A 80 -7.46 -6.77 10.59
CA ASN A 80 -6.32 -6.66 9.63
C ASN A 80 -6.80 -7.15 8.26
N LEU A 81 -6.17 -6.74 7.19
CA LEU A 81 -6.65 -7.20 5.86
C LEU A 81 -5.76 -8.29 5.32
N GLN A 82 -6.31 -9.31 4.74
CA GLN A 82 -5.46 -10.36 4.16
C GLN A 82 -5.14 -9.98 2.71
N LEU A 83 -4.03 -10.43 2.20
CA LEU A 83 -3.67 -10.08 0.81
C LEU A 83 -4.19 -11.17 -0.11
N ARG A 84 -4.92 -10.79 -1.12
CA ARG A 84 -5.48 -11.79 -2.05
C ARG A 84 -6.63 -12.52 -1.36
N ASN A 85 -7.13 -11.92 -0.33
CA ASN A 85 -8.24 -12.54 0.43
C ASN A 85 -7.85 -13.93 0.89
N LYS A 86 -6.71 -14.06 1.55
CA LYS A 86 -6.24 -15.39 2.06
C LYS A 86 -4.72 -15.48 1.92
N GLU A 87 -4.00 -14.47 2.34
CA GLU A 87 -2.52 -14.53 2.19
C GLU A 87 -1.80 -13.64 3.21
N VAL A 88 -1.82 -12.34 3.02
CA VAL A 88 -1.08 -11.46 3.99
C VAL A 88 -1.97 -10.39 4.65
N THR A 89 -1.83 -10.21 5.93
CA THR A 89 -2.67 -9.18 6.62
C THR A 89 -1.99 -7.80 6.55
N TRP A 90 -2.73 -6.75 6.24
CA TRP A 90 -2.07 -5.40 6.17
C TRP A 90 -2.24 -4.66 7.48
N GLU A 91 -1.24 -3.89 7.84
CA GLU A 91 -1.29 -3.08 9.09
C GLU A 91 -0.61 -1.73 8.82
N VAL A 92 -1.30 -0.64 9.03
CA VAL A 92 -0.69 0.70 8.75
C VAL A 92 0.33 1.07 9.84
N LEU A 93 1.49 1.53 9.44
CA LEU A 93 2.51 1.92 10.46
C LEU A 93 2.07 3.19 11.18
N GLU A 94 2.97 3.81 11.90
CA GLU A 94 2.60 5.05 12.64
C GLU A 94 3.85 5.84 13.02
N GLY A 95 3.71 7.12 13.25
CA GLY A 95 4.88 7.95 13.63
C GLY A 95 5.85 8.08 12.44
N GLU A 96 7.11 7.91 12.69
CA GLU A 96 8.12 8.04 11.60
C GLU A 96 8.05 6.83 10.66
N VAL A 97 7.82 5.66 11.18
CA VAL A 97 7.76 4.45 10.31
C VAL A 97 6.67 4.60 9.25
N GLU A 98 5.52 5.08 9.64
CA GLU A 98 4.41 5.25 8.65
C GLU A 98 4.84 6.23 7.54
N LYS A 99 5.45 7.32 7.91
CA LYS A 99 5.89 8.31 6.90
C LYS A 99 7.07 7.76 6.10
N GLU A 100 8.03 7.21 6.78
CA GLU A 100 9.22 6.66 6.06
C GLU A 100 8.77 5.78 4.89
N ALA A 101 7.63 5.15 5.01
CA ALA A 101 7.14 4.29 3.91
C ALA A 101 6.57 5.16 2.78
N LEU A 102 5.90 6.22 3.13
CA LEU A 102 5.32 7.11 2.07
C LEU A 102 6.42 7.64 1.15
N LYS A 103 7.52 8.06 1.71
CA LYS A 103 8.63 8.58 0.86
C LYS A 103 9.32 7.43 0.14
N LYS A 104 9.59 6.36 0.84
CA LYS A 104 10.28 5.20 0.20
C LYS A 104 9.46 4.68 -0.98
N ILE A 105 8.16 4.69 -0.89
CA ILE A 105 7.33 4.19 -2.03
C ILE A 105 7.43 5.16 -3.21
N ILE A 106 7.61 6.43 -2.95
CA ILE A 106 7.71 7.41 -4.07
C ILE A 106 8.97 7.14 -4.90
N GLU A 107 10.10 7.04 -4.26
CA GLU A 107 11.36 6.77 -5.01
C GLU A 107 11.29 5.42 -5.72
N ASP A 108 10.57 4.49 -5.15
CA ASP A 108 10.46 3.15 -5.78
C ASP A 108 9.79 3.27 -7.16
N GLN A 109 8.81 4.12 -7.27
CA GLN A 109 8.12 4.30 -8.58
C GLN A 109 9.06 4.97 -9.58
N GLN A 110 9.73 6.00 -9.17
CA GLN A 110 10.66 6.70 -10.09
C GLN A 110 11.67 5.72 -10.69
N GLU A 111 11.96 4.66 -10.00
CA GLU A 111 12.93 3.66 -10.52
C GLU A 111 12.38 2.99 -11.80
N SER A 112 11.10 3.10 -12.03
CA SER A 112 10.51 2.47 -13.24
C SER A 112 10.76 3.36 -14.46
N LEU A 113 11.33 4.52 -14.26
CA LEU A 113 11.61 5.43 -15.41
C LEU A 113 12.85 4.96 -16.16
N ASN A 114 13.74 4.27 -15.50
CA ASN A 114 14.98 3.79 -16.19
C ASN A 114 14.82 2.33 -16.59
N LYS A 115 15.58 1.89 -17.56
CA LYS A 115 15.48 0.47 -18.01
C LYS A 115 14.11 0.21 -18.64
N TRP A 116 13.36 1.24 -18.92
CA TRP A 116 12.03 1.04 -19.54
C TRP A 116 12.16 0.31 -20.88
N LYS A 117 11.07 0.14 -21.58
CA LYS A 117 11.14 -0.57 -22.89
C LYS A 117 11.69 0.36 -23.97
N SER A 118 11.88 -0.15 -25.16
CA SER A 118 12.42 0.71 -26.25
C SER A 118 12.13 0.06 -27.62
N LYS A 119 12.20 -1.24 -27.70
CA LYS A 119 11.94 -1.92 -29.00
C LYS A 119 10.48 -1.72 -29.40
N GLY A 120 10.10 -2.22 -30.55
CA GLY A 120 8.69 -2.06 -31.01
C GLY A 120 8.54 -0.74 -31.76
N ARG A 121 8.81 0.36 -31.10
CA ARG A 121 8.68 1.69 -31.78
C ARG A 121 7.24 1.92 -32.21
N HIS A 9 12.67 22.62 9.32
CA HIS A 9 11.20 22.49 9.08
C HIS A 9 10.94 21.46 7.98
N HIS A 10 9.72 21.37 7.51
CA HIS A 10 9.41 20.37 6.44
C HIS A 10 8.15 20.81 5.67
N GLY A 11 7.94 22.09 5.56
CA GLY A 11 6.74 22.58 4.82
C GLY A 11 5.59 22.80 5.79
N SER A 12 4.50 23.37 5.34
CA SER A 12 3.34 23.61 6.25
C SER A 12 2.56 22.31 6.45
N LEU A 13 2.21 22.01 7.68
CA LEU A 13 1.46 20.76 7.97
C LEU A 13 2.37 19.55 7.82
N GLU A 14 2.64 18.92 8.91
CA GLU A 14 3.52 17.72 8.89
C GLU A 14 2.98 16.67 7.94
N GLU A 15 1.73 16.77 7.59
CA GLU A 15 1.13 15.77 6.65
C GLU A 15 1.37 14.35 7.18
N LYS A 16 1.02 14.09 8.41
CA LYS A 16 1.23 12.72 8.97
C LYS A 16 -0.02 11.87 8.78
N ILE A 17 -0.45 11.70 7.55
CA ILE A 17 -1.67 10.88 7.30
C ILE A 17 -1.29 9.43 7.02
N GLY A 18 -2.16 8.54 7.31
CA GLY A 18 -1.89 7.09 7.08
C GLY A 18 -2.26 6.72 5.65
N CYS A 19 -1.71 7.40 4.68
CA CYS A 19 -2.03 7.08 3.27
C CYS A 19 -1.20 5.88 2.79
N LEU A 20 -0.48 5.26 3.67
CA LEU A 20 0.34 4.09 3.26
C LEU A 20 0.16 2.93 4.25
N LEU A 21 -0.25 1.79 3.77
CA LEU A 21 -0.46 0.62 4.68
C LEU A 21 0.38 -0.57 4.23
N LYS A 22 0.81 -1.41 5.15
CA LYS A 22 1.63 -2.58 4.73
C LYS A 22 1.03 -3.88 5.24
N PHE A 23 1.30 -4.95 4.54
CA PHE A 23 0.75 -6.27 4.95
C PHE A 23 1.88 -7.31 5.01
N SER A 24 1.74 -8.31 5.83
CA SER A 24 2.81 -9.35 5.95
C SER A 24 2.23 -10.71 6.32
N GLY A 25 2.70 -11.77 5.72
CA GLY A 25 2.16 -13.12 6.06
C GLY A 25 2.85 -14.17 5.19
N ASP A 26 2.21 -15.28 4.98
CA ASP A 26 2.83 -16.35 4.13
C ASP A 26 2.22 -16.31 2.73
N LEU A 27 2.92 -15.79 1.77
CA LEU A 27 2.36 -15.73 0.38
C LEU A 27 3.48 -15.80 -0.66
N ASP A 28 3.12 -15.70 -1.91
CA ASP A 28 4.15 -15.74 -2.99
C ASP A 28 4.65 -14.33 -3.31
N ASP A 29 5.79 -14.22 -3.92
CA ASP A 29 6.32 -12.87 -4.26
C ASP A 29 5.98 -12.49 -5.70
N GLN A 30 4.83 -12.89 -6.16
CA GLN A 30 4.43 -12.56 -7.56
C GLN A 30 3.01 -12.02 -7.58
N THR A 31 2.06 -12.80 -7.12
CA THR A 31 0.64 -12.34 -7.11
C THR A 31 0.35 -11.46 -8.34
N CYS A 32 -0.74 -10.73 -8.31
CA CYS A 32 -1.05 -9.84 -9.49
C CYS A 32 -1.57 -8.49 -9.01
N ARG A 33 -1.45 -7.48 -9.82
CA ARG A 33 -1.94 -6.13 -9.42
C ARG A 33 -3.47 -6.08 -9.36
N GLU A 34 -4.11 -6.58 -10.39
CA GLU A 34 -5.60 -6.55 -10.43
C GLU A 34 -6.22 -7.37 -9.28
N ASP A 35 -5.63 -8.47 -8.94
CA ASP A 35 -6.20 -9.30 -7.84
C ASP A 35 -6.27 -8.52 -6.53
N LEU A 36 -5.24 -7.80 -6.20
CA LEU A 36 -5.28 -7.02 -4.91
C LEU A 36 -6.24 -5.83 -5.05
N HIS A 37 -6.13 -5.13 -6.14
CA HIS A 37 -7.02 -3.94 -6.34
C HIS A 37 -8.49 -4.34 -6.30
N ILE A 38 -8.82 -5.49 -6.81
CA ILE A 38 -10.25 -5.93 -6.80
C ILE A 38 -10.75 -6.16 -5.38
N LEU A 39 -9.91 -6.67 -4.52
CA LEU A 39 -10.35 -6.92 -3.11
C LEU A 39 -10.58 -5.60 -2.37
N PHE A 40 -9.67 -4.68 -2.52
CA PHE A 40 -9.81 -3.38 -1.82
C PHE A 40 -10.90 -2.51 -2.47
N SER A 41 -11.56 -3.02 -3.46
CA SER A 41 -12.63 -2.21 -4.14
C SER A 41 -13.91 -2.22 -3.29
N ASN A 42 -13.92 -1.46 -2.23
CA ASN A 42 -15.15 -1.42 -1.37
C ASN A 42 -15.42 0.00 -0.88
N HIS A 43 -14.39 0.74 -0.58
CA HIS A 43 -14.58 2.14 -0.12
C HIS A 43 -13.25 2.87 -0.11
N GLY A 44 -12.35 2.38 -0.90
CA GLY A 44 -10.99 3.00 -0.99
C GLY A 44 -10.15 2.17 -1.95
N GLU A 45 -10.08 2.56 -3.19
CA GLU A 45 -9.29 1.79 -4.18
C GLU A 45 -7.79 2.00 -3.96
N ILE A 46 -6.98 1.06 -4.38
CA ILE A 46 -5.52 1.19 -4.20
C ILE A 46 -4.97 2.22 -5.19
N LYS A 47 -3.90 2.88 -4.83
CA LYS A 47 -3.30 3.89 -5.74
C LYS A 47 -1.99 3.33 -6.31
N TRP A 48 -1.28 2.56 -5.51
CA TRP A 48 0.00 1.97 -5.99
C TRP A 48 0.45 0.85 -5.06
N ILE A 49 1.09 -0.15 -5.59
CA ILE A 49 1.55 -1.28 -4.73
C ILE A 49 3.06 -1.51 -4.90
N ASP A 50 3.80 -1.48 -3.83
CA ASP A 50 5.27 -1.70 -3.95
C ASP A 50 5.67 -3.00 -3.24
N PHE A 51 6.08 -3.98 -3.99
CA PHE A 51 6.50 -5.28 -3.38
C PHE A 51 7.96 -5.56 -3.68
N VAL A 52 8.71 -6.01 -2.71
CA VAL A 52 10.14 -6.32 -2.97
C VAL A 52 10.30 -7.83 -3.24
N ARG A 53 10.91 -8.18 -4.34
CA ARG A 53 11.07 -9.62 -4.67
C ARG A 53 11.78 -10.36 -3.53
N GLY A 54 11.18 -11.41 -3.04
CA GLY A 54 11.81 -12.18 -1.93
C GLY A 54 11.56 -11.46 -0.61
N ALA A 55 10.68 -10.50 -0.59
CA ALA A 55 10.41 -9.77 0.69
C ALA A 55 9.44 -10.57 1.55
N LYS A 56 9.28 -10.20 2.79
CA LYS A 56 8.35 -10.93 3.69
C LYS A 56 7.01 -10.20 3.76
N GLU A 57 6.94 -9.05 3.13
CA GLU A 57 5.66 -8.27 3.15
C GLU A 57 5.65 -7.27 1.99
N GLY A 58 4.79 -6.30 2.05
CA GLY A 58 4.73 -5.29 0.95
C GLY A 58 3.90 -4.10 1.42
N ILE A 59 3.98 -2.99 0.74
CA ILE A 59 3.19 -1.81 1.16
C ILE A 59 2.29 -1.34 0.03
N ILE A 60 1.18 -0.74 0.34
CA ILE A 60 0.27 -0.25 -0.75
C ILE A 60 -0.42 1.05 -0.35
N LEU A 61 -0.14 2.11 -1.05
CA LEU A 61 -0.82 3.40 -0.74
C LEU A 61 -2.07 3.51 -1.60
N PHE A 62 -3.14 3.95 -1.04
CA PHE A 62 -4.41 4.03 -1.81
C PHE A 62 -4.61 5.41 -2.44
N LYS A 63 -5.57 5.50 -3.31
CA LYS A 63 -5.88 6.80 -3.96
C LYS A 63 -6.70 7.65 -2.99
N GLU A 64 -7.40 7.01 -2.08
CA GLU A 64 -8.21 7.79 -1.11
C GLU A 64 -7.62 7.70 0.29
N LYS A 65 -6.80 6.71 0.52
CA LYS A 65 -6.15 6.52 1.86
C LYS A 65 -6.00 5.04 2.14
N ALA A 66 -4.80 4.58 2.26
CA ALA A 66 -4.58 3.14 2.55
C ALA A 66 -5.16 2.79 3.91
N LYS A 67 -4.91 3.60 4.89
CA LYS A 67 -5.45 3.34 6.25
C LYS A 67 -6.97 3.26 6.21
N GLU A 68 -7.58 4.01 5.33
CA GLU A 68 -9.07 4.01 5.23
C GLU A 68 -9.55 2.73 4.56
N ALA A 69 -9.04 2.47 3.39
CA ALA A 69 -9.44 1.25 2.64
C ALA A 69 -8.86 0.01 3.32
N LEU A 70 -7.69 0.14 3.93
CA LEU A 70 -7.07 -1.05 4.57
C LEU A 70 -7.75 -1.35 5.89
N GLY A 71 -7.93 -0.35 6.70
CA GLY A 71 -8.59 -0.54 8.02
C GLY A 71 -10.07 -0.80 7.79
N LYS A 72 -10.62 -0.26 6.74
CA LYS A 72 -12.07 -0.49 6.47
C LYS A 72 -12.27 -1.91 5.95
N ALA A 73 -11.46 -2.30 5.01
CA ALA A 73 -11.54 -3.66 4.44
C ALA A 73 -10.89 -4.64 5.40
N LYS A 74 -9.90 -4.20 6.11
CA LYS A 74 -9.24 -5.11 7.09
C LYS A 74 -10.27 -5.44 8.16
N ASP A 75 -11.14 -4.51 8.42
CA ASP A 75 -12.18 -4.74 9.47
C ASP A 75 -13.28 -5.65 8.94
N ALA A 76 -13.43 -5.67 7.65
CA ALA A 76 -14.48 -6.53 7.02
C ALA A 76 -14.54 -7.90 7.67
N ASN A 77 -13.49 -8.32 8.32
CA ASN A 77 -13.53 -9.68 8.92
C ASN A 77 -13.02 -9.70 10.37
N ASN A 78 -11.73 -9.82 10.54
CA ASN A 78 -11.18 -9.92 11.92
C ASN A 78 -10.65 -8.58 12.48
N GLY A 79 -10.09 -7.76 11.65
CA GLY A 79 -9.53 -6.48 12.15
C GLY A 79 -8.26 -6.19 11.38
N ASN A 80 -7.79 -7.17 10.66
CA ASN A 80 -6.57 -7.01 9.81
C ASN A 80 -6.97 -7.35 8.37
N LEU A 81 -6.45 -6.66 7.38
CA LEU A 81 -6.86 -7.01 5.99
C LEU A 81 -5.89 -8.01 5.40
N GLN A 82 -6.37 -8.99 4.70
CA GLN A 82 -5.44 -9.97 4.07
C GLN A 82 -5.20 -9.54 2.63
N LEU A 83 -4.08 -9.88 2.08
CA LEU A 83 -3.79 -9.48 0.69
C LEU A 83 -4.26 -10.57 -0.25
N ARG A 84 -4.88 -10.21 -1.32
CA ARG A 84 -5.41 -11.22 -2.26
C ARG A 84 -6.54 -11.98 -1.59
N ASN A 85 -7.02 -11.42 -0.52
CA ASN A 85 -8.12 -12.08 0.23
C ASN A 85 -7.71 -13.49 0.62
N LYS A 86 -6.60 -13.60 1.34
CA LYS A 86 -6.08 -14.94 1.78
C LYS A 86 -4.56 -14.99 1.56
N GLU A 87 -3.86 -13.95 1.95
CA GLU A 87 -2.39 -13.94 1.73
C GLU A 87 -1.65 -13.12 2.78
N VAL A 88 -1.78 -11.82 2.75
CA VAL A 88 -1.03 -10.98 3.75
C VAL A 88 -1.93 -9.99 4.49
N THR A 89 -1.76 -9.88 5.78
CA THR A 89 -2.60 -8.93 6.55
C THR A 89 -1.94 -7.54 6.56
N TRP A 90 -2.68 -6.49 6.26
CA TRP A 90 -2.05 -5.14 6.26
C TRP A 90 -2.52 -4.32 7.46
N GLU A 91 -1.65 -3.48 7.96
CA GLU A 91 -1.99 -2.60 9.11
C GLU A 91 -1.25 -1.28 8.95
N VAL A 92 -1.90 -0.18 9.22
CA VAL A 92 -1.22 1.15 9.08
C VAL A 92 -0.10 1.30 10.11
N LEU A 93 1.05 1.73 9.69
CA LEU A 93 2.18 1.90 10.64
C LEU A 93 2.01 3.18 11.46
N GLU A 94 3.05 3.64 12.09
CA GLU A 94 2.95 4.89 12.90
C GLU A 94 3.53 6.07 12.10
N GLY A 95 3.45 7.26 12.63
CA GLY A 95 4.00 8.43 11.88
C GLY A 95 5.46 8.17 11.51
N GLU A 96 6.22 7.60 12.42
CA GLU A 96 7.66 7.33 12.12
C GLU A 96 7.80 6.17 11.13
N VAL A 97 7.14 5.06 11.39
CA VAL A 97 7.26 3.89 10.47
C VAL A 97 6.43 4.11 9.20
N GLU A 98 5.30 4.76 9.33
CA GLU A 98 4.45 5.00 8.13
C GLU A 98 5.17 5.91 7.14
N LYS A 99 5.91 6.85 7.62
CA LYS A 99 6.65 7.77 6.69
C LYS A 99 7.75 7.00 5.97
N GLU A 100 8.50 6.22 6.68
CA GLU A 100 9.59 5.43 6.03
C GLU A 100 9.04 4.72 4.79
N ALA A 101 7.82 4.27 4.84
CA ALA A 101 7.22 3.58 3.66
C ALA A 101 6.99 4.57 2.53
N LEU A 102 6.62 5.78 2.86
CA LEU A 102 6.37 6.80 1.81
C LEU A 102 7.62 7.01 0.96
N LYS A 103 8.77 7.04 1.57
CA LYS A 103 10.02 7.24 0.79
C LYS A 103 10.29 6.01 -0.08
N LYS A 104 10.11 4.85 0.47
CA LYS A 104 10.35 3.60 -0.31
C LYS A 104 9.29 3.47 -1.40
N ILE A 105 8.07 3.84 -1.11
CA ILE A 105 6.98 3.74 -2.12
C ILE A 105 7.16 4.81 -3.20
N ILE A 106 7.70 5.94 -2.85
CA ILE A 106 7.89 7.01 -3.88
C ILE A 106 9.04 6.66 -4.82
N GLU A 107 10.17 6.28 -4.28
CA GLU A 107 11.33 5.93 -5.14
C GLU A 107 10.93 4.84 -6.15
N ASP A 108 10.02 3.99 -5.79
CA ASP A 108 9.58 2.91 -6.72
C ASP A 108 8.75 3.50 -7.85
N GLN A 109 7.93 4.46 -7.54
CA GLN A 109 7.08 5.09 -8.59
C GLN A 109 7.94 5.94 -9.52
N GLN A 110 8.96 6.56 -8.99
CA GLN A 110 9.85 7.41 -9.84
C GLN A 110 10.34 6.62 -11.05
N GLU A 111 10.43 5.33 -10.92
CA GLU A 111 10.89 4.49 -12.08
C GLU A 111 9.89 4.56 -13.22
N SER A 112 8.64 4.79 -12.90
CA SER A 112 7.60 4.88 -13.98
C SER A 112 7.56 6.27 -14.58
N LEU A 113 8.23 7.22 -13.96
CA LEU A 113 8.23 8.61 -14.49
C LEU A 113 8.56 8.60 -15.99
N ASN A 114 9.21 7.57 -16.45
CA ASN A 114 9.58 7.51 -17.90
C ASN A 114 8.38 7.94 -18.76
N LYS A 115 8.53 9.01 -19.50
CA LYS A 115 7.40 9.47 -20.36
C LYS A 115 7.88 10.58 -21.30
N TRP A 116 8.17 11.73 -20.78
CA TRP A 116 8.64 12.85 -21.65
C TRP A 116 9.70 13.68 -20.92
N LYS A 117 9.29 14.69 -20.20
CA LYS A 117 10.28 15.53 -19.47
C LYS A 117 9.59 16.75 -18.85
N SER A 118 10.35 17.74 -18.47
CA SER A 118 9.73 18.96 -17.87
C SER A 118 10.31 20.22 -18.51
N LYS A 119 10.03 20.45 -19.76
CA LYS A 119 10.57 21.66 -20.44
C LYS A 119 9.60 22.15 -21.51
N GLY A 120 10.06 22.95 -22.43
CA GLY A 120 9.16 23.47 -23.50
C GLY A 120 8.03 24.26 -22.87
N ARG A 121 8.25 24.84 -21.72
CA ARG A 121 7.17 25.63 -21.06
C ARG A 121 7.03 26.99 -21.73
N HIS A 9 8.55 28.03 15.07
CA HIS A 9 7.97 26.84 15.74
C HIS A 9 7.33 25.90 14.70
N HIS A 10 6.54 26.45 13.81
CA HIS A 10 5.90 25.60 12.78
C HIS A 10 6.94 25.09 11.77
N GLY A 11 7.40 23.88 11.96
CA GLY A 11 8.42 23.34 11.01
C GLY A 11 7.72 22.72 9.80
N SER A 12 7.04 21.62 9.99
CA SER A 12 6.33 20.98 8.85
C SER A 12 4.87 21.44 8.80
N LEU A 13 4.24 21.37 7.67
CA LEU A 13 2.81 21.80 7.57
C LEU A 13 2.00 20.74 6.87
N GLU A 14 2.57 19.60 6.76
CA GLU A 14 1.88 18.46 6.10
C GLU A 14 0.85 17.83 7.05
N GLU A 15 0.95 18.14 8.32
CA GLU A 15 -0.02 17.57 9.30
C GLU A 15 0.19 16.06 9.43
N LYS A 16 1.41 15.62 9.53
CA LYS A 16 1.69 14.17 9.67
C LYS A 16 0.76 13.35 8.76
N ILE A 17 1.09 13.25 7.50
CA ILE A 17 0.24 12.47 6.57
C ILE A 17 0.85 11.10 6.30
N GLY A 18 0.01 10.15 6.00
CA GLY A 18 0.50 8.78 5.72
C GLY A 18 -0.63 7.96 5.08
N CYS A 19 -0.75 8.02 3.78
CA CYS A 19 -1.84 7.25 3.10
C CYS A 19 -1.26 5.95 2.50
N LEU A 20 -0.63 5.14 3.31
CA LEU A 20 -0.06 3.87 2.78
C LEU A 20 -0.04 2.79 3.86
N LEU A 21 -0.40 1.59 3.51
CA LEU A 21 -0.41 0.49 4.52
C LEU A 21 0.44 -0.70 4.04
N LYS A 22 0.91 -1.53 4.95
CA LYS A 22 1.74 -2.69 4.51
C LYS A 22 1.18 -4.00 5.04
N PHE A 23 1.44 -5.06 4.35
CA PHE A 23 0.94 -6.40 4.78
C PHE A 23 2.07 -7.43 4.75
N SER A 24 1.98 -8.45 5.56
CA SER A 24 3.05 -9.49 5.58
C SER A 24 2.45 -10.89 5.74
N GLY A 25 3.04 -11.87 5.12
CA GLY A 25 2.48 -13.25 5.23
C GLY A 25 2.62 -13.96 3.87
N ASP A 26 3.10 -15.17 3.88
CA ASP A 26 3.27 -15.95 2.62
C ASP A 26 2.63 -15.23 1.43
N LEU A 27 3.44 -14.71 0.53
CA LEU A 27 2.87 -13.99 -0.65
C LEU A 27 2.85 -14.91 -1.88
N ASP A 28 1.88 -14.74 -2.73
CA ASP A 28 1.80 -15.59 -3.95
C ASP A 28 2.56 -14.94 -5.11
N ASP A 29 2.92 -15.69 -6.11
CA ASP A 29 3.67 -15.09 -7.26
C ASP A 29 2.80 -15.10 -8.52
N GLN A 30 1.74 -15.85 -8.52
CA GLN A 30 0.86 -15.89 -9.73
C GLN A 30 -0.23 -14.83 -9.63
N THR A 31 -0.65 -14.48 -8.45
CA THR A 31 -1.71 -13.46 -8.29
C THR A 31 -1.23 -12.12 -8.86
N CYS A 32 -2.12 -11.34 -9.41
CA CYS A 32 -1.71 -10.02 -9.98
C CYS A 32 -2.25 -8.89 -9.10
N ARG A 33 -1.65 -7.72 -9.19
CA ARG A 33 -2.11 -6.57 -8.37
C ARG A 33 -3.49 -6.10 -8.84
N GLU A 34 -3.76 -6.21 -10.11
CA GLU A 34 -5.08 -5.75 -10.65
C GLU A 34 -6.23 -6.54 -10.03
N ASP A 35 -6.05 -7.83 -9.84
CA ASP A 35 -7.15 -8.65 -9.24
C ASP A 35 -7.39 -8.25 -7.79
N LEU A 36 -6.34 -8.15 -7.02
CA LEU A 36 -6.51 -7.77 -5.58
C LEU A 36 -6.91 -6.29 -5.45
N HIS A 37 -6.35 -5.44 -6.28
CA HIS A 37 -6.70 -3.99 -6.20
C HIS A 37 -8.21 -3.80 -6.41
N ILE A 38 -8.79 -4.58 -7.27
CA ILE A 38 -10.25 -4.45 -7.53
C ILE A 38 -11.06 -4.93 -6.31
N LEU A 39 -10.56 -5.89 -5.61
CA LEU A 39 -11.30 -6.43 -4.42
C LEU A 39 -11.41 -5.37 -3.32
N PHE A 40 -10.41 -4.54 -3.16
CA PHE A 40 -10.49 -3.50 -2.09
C PHE A 40 -11.41 -2.35 -2.52
N SER A 41 -12.04 -2.47 -3.66
CA SER A 41 -12.95 -1.39 -4.13
C SER A 41 -14.20 -1.33 -3.25
N ASN A 42 -14.02 -1.18 -1.95
CA ASN A 42 -15.21 -1.10 -1.05
C ASN A 42 -15.41 0.34 -0.58
N HIS A 43 -14.34 1.06 -0.39
CA HIS A 43 -14.45 2.48 0.06
C HIS A 43 -13.11 3.18 -0.13
N GLY A 44 -12.34 2.64 -1.00
CA GLY A 44 -10.98 3.21 -1.28
C GLY A 44 -10.20 2.19 -2.10
N GLU A 45 -10.10 2.40 -3.39
CA GLU A 45 -9.37 1.44 -4.26
C GLU A 45 -7.85 1.59 -4.07
N ILE A 46 -7.09 0.61 -4.45
CA ILE A 46 -5.61 0.71 -4.30
C ILE A 46 -5.04 1.64 -5.36
N LYS A 47 -3.95 2.29 -5.07
CA LYS A 47 -3.33 3.20 -6.08
C LYS A 47 -2.02 2.59 -6.58
N TRP A 48 -1.33 1.87 -5.74
CA TRP A 48 -0.03 1.26 -6.20
C TRP A 48 0.41 0.16 -5.24
N ILE A 49 1.06 -0.85 -5.76
CA ILE A 49 1.52 -1.98 -4.89
C ILE A 49 3.04 -2.18 -5.02
N ASP A 50 3.75 -2.08 -3.94
CA ASP A 50 5.23 -2.28 -4.00
C ASP A 50 5.66 -3.52 -3.20
N PHE A 51 6.16 -4.51 -3.86
CA PHE A 51 6.60 -5.76 -3.15
C PHE A 51 8.11 -5.97 -3.34
N VAL A 52 8.80 -6.34 -2.30
CA VAL A 52 10.27 -6.55 -2.45
C VAL A 52 10.56 -8.03 -2.69
N ARG A 53 11.31 -8.33 -3.71
CA ARG A 53 11.63 -9.75 -4.00
C ARG A 53 12.47 -10.33 -2.87
N GLY A 54 12.10 -11.47 -2.37
CA GLY A 54 12.88 -12.09 -1.26
C GLY A 54 12.21 -11.74 0.07
N ALA A 55 11.04 -11.18 0.05
CA ALA A 55 10.36 -10.84 1.34
C ALA A 55 8.85 -11.06 1.23
N LYS A 56 8.30 -11.67 2.23
CA LYS A 56 6.83 -11.95 2.23
C LYS A 56 6.04 -10.71 2.67
N GLU A 57 6.61 -9.56 2.54
CA GLU A 57 5.90 -8.31 2.96
C GLU A 57 5.80 -7.35 1.77
N GLY A 58 4.88 -6.44 1.81
CA GLY A 58 4.76 -5.46 0.69
C GLY A 58 3.87 -4.30 1.14
N ILE A 59 4.02 -3.16 0.53
CA ILE A 59 3.17 -2.00 0.93
C ILE A 59 2.29 -1.59 -0.24
N ILE A 60 1.17 -0.99 0.04
CA ILE A 60 0.28 -0.56 -1.08
C ILE A 60 -0.42 0.76 -0.75
N LEU A 61 -0.15 1.80 -1.47
CA LEU A 61 -0.83 3.09 -1.19
C LEU A 61 -2.10 3.15 -2.02
N PHE A 62 -3.17 3.58 -1.43
CA PHE A 62 -4.45 3.63 -2.17
C PHE A 62 -4.66 4.97 -2.86
N LYS A 63 -5.63 5.04 -3.72
CA LYS A 63 -5.91 6.31 -4.43
C LYS A 63 -6.69 7.25 -3.50
N GLU A 64 -7.38 6.69 -2.53
CA GLU A 64 -8.15 7.57 -1.60
C GLU A 64 -7.57 7.51 -0.18
N LYS A 65 -6.81 6.49 0.10
CA LYS A 65 -6.18 6.33 1.45
C LYS A 65 -5.94 4.86 1.74
N ALA A 66 -4.72 4.48 1.88
CA ALA A 66 -4.40 3.06 2.17
C ALA A 66 -4.90 2.68 3.56
N LYS A 67 -4.65 3.51 4.52
CA LYS A 67 -5.10 3.24 5.91
C LYS A 67 -6.63 3.21 6.00
N GLU A 68 -7.29 3.95 5.17
CA GLU A 68 -8.78 3.98 5.20
C GLU A 68 -9.33 2.69 4.60
N ALA A 69 -8.90 2.37 3.42
CA ALA A 69 -9.38 1.12 2.77
C ALA A 69 -8.80 -0.09 3.49
N LEU A 70 -7.61 0.04 4.03
CA LEU A 70 -6.99 -1.14 4.72
C LEU A 70 -7.62 -1.32 6.10
N GLY A 71 -7.72 -0.27 6.85
CA GLY A 71 -8.33 -0.36 8.20
C GLY A 71 -9.82 -0.57 8.07
N LYS A 72 -10.41 -0.05 7.03
CA LYS A 72 -11.88 -0.24 6.85
C LYS A 72 -12.16 -1.67 6.37
N ALA A 73 -11.42 -2.10 5.40
CA ALA A 73 -11.57 -3.47 4.86
C ALA A 73 -10.90 -4.45 5.81
N LYS A 74 -9.86 -4.02 6.45
CA LYS A 74 -9.16 -4.90 7.41
C LYS A 74 -10.10 -5.14 8.58
N ASP A 75 -10.88 -4.14 8.89
CA ASP A 75 -11.85 -4.26 10.03
C ASP A 75 -13.06 -5.08 9.61
N ALA A 76 -13.38 -5.04 8.34
CA ALA A 76 -14.57 -5.78 7.84
C ALA A 76 -14.66 -7.15 8.50
N ASN A 77 -13.59 -7.67 9.02
CA ASN A 77 -13.69 -9.01 9.65
C ASN A 77 -13.04 -9.03 11.04
N ASN A 78 -11.76 -9.28 11.09
CA ASN A 78 -11.07 -9.37 12.41
C ASN A 78 -10.35 -8.08 12.81
N GLY A 79 -9.80 -7.37 11.88
CA GLY A 79 -9.05 -6.13 12.23
C GLY A 79 -7.71 -6.17 11.50
N ASN A 80 -7.44 -7.27 10.86
CA ASN A 80 -6.19 -7.43 10.07
C ASN A 80 -6.60 -7.77 8.64
N LEU A 81 -6.16 -7.01 7.66
CA LEU A 81 -6.59 -7.33 6.28
C LEU A 81 -5.61 -8.28 5.62
N GLN A 82 -6.09 -9.25 4.92
CA GLN A 82 -5.15 -10.17 4.22
C GLN A 82 -5.11 -9.77 2.75
N LEU A 83 -4.05 -10.04 2.07
CA LEU A 83 -3.95 -9.64 0.65
C LEU A 83 -4.45 -10.76 -0.24
N ARG A 84 -5.22 -10.43 -1.22
CA ARG A 84 -5.79 -11.45 -2.14
C ARG A 84 -6.73 -12.37 -1.37
N ASN A 85 -7.17 -11.91 -0.25
CA ASN A 85 -8.09 -12.72 0.59
C ASN A 85 -7.47 -14.08 0.88
N LYS A 86 -6.32 -14.09 1.51
CA LYS A 86 -5.60 -15.38 1.86
C LYS A 86 -4.14 -15.26 1.45
N GLU A 87 -3.50 -14.16 1.77
CA GLU A 87 -2.07 -14.00 1.39
C GLU A 87 -1.32 -13.16 2.43
N VAL A 88 -1.60 -11.89 2.50
CA VAL A 88 -0.84 -11.04 3.49
C VAL A 88 -1.74 -10.12 4.32
N THR A 89 -1.51 -10.04 5.59
CA THR A 89 -2.32 -9.13 6.44
C THR A 89 -1.71 -7.73 6.41
N TRP A 90 -2.50 -6.69 6.28
CA TRP A 90 -1.91 -5.32 6.24
C TRP A 90 -2.32 -4.49 7.47
N GLU A 91 -1.42 -3.64 7.89
CA GLU A 91 -1.68 -2.75 9.05
C GLU A 91 -0.94 -1.42 8.80
N VAL A 92 -1.58 -0.31 9.03
CA VAL A 92 -0.89 0.99 8.78
C VAL A 92 0.16 1.27 9.87
N LEU A 93 1.35 1.62 9.48
CA LEU A 93 2.41 1.92 10.48
C LEU A 93 1.98 3.12 11.33
N GLU A 94 2.90 3.72 12.04
CA GLU A 94 2.52 4.89 12.88
C GLU A 94 3.75 5.72 13.26
N GLY A 95 3.55 6.98 13.52
CA GLY A 95 4.69 7.86 13.91
C GLY A 95 5.66 8.01 12.74
N GLU A 96 6.93 7.82 13.00
CA GLU A 96 7.96 7.97 11.92
C GLU A 96 7.89 6.79 10.94
N VAL A 97 7.62 5.60 11.42
CA VAL A 97 7.56 4.43 10.51
C VAL A 97 6.50 4.62 9.43
N GLU A 98 5.35 5.10 9.81
CA GLU A 98 4.27 5.31 8.79
C GLU A 98 4.73 6.32 7.72
N LYS A 99 5.38 7.37 8.13
CA LYS A 99 5.86 8.38 7.15
C LYS A 99 7.05 7.82 6.36
N GLU A 100 7.99 7.21 7.03
CA GLU A 100 9.17 6.65 6.33
C GLU A 100 8.72 5.72 5.20
N ALA A 101 7.57 5.10 5.36
CA ALA A 101 7.07 4.18 4.30
C ALA A 101 6.54 4.98 3.12
N LEU A 102 5.92 6.11 3.37
CA LEU A 102 5.37 6.92 2.26
C LEU A 102 6.48 7.31 1.29
N LYS A 103 7.62 7.69 1.79
CA LYS A 103 8.75 8.08 0.89
C LYS A 103 9.32 6.83 0.22
N LYS A 104 9.34 5.73 0.92
CA LYS A 104 9.89 4.48 0.34
C LYS A 104 9.08 4.07 -0.90
N ILE A 105 7.80 4.25 -0.87
CA ILE A 105 6.97 3.87 -2.05
C ILE A 105 7.21 4.83 -3.22
N ILE A 106 7.53 6.06 -2.94
CA ILE A 106 7.78 7.03 -4.04
C ILE A 106 9.08 6.68 -4.76
N GLU A 107 10.14 6.50 -4.02
CA GLU A 107 11.44 6.17 -4.66
C GLU A 107 11.37 4.82 -5.37
N ASP A 108 10.55 3.93 -4.89
CA ASP A 108 10.44 2.58 -5.53
C ASP A 108 9.71 2.69 -6.87
N GLN A 109 8.63 3.40 -6.91
CA GLN A 109 7.87 3.54 -8.19
C GLN A 109 8.74 4.22 -9.25
N GLN A 110 9.57 5.14 -8.84
CA GLN A 110 10.43 5.84 -9.82
C GLN A 110 11.40 4.85 -10.48
N GLU A 111 11.74 3.80 -9.78
CA GLU A 111 12.68 2.79 -10.37
C GLU A 111 11.90 1.77 -11.21
N SER A 112 10.61 1.70 -11.03
CA SER A 112 9.79 0.73 -11.81
C SER A 112 10.11 0.86 -13.31
N LEU A 113 10.66 1.96 -13.71
CA LEU A 113 11.00 2.15 -15.16
C LEU A 113 11.99 1.08 -15.62
N ASN A 114 12.56 0.35 -14.69
CA ASN A 114 13.53 -0.72 -15.08
C ASN A 114 14.70 -0.11 -15.87
N LYS A 115 15.68 -0.90 -16.19
CA LYS A 115 16.85 -0.36 -16.95
C LYS A 115 16.90 -0.97 -18.35
N TRP A 116 18.06 -1.37 -18.80
CA TRP A 116 18.16 -1.98 -20.16
C TRP A 116 17.66 -0.98 -21.22
N LYS A 117 18.26 0.17 -21.30
CA LYS A 117 17.81 1.17 -22.31
C LYS A 117 17.88 0.57 -23.71
N SER A 118 18.64 -0.47 -23.89
CA SER A 118 18.73 -1.10 -25.24
C SER A 118 19.23 -0.09 -26.27
N LYS A 119 18.76 -0.17 -27.48
CA LYS A 119 19.21 0.78 -28.53
C LYS A 119 18.04 1.13 -29.46
N GLY A 120 17.04 1.81 -28.96
CA GLY A 120 15.89 2.17 -29.83
C GLY A 120 15.63 3.68 -29.74
N ARG A 121 15.48 4.20 -28.56
CA ARG A 121 15.23 5.66 -28.41
C ARG A 121 14.21 6.13 -29.45
N HIS A 9 -12.90 20.85 6.07
CA HIS A 9 -13.77 21.98 5.65
C HIS A 9 -13.72 23.10 6.68
N HIS A 10 -14.04 22.81 7.92
CA HIS A 10 -14.01 23.86 8.97
C HIS A 10 -12.76 23.70 9.83
N GLY A 11 -12.00 22.67 9.60
CA GLY A 11 -10.76 22.46 10.41
C GLY A 11 -10.68 21.00 10.87
N SER A 12 -11.05 20.73 12.09
CA SER A 12 -11.01 19.33 12.59
C SER A 12 -11.99 18.45 11.81
N LEU A 13 -11.58 17.27 11.44
CA LEU A 13 -12.48 16.38 10.68
C LEU A 13 -12.61 15.05 11.41
N GLU A 14 -12.36 14.02 10.72
CA GLU A 14 -12.45 12.65 11.31
C GLU A 14 -11.13 12.28 12.00
N GLU A 15 -10.09 13.03 11.75
CA GLU A 15 -8.77 12.72 12.38
C GLU A 15 -8.34 11.30 12.00
N LYS A 16 -7.58 11.17 10.96
CA LYS A 16 -7.11 9.81 10.54
C LYS A 16 -5.97 9.93 9.52
N ILE A 17 -4.76 10.08 9.99
CA ILE A 17 -3.62 10.20 9.04
C ILE A 17 -3.15 8.83 8.58
N GLY A 18 -2.59 8.77 7.42
CA GLY A 18 -2.10 7.48 6.88
C GLY A 18 -2.49 7.35 5.40
N CYS A 19 -1.54 7.47 4.52
CA CYS A 19 -1.86 7.37 3.07
C CYS A 19 -1.30 6.07 2.49
N LEU A 20 -0.73 5.22 3.32
CA LEU A 20 -0.18 3.94 2.81
C LEU A 20 -0.21 2.87 3.91
N LEU A 21 -0.36 1.63 3.54
CA LEU A 21 -0.42 0.54 4.56
C LEU A 21 0.45 -0.65 4.14
N LYS A 22 0.86 -1.48 5.06
CA LYS A 22 1.71 -2.64 4.68
C LYS A 22 1.14 -3.94 5.23
N PHE A 23 1.43 -5.02 4.56
CA PHE A 23 0.93 -6.36 5.02
C PHE A 23 2.07 -7.38 5.01
N SER A 24 1.99 -8.40 5.83
CA SER A 24 3.10 -9.40 5.86
C SER A 24 2.56 -10.78 6.21
N GLY A 25 3.12 -11.81 5.64
CA GLY A 25 2.66 -13.20 5.92
C GLY A 25 3.01 -14.11 4.75
N ASP A 26 2.15 -15.01 4.39
CA ASP A 26 2.45 -15.92 3.25
C ASP A 26 2.12 -15.22 1.93
N LEU A 27 2.68 -14.07 1.70
CA LEU A 27 2.41 -13.32 0.44
C LEU A 27 2.53 -14.27 -0.77
N ASP A 28 1.59 -14.20 -1.68
CA ASP A 28 1.67 -15.08 -2.89
C ASP A 28 2.41 -14.35 -4.01
N ASP A 29 2.90 -15.08 -4.98
CA ASP A 29 3.65 -14.43 -6.10
C ASP A 29 2.86 -14.55 -7.40
N GLN A 30 1.92 -15.45 -7.47
CA GLN A 30 1.12 -15.61 -8.72
C GLN A 30 0.02 -14.55 -8.80
N THR A 31 -0.68 -14.32 -7.72
CA THR A 31 -1.76 -13.30 -7.72
C THR A 31 -1.36 -12.09 -8.58
N CYS A 32 -2.29 -11.53 -9.31
CA CYS A 32 -1.94 -10.36 -10.16
C CYS A 32 -2.42 -9.07 -9.48
N ARG A 33 -1.85 -7.95 -9.85
CA ARG A 33 -2.27 -6.66 -9.23
C ARG A 33 -3.69 -6.27 -9.65
N GLU A 34 -4.08 -6.64 -10.84
CA GLU A 34 -5.45 -6.28 -11.31
C GLU A 34 -6.52 -7.02 -10.50
N ASP A 35 -6.29 -8.27 -10.21
CA ASP A 35 -7.31 -9.04 -9.43
C ASP A 35 -7.37 -8.58 -7.97
N LEU A 36 -6.25 -8.43 -7.34
CA LEU A 36 -6.25 -7.99 -5.91
C LEU A 36 -6.64 -6.52 -5.79
N HIS A 37 -6.22 -5.69 -6.70
CA HIS A 37 -6.57 -4.25 -6.61
C HIS A 37 -8.09 -4.06 -6.59
N ILE A 38 -8.80 -4.83 -7.35
CA ILE A 38 -10.29 -4.70 -7.37
C ILE A 38 -10.89 -5.18 -6.06
N LEU A 39 -10.28 -6.16 -5.44
CA LEU A 39 -10.83 -6.70 -4.17
C LEU A 39 -10.76 -5.66 -3.02
N PHE A 40 -9.77 -4.81 -3.03
CA PHE A 40 -9.68 -3.79 -1.93
C PHE A 40 -10.57 -2.59 -2.26
N SER A 41 -11.29 -2.65 -3.35
CA SER A 41 -12.16 -1.50 -3.72
C SER A 41 -13.47 -1.53 -2.91
N ASN A 42 -13.38 -1.69 -1.61
CA ASN A 42 -14.61 -1.73 -0.78
C ASN A 42 -14.95 -0.32 -0.30
N HIS A 43 -14.00 0.59 -0.35
CA HIS A 43 -14.26 1.99 0.09
C HIS A 43 -13.00 2.81 -0.09
N GLY A 44 -12.20 2.39 -1.01
CA GLY A 44 -10.92 3.09 -1.30
C GLY A 44 -10.06 2.18 -2.17
N GLU A 45 -9.96 2.48 -3.43
CA GLU A 45 -9.15 1.62 -4.34
C GLU A 45 -7.65 1.82 -4.07
N ILE A 46 -6.85 0.86 -4.44
CA ILE A 46 -5.37 1.00 -4.22
C ILE A 46 -4.80 2.02 -5.21
N LYS A 47 -3.70 2.63 -4.87
CA LYS A 47 -3.09 3.62 -5.80
C LYS A 47 -1.78 3.06 -6.35
N TRP A 48 -1.11 2.24 -5.60
CA TRP A 48 0.18 1.67 -6.10
C TRP A 48 0.65 0.52 -5.19
N ILE A 49 1.32 -0.45 -5.77
CA ILE A 49 1.80 -1.61 -4.95
C ILE A 49 3.31 -1.77 -5.07
N ASP A 50 4.03 -1.70 -3.98
CA ASP A 50 5.52 -1.87 -4.03
C ASP A 50 5.95 -3.11 -3.25
N PHE A 51 6.52 -4.06 -3.90
CA PHE A 51 7.00 -5.29 -3.19
C PHE A 51 8.51 -5.44 -3.34
N VAL A 52 9.19 -5.79 -2.27
CA VAL A 52 10.66 -5.96 -2.37
C VAL A 52 10.99 -7.43 -2.59
N ARG A 53 11.76 -7.74 -3.60
CA ARG A 53 12.11 -9.16 -3.87
C ARG A 53 12.95 -9.74 -2.73
N GLY A 54 12.59 -10.90 -2.27
CA GLY A 54 13.36 -11.53 -1.16
C GLY A 54 12.80 -11.06 0.19
N ALA A 55 11.70 -10.37 0.17
CA ALA A 55 11.09 -9.90 1.44
C ALA A 55 9.98 -10.84 1.89
N LYS A 56 9.23 -10.46 2.89
CA LYS A 56 8.12 -11.31 3.37
C LYS A 56 6.84 -10.48 3.49
N GLU A 57 6.86 -9.29 2.98
CA GLU A 57 5.66 -8.42 3.06
C GLU A 57 5.67 -7.41 1.91
N GLY A 58 4.78 -6.45 1.94
CA GLY A 58 4.74 -5.44 0.85
C GLY A 58 3.92 -4.24 1.30
N ILE A 59 4.06 -3.13 0.65
CA ILE A 59 3.27 -1.92 1.05
C ILE A 59 2.39 -1.48 -0.12
N ILE A 60 1.24 -0.95 0.16
CA ILE A 60 0.35 -0.51 -0.95
C ILE A 60 -0.34 0.82 -0.62
N LEU A 61 -0.06 1.86 -1.34
CA LEU A 61 -0.74 3.15 -1.05
C LEU A 61 -2.00 3.23 -1.89
N PHE A 62 -3.07 3.67 -1.31
CA PHE A 62 -4.35 3.74 -2.08
C PHE A 62 -4.54 5.10 -2.73
N LYS A 63 -5.51 5.19 -3.59
CA LYS A 63 -5.79 6.49 -4.25
C LYS A 63 -6.58 7.38 -3.30
N GLU A 64 -7.28 6.78 -2.37
CA GLU A 64 -8.08 7.61 -1.42
C GLU A 64 -7.49 7.55 -0.01
N LYS A 65 -6.68 6.55 0.25
CA LYS A 65 -6.02 6.39 1.59
C LYS A 65 -5.88 4.90 1.90
N ALA A 66 -4.68 4.46 2.05
CA ALA A 66 -4.45 3.03 2.37
C ALA A 66 -5.03 2.70 3.74
N LYS A 67 -4.75 3.53 4.71
CA LYS A 67 -5.29 3.30 6.07
C LYS A 67 -6.82 3.24 6.05
N GLU A 68 -7.41 3.95 5.15
CA GLU A 68 -8.91 3.97 5.05
C GLU A 68 -9.40 2.67 4.42
N ALA A 69 -8.91 2.36 3.26
CA ALA A 69 -9.33 1.11 2.58
C ALA A 69 -8.76 -0.11 3.30
N LEU A 70 -7.60 0.03 3.88
CA LEU A 70 -7.01 -1.16 4.58
C LEU A 70 -7.68 -1.36 5.93
N GLY A 71 -7.80 -0.33 6.69
CA GLY A 71 -8.45 -0.45 8.02
C GLY A 71 -9.92 -0.74 7.84
N LYS A 72 -10.48 -0.24 6.77
CA LYS A 72 -11.93 -0.49 6.50
C LYS A 72 -12.13 -1.93 6.04
N ALA A 73 -11.33 -2.35 5.10
CA ALA A 73 -11.42 -3.73 4.57
C ALA A 73 -10.76 -4.68 5.55
N LYS A 74 -9.75 -4.22 6.25
CA LYS A 74 -9.09 -5.08 7.24
C LYS A 74 -10.10 -5.38 8.33
N ASP A 75 -10.87 -4.37 8.61
CA ASP A 75 -11.92 -4.50 9.67
C ASP A 75 -13.11 -5.30 9.15
N ALA A 76 -13.38 -5.20 7.88
CA ALA A 76 -14.53 -5.92 7.28
C ALA A 76 -14.68 -7.32 7.87
N ASN A 77 -13.63 -7.86 8.42
CA ASN A 77 -13.74 -9.24 8.98
C ASN A 77 -13.36 -9.27 10.46
N ASN A 78 -12.09 -9.44 10.73
CA ASN A 78 -11.63 -9.52 12.15
C ASN A 78 -11.11 -8.17 12.67
N GLY A 79 -10.42 -7.45 11.83
CA GLY A 79 -9.85 -6.15 12.27
C GLY A 79 -8.58 -5.88 11.47
N ASN A 80 -8.07 -6.90 10.84
CA ASN A 80 -6.84 -6.74 10.02
C ASN A 80 -7.15 -7.17 8.58
N LEU A 81 -6.43 -6.70 7.61
CA LEU A 81 -6.75 -7.10 6.21
C LEU A 81 -5.71 -8.07 5.69
N GLN A 82 -6.09 -9.08 5.00
CA GLN A 82 -5.08 -10.01 4.45
C GLN A 82 -4.97 -9.73 2.94
N LEU A 83 -3.86 -10.01 2.35
CA LEU A 83 -3.71 -9.72 0.90
C LEU A 83 -4.13 -10.92 0.08
N ARG A 84 -4.74 -10.65 -1.05
CA ARG A 84 -5.23 -11.74 -1.93
C ARG A 84 -6.49 -12.32 -1.32
N ASN A 85 -7.02 -11.62 -0.36
CA ASN A 85 -8.26 -12.06 0.33
C ASN A 85 -7.88 -12.90 1.55
N LYS A 86 -6.81 -13.63 1.48
CA LYS A 86 -6.39 -14.48 2.64
C LYS A 86 -4.93 -14.88 2.49
N GLU A 87 -4.03 -13.95 2.69
CA GLU A 87 -2.58 -14.29 2.55
C GLU A 87 -1.72 -13.40 3.46
N VAL A 88 -1.81 -12.12 3.30
CA VAL A 88 -0.98 -11.20 4.16
C VAL A 88 -1.84 -10.17 4.87
N THR A 89 -1.61 -9.97 6.12
CA THR A 89 -2.43 -8.95 6.85
C THR A 89 -1.79 -7.57 6.76
N TRP A 90 -2.55 -6.56 6.41
CA TRP A 90 -1.95 -5.21 6.32
C TRP A 90 -2.41 -4.35 7.49
N GLU A 91 -1.53 -3.50 7.95
CA GLU A 91 -1.87 -2.58 9.08
C GLU A 91 -1.11 -1.27 8.89
N VAL A 92 -1.74 -0.15 9.13
CA VAL A 92 -1.02 1.15 8.94
C VAL A 92 0.07 1.31 10.00
N LEU A 93 1.28 1.58 9.57
CA LEU A 93 2.40 1.74 10.56
C LEU A 93 2.21 3.02 11.38
N GLU A 94 3.24 3.49 12.03
CA GLU A 94 3.13 4.72 12.85
C GLU A 94 3.70 5.92 12.09
N GLY A 95 3.54 7.10 12.60
CA GLY A 95 4.08 8.30 11.88
C GLY A 95 5.56 8.08 11.54
N GLU A 96 6.33 7.58 12.47
CA GLU A 96 7.78 7.37 12.20
C GLU A 96 7.99 6.18 11.27
N VAL A 97 7.37 5.05 11.57
CA VAL A 97 7.55 3.86 10.69
C VAL A 97 6.75 3.99 9.40
N GLU A 98 5.58 4.55 9.48
CA GLU A 98 4.73 4.71 8.26
C GLU A 98 5.38 5.70 7.29
N LYS A 99 6.02 6.71 7.79
CA LYS A 99 6.67 7.71 6.89
C LYS A 99 7.88 7.07 6.20
N GLU A 100 8.70 6.40 6.95
CA GLU A 100 9.91 5.76 6.34
C GLU A 100 9.50 4.91 5.13
N ALA A 101 8.46 4.13 5.26
CA ALA A 101 8.01 3.28 4.13
C ALA A 101 7.32 4.14 3.06
N LEU A 102 6.59 5.13 3.47
CA LEU A 102 5.89 6.01 2.48
C LEU A 102 6.89 6.63 1.52
N LYS A 103 8.01 7.10 2.01
CA LYS A 103 9.02 7.71 1.12
C LYS A 103 9.58 6.67 0.16
N LYS A 104 9.88 5.50 0.65
CA LYS A 104 10.43 4.43 -0.24
C LYS A 104 9.42 4.08 -1.32
N ILE A 105 8.15 4.07 -1.00
CA ILE A 105 7.11 3.72 -2.01
C ILE A 105 6.95 4.88 -3.01
N ILE A 106 7.04 6.09 -2.55
CA ILE A 106 6.88 7.25 -3.47
C ILE A 106 7.99 7.25 -4.52
N GLU A 107 9.21 7.13 -4.09
CA GLU A 107 10.35 7.14 -5.06
C GLU A 107 10.21 5.96 -6.04
N ASP A 108 9.63 4.88 -5.60
CA ASP A 108 9.47 3.71 -6.51
C ASP A 108 8.39 3.99 -7.56
N GLN A 109 7.29 4.55 -7.15
CA GLN A 109 6.21 4.85 -8.12
C GLN A 109 6.58 6.07 -8.97
N GLN A 110 7.26 7.01 -8.39
CA GLN A 110 7.66 8.22 -9.16
C GLN A 110 8.75 7.88 -10.17
N GLU A 111 9.53 6.88 -9.89
CA GLU A 111 10.61 6.48 -10.84
C GLU A 111 10.05 6.35 -12.26
N SER A 112 8.80 6.02 -12.39
CA SER A 112 8.20 5.87 -13.75
C SER A 112 7.92 7.26 -14.34
N LEU A 113 7.70 8.23 -13.51
CA LEU A 113 7.41 9.61 -14.03
C LEU A 113 8.72 10.39 -14.21
N ASN A 114 9.75 10.00 -13.52
CA ASN A 114 11.05 10.71 -13.65
C ASN A 114 12.21 9.71 -13.76
N LYS A 115 12.79 9.58 -14.91
CA LYS A 115 13.92 8.61 -15.07
C LYS A 115 15.22 9.37 -15.34
N TRP A 116 15.15 10.66 -15.54
CA TRP A 116 16.38 11.44 -15.81
C TRP A 116 16.60 12.48 -14.70
N LYS A 117 17.76 12.48 -14.09
CA LYS A 117 18.03 13.47 -13.01
C LYS A 117 16.99 13.33 -11.89
N SER A 118 17.43 12.93 -10.72
CA SER A 118 16.47 12.77 -9.58
C SER A 118 16.56 13.98 -8.64
N LYS A 119 16.97 15.11 -9.15
CA LYS A 119 17.07 16.31 -8.28
C LYS A 119 17.47 17.54 -9.12
N GLY A 120 17.77 18.63 -8.49
CA GLY A 120 18.15 19.85 -9.25
C GLY A 120 19.66 19.80 -9.56
N ARG A 121 20.41 20.72 -9.03
CA ARG A 121 21.87 20.72 -9.29
C ARG A 121 22.49 19.37 -8.92
N HIS A 9 -8.79 23.28 8.08
CA HIS A 9 -7.79 23.36 6.98
C HIS A 9 -6.48 23.99 7.48
N HIS A 10 -5.46 23.98 6.68
CA HIS A 10 -4.16 24.58 7.12
C HIS A 10 -3.38 25.08 5.90
N GLY A 11 -2.16 25.53 6.10
CA GLY A 11 -1.35 26.02 4.96
C GLY A 11 -0.55 24.88 4.37
N SER A 12 0.30 24.27 5.15
CA SER A 12 1.12 23.13 4.64
C SER A 12 0.23 21.91 4.40
N LEU A 13 0.60 21.08 3.46
CA LEU A 13 -0.20 19.86 3.17
C LEU A 13 0.23 19.27 1.83
N GLU A 14 0.78 18.11 1.86
CA GLU A 14 1.23 17.45 0.61
C GLU A 14 0.09 16.62 0.01
N GLU A 15 -0.99 16.50 0.71
CA GLU A 15 -2.14 15.71 0.18
C GLU A 15 -1.69 14.27 -0.14
N LYS A 16 -1.00 13.64 0.77
CA LYS A 16 -0.53 12.26 0.53
C LYS A 16 0.20 11.72 1.76
N ILE A 17 -0.37 11.88 2.92
CA ILE A 17 0.29 11.38 4.16
C ILE A 17 -0.50 10.23 4.77
N GLY A 18 0.18 9.38 5.46
CA GLY A 18 -0.50 8.21 6.09
C GLY A 18 -1.40 7.52 5.06
N CYS A 19 -1.03 7.58 3.81
CA CYS A 19 -1.87 6.92 2.76
C CYS A 19 -1.17 5.65 2.25
N LEU A 20 -0.48 4.96 3.10
CA LEU A 20 0.23 3.72 2.66
C LEU A 20 0.21 2.67 3.78
N LEU A 21 -0.23 1.48 3.48
CA LEU A 21 -0.29 0.41 4.52
C LEU A 21 0.50 -0.82 4.07
N LYS A 22 0.93 -1.64 5.01
CA LYS A 22 1.73 -2.83 4.59
C LYS A 22 1.14 -4.11 5.17
N PHE A 23 1.36 -5.20 4.51
CA PHE A 23 0.83 -6.50 5.01
C PHE A 23 1.94 -7.56 5.04
N SER A 24 1.82 -8.52 5.93
CA SER A 24 2.89 -9.57 6.04
C SER A 24 2.29 -10.89 6.54
N GLY A 25 2.77 -12.00 6.04
CA GLY A 25 2.23 -13.31 6.48
C GLY A 25 2.37 -14.33 5.36
N ASP A 26 2.47 -15.59 5.69
CA ASP A 26 2.62 -16.63 4.62
C ASP A 26 1.87 -16.18 3.35
N LEU A 27 2.54 -15.49 2.48
CA LEU A 27 1.86 -15.01 1.25
C LEU A 27 2.61 -15.45 -0.01
N ASP A 28 1.97 -15.39 -1.14
CA ASP A 28 2.63 -15.79 -2.41
C ASP A 28 3.28 -14.58 -3.08
N ASP A 29 4.20 -14.81 -3.97
CA ASP A 29 4.88 -13.66 -4.65
C ASP A 29 4.46 -13.61 -6.13
N GLN A 30 3.33 -14.17 -6.46
CA GLN A 30 2.88 -14.15 -7.88
C GLN A 30 1.59 -13.32 -8.02
N THR A 31 0.80 -13.24 -6.99
CA THR A 31 -0.47 -12.45 -7.07
C THR A 31 -0.23 -11.17 -7.88
N CYS A 32 -1.25 -10.68 -8.54
CA CYS A 32 -1.07 -9.42 -9.34
C CYS A 32 -1.89 -8.27 -8.74
N ARG A 33 -1.51 -7.06 -9.04
CA ARG A 33 -2.24 -5.88 -8.49
C ARG A 33 -3.63 -5.77 -9.11
N GLU A 34 -3.78 -6.19 -10.34
CA GLU A 34 -5.11 -6.07 -11.01
C GLU A 34 -6.20 -6.81 -10.22
N ASP A 35 -5.95 -8.03 -9.80
CA ASP A 35 -7.00 -8.78 -9.05
C ASP A 35 -7.19 -8.18 -7.65
N LEU A 36 -6.13 -7.94 -6.95
CA LEU A 36 -6.26 -7.37 -5.58
C LEU A 36 -6.69 -5.90 -5.64
N HIS A 37 -6.20 -5.15 -6.58
CA HIS A 37 -6.60 -3.71 -6.65
C HIS A 37 -8.13 -3.59 -6.80
N ILE A 38 -8.73 -4.50 -7.51
CA ILE A 38 -10.21 -4.42 -7.73
C ILE A 38 -11.02 -4.74 -6.46
N LEU A 39 -10.71 -5.79 -5.76
CA LEU A 39 -11.52 -6.17 -4.56
C LEU A 39 -11.47 -5.11 -3.44
N PHE A 40 -10.35 -4.47 -3.22
CA PHE A 40 -10.31 -3.46 -2.11
C PHE A 40 -11.25 -2.28 -2.45
N SER A 41 -11.86 -2.30 -3.60
CA SER A 41 -12.78 -1.19 -3.97
C SER A 41 -13.99 -1.15 -3.04
N ASN A 42 -13.78 -0.95 -1.77
CA ASN A 42 -14.92 -0.89 -0.82
C ASN A 42 -15.14 0.55 -0.35
N HIS A 43 -14.08 1.28 -0.21
CA HIS A 43 -14.19 2.71 0.23
C HIS A 43 -12.86 3.41 -0.02
N GLY A 44 -12.13 2.87 -0.93
CA GLY A 44 -10.79 3.44 -1.28
C GLY A 44 -10.05 2.40 -2.13
N GLU A 45 -10.00 2.59 -3.42
CA GLU A 45 -9.31 1.61 -4.29
C GLU A 45 -7.79 1.73 -4.15
N ILE A 46 -7.08 0.71 -4.55
CA ILE A 46 -5.60 0.75 -4.44
C ILE A 46 -5.02 1.72 -5.49
N LYS A 47 -3.91 2.32 -5.20
CA LYS A 47 -3.30 3.27 -6.17
C LYS A 47 -1.96 2.71 -6.66
N TRP A 48 -1.22 2.08 -5.79
CA TRP A 48 0.09 1.51 -6.22
C TRP A 48 0.58 0.48 -5.21
N ILE A 49 1.27 -0.53 -5.66
CA ILE A 49 1.77 -1.59 -4.73
C ILE A 49 3.26 -1.85 -4.96
N ASP A 50 4.04 -1.80 -3.91
CA ASP A 50 5.50 -2.05 -4.07
C ASP A 50 5.90 -3.33 -3.33
N PHE A 51 6.27 -4.35 -4.05
CA PHE A 51 6.67 -5.62 -3.39
C PHE A 51 8.13 -5.96 -3.72
N VAL A 52 8.89 -6.38 -2.74
CA VAL A 52 10.31 -6.74 -3.02
C VAL A 52 10.42 -8.25 -3.23
N ARG A 53 11.00 -8.66 -4.32
CA ARG A 53 11.14 -10.12 -4.59
C ARG A 53 11.91 -10.80 -3.46
N GLY A 54 11.35 -11.83 -2.89
CA GLY A 54 12.06 -12.54 -1.79
C GLY A 54 11.76 -11.84 -0.45
N ALA A 55 10.83 -10.93 -0.44
CA ALA A 55 10.51 -10.22 0.84
C ALA A 55 9.52 -11.05 1.65
N LYS A 56 9.22 -10.61 2.84
CA LYS A 56 8.24 -11.36 3.68
C LYS A 56 6.93 -10.58 3.79
N GLU A 57 6.82 -9.51 3.06
CA GLU A 57 5.57 -8.69 3.11
C GLU A 57 5.53 -7.75 1.90
N GLY A 58 4.70 -6.74 1.97
CA GLY A 58 4.60 -5.78 0.84
C GLY A 58 3.77 -4.57 1.27
N ILE A 59 3.92 -3.47 0.60
CA ILE A 59 3.13 -2.26 0.98
C ILE A 59 2.23 -1.83 -0.18
N ILE A 60 1.14 -1.18 0.11
CA ILE A 60 0.25 -0.72 -0.99
C ILE A 60 -0.40 0.63 -0.68
N LEU A 61 -0.09 1.64 -1.43
CA LEU A 61 -0.71 2.97 -1.17
C LEU A 61 -1.98 3.08 -2.01
N PHE A 62 -3.02 3.59 -1.44
CA PHE A 62 -4.30 3.69 -2.19
C PHE A 62 -4.47 5.04 -2.86
N LYS A 63 -5.46 5.15 -3.72
CA LYS A 63 -5.71 6.43 -4.41
C LYS A 63 -6.46 7.37 -3.48
N GLU A 64 -7.17 6.84 -2.51
CA GLU A 64 -7.92 7.71 -1.57
C GLU A 64 -7.32 7.64 -0.17
N LYS A 65 -6.57 6.61 0.10
CA LYS A 65 -5.91 6.42 1.43
C LYS A 65 -5.84 4.94 1.76
N ALA A 66 -4.66 4.44 1.88
CA ALA A 66 -4.48 2.99 2.18
C ALA A 66 -5.03 2.65 3.57
N LYS A 67 -4.77 3.48 4.53
CA LYS A 67 -5.26 3.22 5.91
C LYS A 67 -6.80 3.13 5.97
N GLU A 68 -7.46 3.86 5.11
CA GLU A 68 -8.96 3.83 5.12
C GLU A 68 -9.45 2.54 4.48
N ALA A 69 -8.93 2.24 3.33
CA ALA A 69 -9.33 0.99 2.64
C ALA A 69 -8.75 -0.22 3.39
N LEU A 70 -7.60 -0.06 3.98
CA LEU A 70 -6.99 -1.21 4.70
C LEU A 70 -7.65 -1.41 6.06
N GLY A 71 -7.79 -0.36 6.80
CA GLY A 71 -8.44 -0.47 8.13
C GLY A 71 -9.91 -0.81 7.93
N LYS A 72 -10.48 -0.35 6.86
CA LYS A 72 -11.92 -0.64 6.59
C LYS A 72 -12.09 -2.09 6.15
N ALA A 73 -11.29 -2.51 5.21
CA ALA A 73 -11.37 -3.90 4.70
C ALA A 73 -10.67 -4.83 5.68
N LYS A 74 -9.66 -4.34 6.35
CA LYS A 74 -8.96 -5.20 7.34
C LYS A 74 -9.94 -5.45 8.45
N ASP A 75 -10.69 -4.43 8.75
CA ASP A 75 -11.70 -4.52 9.85
C ASP A 75 -12.92 -5.31 9.38
N ALA A 76 -13.17 -5.31 8.11
CA ALA A 76 -14.35 -6.03 7.56
C ALA A 76 -14.53 -7.37 8.25
N ASN A 77 -13.49 -7.91 8.83
CA ASN A 77 -13.64 -9.23 9.50
C ASN A 77 -13.18 -9.18 10.96
N ASN A 78 -11.92 -9.37 11.18
CA ASN A 78 -11.40 -9.37 12.59
C ASN A 78 -10.80 -8.02 12.98
N GLY A 79 -10.12 -7.38 12.07
CA GLY A 79 -9.50 -6.07 12.39
C GLY A 79 -8.25 -5.89 11.54
N ASN A 80 -7.81 -6.95 10.92
CA ASN A 80 -6.60 -6.88 10.06
C ASN A 80 -7.00 -7.30 8.64
N LEU A 81 -6.28 -6.87 7.63
CA LEU A 81 -6.69 -7.25 6.25
C LEU A 81 -5.68 -8.23 5.66
N GLN A 82 -6.14 -9.23 4.98
CA GLN A 82 -5.20 -10.17 4.34
C GLN A 82 -5.06 -9.75 2.88
N LEU A 83 -3.95 -10.05 2.26
CA LEU A 83 -3.76 -9.64 0.85
C LEU A 83 -4.27 -10.73 -0.07
N ARG A 84 -4.97 -10.35 -1.10
CA ARG A 84 -5.53 -11.34 -2.05
C ARG A 84 -6.54 -12.22 -1.33
N ASN A 85 -7.06 -11.73 -0.25
CA ASN A 85 -8.04 -12.50 0.54
C ASN A 85 -7.48 -13.91 0.82
N LYS A 86 -6.30 -13.97 1.38
CA LYS A 86 -5.65 -15.29 1.69
C LYS A 86 -4.16 -15.19 1.42
N GLU A 87 -3.52 -14.13 1.86
CA GLU A 87 -2.06 -13.99 1.60
C GLU A 87 -1.36 -13.18 2.69
N VAL A 88 -1.58 -11.90 2.76
CA VAL A 88 -0.86 -11.09 3.81
C VAL A 88 -1.77 -10.12 4.58
N THR A 89 -1.61 -10.06 5.87
CA THR A 89 -2.45 -9.11 6.67
C THR A 89 -1.81 -7.71 6.64
N TRP A 90 -2.57 -6.66 6.40
CA TRP A 90 -1.96 -5.30 6.37
C TRP A 90 -2.39 -4.45 7.54
N GLU A 91 -1.49 -3.58 7.97
CA GLU A 91 -1.79 -2.66 9.09
C GLU A 91 -1.03 -1.34 8.84
N VAL A 92 -1.65 -0.22 9.05
CA VAL A 92 -0.95 1.08 8.79
C VAL A 92 0.11 1.34 9.88
N LEU A 93 1.29 1.72 9.48
CA LEU A 93 2.36 2.00 10.47
C LEU A 93 2.00 3.24 11.29
N GLU A 94 2.92 3.81 12.00
CA GLU A 94 2.60 5.02 12.80
C GLU A 94 3.87 5.79 13.17
N GLY A 95 3.74 7.07 13.42
CA GLY A 95 4.93 7.89 13.79
C GLY A 95 5.90 7.97 12.62
N GLU A 96 7.17 7.81 12.89
CA GLU A 96 8.19 7.88 11.80
C GLU A 96 8.08 6.67 10.87
N VAL A 97 7.77 5.52 11.38
CA VAL A 97 7.66 4.31 10.51
C VAL A 97 6.59 4.53 9.44
N GLU A 98 5.46 5.05 9.82
CA GLU A 98 4.38 5.28 8.82
C GLU A 98 4.86 6.22 7.73
N LYS A 99 5.51 7.29 8.09
CA LYS A 99 6.01 8.26 7.08
C LYS A 99 7.20 7.67 6.33
N GLU A 100 8.12 7.10 7.04
CA GLU A 100 9.32 6.50 6.36
C GLU A 100 8.89 5.60 5.22
N ALA A 101 7.80 4.89 5.38
CA ALA A 101 7.33 3.99 4.29
C ALA A 101 6.78 4.80 3.12
N LEU A 102 6.14 5.90 3.40
CA LEU A 102 5.58 6.73 2.30
C LEU A 102 6.70 7.17 1.35
N LYS A 103 7.86 7.48 1.87
CA LYS A 103 8.98 7.92 0.99
C LYS A 103 9.52 6.72 0.19
N LYS A 104 9.70 5.61 0.84
CA LYS A 104 10.23 4.41 0.13
C LYS A 104 9.31 4.04 -1.04
N ILE A 105 8.03 4.12 -0.85
CA ILE A 105 7.09 3.76 -1.95
C ILE A 105 7.18 4.81 -3.07
N ILE A 106 7.47 6.04 -2.74
CA ILE A 106 7.56 7.09 -3.79
C ILE A 106 8.69 6.76 -4.76
N GLU A 107 9.85 6.47 -4.25
CA GLU A 107 11.00 6.13 -5.15
C GLU A 107 10.63 4.97 -6.06
N ASP A 108 9.84 4.05 -5.59
CA ASP A 108 9.43 2.89 -6.42
C ASP A 108 8.44 3.34 -7.50
N GLN A 109 7.55 4.23 -7.16
CA GLN A 109 6.56 4.71 -8.15
C GLN A 109 7.23 5.62 -9.18
N GLN A 110 8.00 6.57 -8.72
CA GLN A 110 8.68 7.50 -9.67
C GLN A 110 9.47 6.69 -10.70
N GLU A 111 9.91 5.51 -10.35
CA GLU A 111 10.68 4.69 -11.32
C GLU A 111 9.72 3.89 -12.22
N SER A 112 8.54 3.61 -11.74
CA SER A 112 7.58 2.83 -12.57
C SER A 112 6.92 3.74 -13.61
N LEU A 113 7.07 5.03 -13.47
CA LEU A 113 6.46 5.97 -14.45
C LEU A 113 7.42 6.21 -15.63
N ASN A 114 8.60 5.68 -15.56
CA ASN A 114 9.57 5.87 -16.67
C ASN A 114 10.32 4.57 -16.96
N LYS A 115 9.88 3.48 -16.39
CA LYS A 115 10.56 2.18 -16.63
C LYS A 115 9.58 1.02 -16.48
N TRP A 116 8.70 0.83 -17.44
CA TRP A 116 7.72 -0.28 -17.34
C TRP A 116 6.93 -0.40 -18.65
N LYS A 117 7.60 -0.31 -19.76
CA LYS A 117 6.89 -0.43 -21.06
C LYS A 117 7.90 -0.43 -22.21
N SER A 118 9.09 -0.91 -21.97
CA SER A 118 10.11 -0.94 -23.06
C SER A 118 10.81 -2.30 -23.09
N LYS A 119 10.18 -3.31 -22.54
CA LYS A 119 10.81 -4.67 -22.55
C LYS A 119 9.83 -5.69 -23.13
N GLY A 120 10.34 -6.78 -23.64
CA GLY A 120 9.45 -7.82 -24.23
C GLY A 120 9.00 -7.37 -25.62
N ARG A 121 8.20 -8.18 -26.27
CA ARG A 121 7.73 -7.80 -27.64
C ARG A 121 6.78 -8.88 -28.18
N HIS A 9 -17.03 2.85 22.48
CA HIS A 9 -16.44 4.09 21.90
C HIS A 9 -14.96 4.21 22.28
N HIS A 10 -14.08 4.18 21.32
CA HIS A 10 -12.63 4.30 21.64
C HIS A 10 -12.11 5.68 21.23
N GLY A 11 -10.82 5.82 21.07
CA GLY A 11 -10.26 7.14 20.67
C GLY A 11 -10.15 7.21 19.15
N SER A 12 -9.48 8.21 18.64
CA SER A 12 -9.34 8.35 17.16
C SER A 12 -7.90 8.04 16.75
N LEU A 13 -7.70 7.66 15.51
CA LEU A 13 -6.34 7.33 15.03
C LEU A 13 -5.87 6.01 15.63
N GLU A 14 -5.73 5.04 14.80
CA GLU A 14 -5.29 3.69 15.26
C GLU A 14 -3.85 3.76 15.77
N GLU A 15 -3.04 4.61 15.18
CA GLU A 15 -1.62 4.71 15.62
C GLU A 15 -0.82 5.57 14.64
N LYS A 16 -1.13 6.83 14.54
CA LYS A 16 -0.39 7.72 13.60
C LYS A 16 -0.33 7.09 12.21
N ILE A 17 -1.36 7.27 11.43
CA ILE A 17 -1.37 6.68 10.06
C ILE A 17 -1.33 7.79 9.01
N GLY A 18 -0.81 7.49 7.87
CA GLY A 18 -0.74 8.50 6.80
C GLY A 18 -1.55 8.03 5.59
N CYS A 19 -0.90 7.93 4.46
CA CYS A 19 -1.62 7.51 3.21
C CYS A 19 -1.14 6.15 2.71
N LEU A 20 -0.63 5.29 3.55
CA LEU A 20 -0.17 3.96 3.04
C LEU A 20 -0.24 2.88 4.11
N LEU A 21 -0.37 1.64 3.71
CA LEU A 21 -0.44 0.52 4.70
C LEU A 21 0.38 -0.68 4.21
N LYS A 22 0.79 -1.55 5.10
CA LYS A 22 1.60 -2.73 4.66
C LYS A 22 1.00 -4.04 5.14
N PHE A 23 1.26 -5.09 4.43
CA PHE A 23 0.73 -6.43 4.82
C PHE A 23 1.86 -7.46 4.79
N SER A 24 1.77 -8.50 5.59
CA SER A 24 2.87 -9.52 5.60
C SER A 24 2.32 -10.92 5.86
N GLY A 25 2.92 -11.92 5.26
CA GLY A 25 2.43 -13.30 5.47
C GLY A 25 3.00 -14.21 4.37
N ASP A 26 2.45 -14.13 3.18
CA ASP A 26 2.95 -14.97 2.06
C ASP A 26 2.46 -14.42 0.73
N LEU A 27 3.35 -13.90 -0.08
CA LEU A 27 2.92 -13.33 -1.39
C LEU A 27 3.61 -14.05 -2.52
N ASP A 28 4.17 -15.14 -2.20
CA ASP A 28 4.90 -15.96 -3.21
C ASP A 28 3.95 -16.98 -3.84
N ASP A 29 3.42 -16.68 -5.00
CA ASP A 29 2.49 -17.64 -5.67
C ASP A 29 1.78 -16.93 -6.83
N GLN A 30 0.48 -17.04 -6.90
CA GLN A 30 -0.27 -16.37 -8.00
C GLN A 30 -0.67 -14.96 -7.57
N THR A 31 -0.68 -14.72 -6.28
CA THR A 31 -1.06 -13.37 -5.76
C THR A 31 -0.61 -12.27 -6.73
N CYS A 32 -1.52 -11.77 -7.53
CA CYS A 32 -1.14 -10.69 -8.50
C CYS A 32 -1.58 -9.32 -7.96
N ARG A 33 -0.96 -8.28 -8.43
CA ARG A 33 -1.33 -6.91 -7.95
C ARG A 33 -2.73 -6.52 -8.44
N GLU A 34 -3.10 -6.93 -9.63
CA GLU A 34 -4.45 -6.58 -10.15
C GLU A 34 -5.56 -7.34 -9.43
N ASP A 35 -5.33 -8.59 -9.12
CA ASP A 35 -6.41 -9.37 -8.43
C ASP A 35 -6.65 -8.85 -7.02
N LEU A 36 -5.61 -8.66 -6.26
CA LEU A 36 -5.80 -8.14 -4.87
C LEU A 36 -6.22 -6.68 -4.88
N HIS A 37 -5.68 -5.89 -5.78
CA HIS A 37 -6.04 -4.45 -5.83
C HIS A 37 -7.54 -4.29 -6.07
N ILE A 38 -8.12 -5.13 -6.88
CA ILE A 38 -9.58 -5.03 -7.16
C ILE A 38 -10.41 -5.41 -5.93
N LEU A 39 -9.92 -6.33 -5.13
CA LEU A 39 -10.69 -6.76 -3.94
C LEU A 39 -10.84 -5.61 -2.93
N PHE A 40 -9.89 -4.72 -2.86
CA PHE A 40 -10.01 -3.57 -1.90
C PHE A 40 -11.11 -2.61 -2.36
N SER A 41 -11.72 -2.87 -3.48
CA SER A 41 -12.80 -1.96 -3.97
C SER A 41 -13.99 -1.98 -3.00
N ASN A 42 -13.83 -1.44 -1.84
CA ASN A 42 -14.95 -1.43 -0.85
C ASN A 42 -15.24 0.00 -0.39
N HIS A 43 -14.22 0.79 -0.27
CA HIS A 43 -14.41 2.21 0.16
C HIS A 43 -13.09 2.96 0.08
N GLY A 44 -12.24 2.48 -0.76
CA GLY A 44 -10.90 3.11 -0.94
C GLY A 44 -10.08 2.23 -1.88
N GLU A 45 -10.01 2.58 -3.13
CA GLU A 45 -9.23 1.76 -4.09
C GLU A 45 -7.72 1.95 -3.87
N ILE A 46 -6.95 0.99 -4.27
CA ILE A 46 -5.47 1.11 -4.09
C ILE A 46 -4.90 2.11 -5.10
N LYS A 47 -3.80 2.72 -4.78
CA LYS A 47 -3.20 3.69 -5.72
C LYS A 47 -1.93 3.10 -6.33
N TRP A 48 -1.25 2.27 -5.58
CA TRP A 48 0.00 1.64 -6.12
C TRP A 48 0.47 0.50 -5.21
N ILE A 49 1.12 -0.49 -5.78
CA ILE A 49 1.61 -1.63 -4.96
C ILE A 49 3.12 -1.84 -5.14
N ASP A 50 3.87 -1.78 -4.07
CA ASP A 50 5.34 -2.00 -4.19
C ASP A 50 5.77 -3.25 -3.43
N PHE A 51 6.28 -4.22 -4.11
CA PHE A 51 6.72 -5.47 -3.42
C PHE A 51 8.23 -5.68 -3.61
N VAL A 52 8.92 -6.05 -2.57
CA VAL A 52 10.39 -6.30 -2.71
C VAL A 52 10.63 -7.78 -2.91
N ARG A 53 11.34 -8.16 -3.94
CA ARG A 53 11.60 -9.61 -4.17
C ARG A 53 12.25 -10.24 -2.95
N GLY A 54 11.77 -11.38 -2.55
CA GLY A 54 12.36 -12.07 -1.35
C GLY A 54 11.96 -11.31 -0.08
N ALA A 55 11.05 -10.38 -0.18
CA ALA A 55 10.63 -9.62 1.03
C ALA A 55 9.68 -10.46 1.88
N LYS A 56 9.44 -10.07 3.10
CA LYS A 56 8.51 -10.83 3.97
C LYS A 56 7.13 -10.18 3.94
N GLU A 57 7.00 -9.08 3.25
CA GLU A 57 5.70 -8.38 3.18
C GLU A 57 5.68 -7.41 1.99
N GLY A 58 4.76 -6.49 1.96
CA GLY A 58 4.70 -5.53 0.82
C GLY A 58 3.95 -4.28 1.27
N ILE A 59 4.06 -3.20 0.54
CA ILE A 59 3.35 -1.97 0.94
C ILE A 59 2.45 -1.49 -0.20
N ILE A 60 1.35 -0.89 0.11
CA ILE A 60 0.45 -0.40 -0.97
C ILE A 60 -0.25 0.90 -0.57
N LEU A 61 0.01 1.98 -1.26
CA LEU A 61 -0.69 3.25 -0.92
C LEU A 61 -1.96 3.34 -1.74
N PHE A 62 -3.04 3.73 -1.13
CA PHE A 62 -4.32 3.80 -1.88
C PHE A 62 -4.52 5.16 -2.54
N LYS A 63 -5.50 5.25 -3.40
CA LYS A 63 -5.78 6.53 -4.07
C LYS A 63 -6.56 7.43 -3.12
N GLU A 64 -7.25 6.85 -2.17
CA GLU A 64 -8.03 7.70 -1.21
C GLU A 64 -7.43 7.62 0.18
N LYS A 65 -6.66 6.60 0.45
CA LYS A 65 -6.01 6.43 1.78
C LYS A 65 -5.87 4.95 2.11
N ALA A 66 -4.67 4.50 2.23
CA ALA A 66 -4.44 3.06 2.56
C ALA A 66 -5.06 2.73 3.91
N LYS A 67 -4.86 3.59 4.86
CA LYS A 67 -5.44 3.37 6.22
C LYS A 67 -6.97 3.35 6.16
N GLU A 68 -7.53 4.07 5.24
CA GLU A 68 -9.01 4.11 5.11
C GLU A 68 -9.52 2.80 4.50
N ALA A 69 -9.04 2.49 3.33
CA ALA A 69 -9.47 1.23 2.67
C ALA A 69 -8.88 0.02 3.38
N LEU A 70 -7.71 0.15 3.94
CA LEU A 70 -7.09 -1.03 4.63
C LEU A 70 -7.72 -1.22 6.00
N GLY A 71 -7.84 -0.18 6.75
CA GLY A 71 -8.45 -0.30 8.10
C GLY A 71 -9.94 -0.54 7.95
N LYS A 72 -10.53 -0.01 6.92
CA LYS A 72 -11.99 -0.22 6.71
C LYS A 72 -12.24 -1.65 6.21
N ALA A 73 -11.44 -2.05 5.25
CA ALA A 73 -11.57 -3.42 4.69
C ALA A 73 -10.91 -4.40 5.64
N LYS A 74 -9.89 -3.96 6.32
CA LYS A 74 -9.21 -4.85 7.29
C LYS A 74 -10.18 -5.11 8.44
N ASP A 75 -10.97 -4.12 8.73
CA ASP A 75 -11.95 -4.26 9.86
C ASP A 75 -13.15 -5.09 9.40
N ALA A 76 -13.46 -5.01 8.13
CA ALA A 76 -14.63 -5.76 7.60
C ALA A 76 -14.75 -7.13 8.23
N ASN A 77 -13.68 -7.65 8.76
CA ASN A 77 -13.78 -9.00 9.38
C ASN A 77 -13.17 -9.04 10.78
N ASN A 78 -11.89 -9.28 10.85
CA ASN A 78 -11.21 -9.40 12.18
C ASN A 78 -10.50 -8.12 12.62
N GLY A 79 -9.95 -7.39 11.70
CA GLY A 79 -9.20 -6.15 12.08
C GLY A 79 -7.86 -6.19 11.35
N ASN A 80 -7.60 -7.28 10.69
CA ASN A 80 -6.36 -7.45 9.89
C ASN A 80 -6.77 -7.75 8.46
N LEU A 81 -6.37 -6.96 7.50
CA LEU A 81 -6.82 -7.23 6.11
C LEU A 81 -5.89 -8.24 5.45
N GLN A 82 -6.43 -9.18 4.74
CA GLN A 82 -5.55 -10.16 4.04
C GLN A 82 -5.36 -9.70 2.60
N LEU A 83 -4.28 -10.05 1.99
CA LEU A 83 -4.04 -9.63 0.59
C LEU A 83 -4.59 -10.69 -0.34
N ARG A 84 -5.29 -10.27 -1.36
CA ARG A 84 -5.89 -11.23 -2.30
C ARG A 84 -6.98 -12.01 -1.59
N ASN A 85 -7.45 -11.45 -0.52
CA ASN A 85 -8.51 -12.13 0.28
C ASN A 85 -8.08 -13.55 0.60
N LYS A 86 -6.91 -13.72 1.17
CA LYS A 86 -6.39 -15.07 1.55
C LYS A 86 -4.88 -15.11 1.31
N GLU A 87 -4.16 -14.11 1.76
CA GLU A 87 -2.69 -14.12 1.52
C GLU A 87 -1.94 -13.31 2.59
N VAL A 88 -2.00 -12.01 2.55
CA VAL A 88 -1.21 -11.21 3.57
C VAL A 88 -2.09 -10.23 4.36
N THR A 89 -1.82 -10.10 5.63
CA THR A 89 -2.62 -9.14 6.46
C THR A 89 -1.95 -7.77 6.46
N TRP A 90 -2.70 -6.70 6.26
CA TRP A 90 -2.07 -5.36 6.25
C TRP A 90 -2.47 -4.55 7.49
N GLU A 91 -1.57 -3.72 7.96
CA GLU A 91 -1.85 -2.86 9.13
C GLU A 91 -1.10 -1.54 8.95
N VAL A 92 -1.73 -0.42 9.22
CA VAL A 92 -1.03 0.89 9.04
C VAL A 92 0.06 1.06 10.10
N LEU A 93 1.23 1.48 9.68
CA LEU A 93 2.35 1.67 10.65
C LEU A 93 2.15 2.94 11.48
N GLU A 94 3.21 3.44 12.07
CA GLU A 94 3.08 4.67 12.90
C GLU A 94 3.60 5.89 12.12
N GLY A 95 3.53 7.06 12.70
CA GLY A 95 3.99 8.28 11.99
C GLY A 95 5.38 8.05 11.39
N GLU A 96 6.39 7.93 12.21
CA GLU A 96 7.77 7.73 11.68
C GLU A 96 7.88 6.42 10.90
N VAL A 97 7.41 5.34 11.45
CA VAL A 97 7.51 4.03 10.73
C VAL A 97 6.67 4.05 9.44
N GLU A 98 5.49 4.57 9.52
CA GLU A 98 4.62 4.63 8.30
C GLU A 98 5.16 5.67 7.32
N LYS A 99 5.65 6.76 7.82
CA LYS A 99 6.19 7.81 6.90
C LYS A 99 7.40 7.26 6.16
N GLU A 100 8.30 6.64 6.85
CA GLU A 100 9.51 6.07 6.20
C GLU A 100 9.09 5.24 4.99
N ALA A 101 8.03 4.48 5.12
CA ALA A 101 7.56 3.65 3.98
C ALA A 101 6.90 4.53 2.92
N LEU A 102 6.21 5.55 3.33
CA LEU A 102 5.54 6.45 2.35
C LEU A 102 6.57 7.05 1.38
N LYS A 103 7.71 7.45 1.87
CA LYS A 103 8.74 8.02 0.97
C LYS A 103 9.35 6.92 0.11
N LYS A 104 9.61 5.80 0.69
CA LYS A 104 10.21 4.67 -0.08
C LYS A 104 9.32 4.29 -1.26
N ILE A 105 8.02 4.32 -1.08
CA ILE A 105 7.10 3.93 -2.19
C ILE A 105 7.11 4.99 -3.30
N ILE A 106 7.32 6.23 -2.98
CA ILE A 106 7.31 7.27 -4.06
C ILE A 106 8.56 7.14 -4.93
N GLU A 107 9.71 7.02 -4.33
CA GLU A 107 10.96 6.87 -5.12
C GLU A 107 10.90 5.60 -5.98
N ASP A 108 10.21 4.61 -5.51
CA ASP A 108 10.11 3.34 -6.29
C ASP A 108 9.24 3.54 -7.53
N GLN A 109 8.20 4.30 -7.41
CA GLN A 109 7.31 4.56 -8.58
C GLN A 109 8.06 5.33 -9.67
N GLN A 110 8.69 6.41 -9.30
CA GLN A 110 9.44 7.22 -10.30
C GLN A 110 10.71 6.48 -10.73
N GLU A 111 11.23 5.64 -9.88
CA GLU A 111 12.47 4.90 -10.24
C GLU A 111 12.12 3.70 -11.13
N SER A 112 11.01 3.07 -10.89
CA SER A 112 10.62 1.90 -11.73
C SER A 112 10.54 2.30 -13.20
N LEU A 113 10.27 3.55 -13.47
CA LEU A 113 10.19 3.99 -14.89
C LEU A 113 11.59 4.01 -15.52
N ASN A 114 12.61 4.13 -14.72
CA ASN A 114 13.99 4.15 -15.27
C ASN A 114 14.63 2.77 -15.15
N LYS A 115 15.93 2.70 -15.20
CA LYS A 115 16.62 1.37 -15.08
C LYS A 115 16.98 1.10 -13.63
N TRP A 116 17.64 0.00 -13.37
CA TRP A 116 18.02 -0.33 -11.97
C TRP A 116 19.29 0.42 -11.57
N LYS A 117 19.25 1.73 -11.64
CA LYS A 117 20.46 2.53 -11.26
C LYS A 117 20.16 3.40 -10.04
N SER A 118 21.16 3.81 -9.33
CA SER A 118 20.93 4.65 -8.12
C SER A 118 22.23 5.34 -7.70
N LYS A 119 22.99 5.85 -8.64
CA LYS A 119 24.26 6.53 -8.29
C LYS A 119 25.21 5.55 -7.59
N GLY A 120 26.39 5.99 -7.25
CA GLY A 120 27.35 5.08 -6.55
C GLY A 120 28.51 4.77 -7.50
N ARG A 121 28.48 3.62 -8.13
CA ARG A 121 29.59 3.26 -9.06
C ARG A 121 29.20 2.03 -9.88
#